data_7DN9
#
_entry.id   7DN9
#
_cell.length_a   104.711
_cell.length_b   105.576
_cell.length_c   105.839
_cell.angle_alpha   90.00
_cell.angle_beta   104.80
_cell.angle_gamma   90.00
#
_symmetry.space_group_name_H-M   'P 1 21 1'
#
loop_
_entity.id
_entity.type
_entity.pdbx_description
1 polymer 'Putative cytoplasmic protein'
2 polymer 'ADP-ribosylation factor 1'
3 non-polymer NICOTINAMIDE-ADENINE-DINUCLEOTIDE
4 non-polymer 'MAGNESIUM ION'
5 non-polymer "GUANOSINE-5'-DIPHOSPHATE"
#
loop_
_entity_poly.entity_id
_entity_poly.type
_entity_poly.pdbx_seq_one_letter_code
_entity_poly.pdbx_strand_id
1 'polypeptide(L)'
;LSFDEVFCGLSNEERKKVYGRLFGKQVLAHIHSRCQRDADIIREKALRRISRECGAEIDCALLLNKMVDILQNARLTINF
NAAKIDFVSLLKNKEYLNSYALGCRPGDLPAYNVGRDSVETKAFELEKLADSPYAPYGQTGGFSVAYTPNSRTFSTTSRP
IYAALDFLNGENGGASAYGKSFFELNDNVKTNCTFSPFDIYGHRFGLDTSKLSTFWHMENLIASCQNDFFGYNCFKSLVK
MAKDEKFLAHSNYGKGYEGNYIDAHIHGDVCLFRDIKHVYLSLQENSYSKSQLYDYAKQINQALNRDCIILY
;
A,C,E,G
2 'polypeptide(L)'
;EMRILMVGLDAAGKTTILYKLKLGEIVTTIPTIGFNVETVEYKNISFTVWDVGGLDKIRPLWRHYFQNTQGLIFVVDSND
RERVNEAREELMRMLAEDELRDAVLLVFANKQDLPNAMNAAEITDKLGLHSLRHRNWYIQATCATSGDGLYEGLDWLSNQ
LRNQK
;
B,D,F,H
#
loop_
_chem_comp.id
_chem_comp.type
_chem_comp.name
_chem_comp.formula
GDP RNA linking GUANOSINE-5'-DIPHOSPHATE 'C10 H15 N5 O11 P2'
MG non-polymer 'MAGNESIUM ION' 'Mg 2'
NAD non-polymer NICOTINAMIDE-ADENINE-DINUCLEOTIDE 'C21 H27 N7 O14 P2'
#
# COMPACT_ATOMS: atom_id res chain seq x y z
N PHE A 3 36.55 -7.43 38.24
CA PHE A 3 35.60 -6.57 37.56
C PHE A 3 34.49 -7.41 36.94
N ASP A 4 34.89 -8.51 36.30
CA ASP A 4 33.94 -9.37 35.59
C ASP A 4 32.92 -9.97 36.56
N GLU A 5 33.34 -10.25 37.80
CA GLU A 5 32.42 -10.76 38.81
C GLU A 5 31.28 -9.78 39.06
N VAL A 6 31.61 -8.49 39.19
CA VAL A 6 30.61 -7.49 39.52
C VAL A 6 29.69 -7.14 38.34
N PHE A 7 30.20 -7.22 37.11
CA PHE A 7 29.45 -6.77 35.94
C PHE A 7 28.16 -7.56 35.76
N CYS A 8 27.03 -6.85 35.75
CA CYS A 8 25.73 -7.50 35.69
C CYS A 8 25.50 -8.18 34.34
N GLY A 9 25.75 -7.47 33.24
CA GLY A 9 25.48 -7.97 31.92
C GLY A 9 24.45 -7.14 31.18
N LEU A 10 24.29 -7.45 29.89
CA LEU A 10 23.36 -6.71 29.05
C LEU A 10 22.53 -7.65 28.19
N SER A 11 21.22 -7.39 28.14
CA SER A 11 20.34 -8.11 27.23
C SER A 11 20.66 -7.74 25.78
N ASN A 12 20.43 -8.70 24.87
CA ASN A 12 20.80 -8.50 23.48
C ASN A 12 20.13 -7.26 22.88
N GLU A 13 18.88 -6.99 23.24
CA GLU A 13 18.22 -5.80 22.72
C GLU A 13 18.91 -4.53 23.19
N GLU A 14 19.54 -4.56 24.36
CA GLU A 14 20.31 -3.41 24.82
C GLU A 14 21.67 -3.33 24.14
N ARG A 15 22.35 -4.48 24.01
CA ARG A 15 23.58 -4.51 23.22
C ARG A 15 23.33 -4.09 21.78
N LYS A 16 22.18 -4.48 21.23
CA LYS A 16 21.85 -4.10 19.86
C LYS A 16 21.73 -2.59 19.71
N LYS A 17 21.11 -1.93 20.69
CA LYS A 17 20.96 -0.48 20.64
C LYS A 17 22.31 0.21 20.78
N VAL A 18 23.17 -0.27 21.66
CA VAL A 18 24.47 0.36 21.86
C VAL A 18 25.34 0.19 20.62
N TYR A 19 25.36 -1.01 20.06
CA TYR A 19 26.12 -1.24 18.83
C TYR A 19 25.62 -0.36 17.70
N GLY A 20 24.31 -0.10 17.65
CA GLY A 20 23.79 0.83 16.66
C GLY A 20 24.29 2.24 16.90
N ARG A 21 24.23 2.71 18.15
CA ARG A 21 24.72 4.04 18.46
C ARG A 21 26.23 4.17 18.18
N LEU A 22 26.98 3.09 18.38
CA LEU A 22 28.40 3.13 18.05
C LEU A 22 28.62 3.18 16.54
N PHE A 23 27.74 2.55 15.76
CA PHE A 23 27.82 2.69 14.30
C PHE A 23 27.51 4.12 13.87
N GLY A 24 26.51 4.74 14.48
CA GLY A 24 26.17 6.11 14.11
C GLY A 24 27.28 7.10 14.41
N LYS A 25 27.99 6.91 15.52
CA LYS A 25 29.12 7.77 15.83
C LYS A 25 30.24 7.61 14.82
N GLN A 26 30.39 6.41 14.26
CA GLN A 26 31.35 6.22 13.18
C GLN A 26 30.92 6.91 11.90
N VAL A 27 29.60 6.94 11.64
CA VAL A 27 29.08 7.68 10.48
C VAL A 27 29.40 9.16 10.62
N LEU A 28 29.17 9.72 11.81
CA LEU A 28 29.52 11.11 12.05
C LEU A 28 31.02 11.33 11.92
N ALA A 29 31.83 10.43 12.49
CA ALA A 29 33.28 10.55 12.38
C ALA A 29 33.74 10.44 10.95
N HIS A 30 33.03 9.66 10.13
CA HIS A 30 33.37 9.57 8.71
C HIS A 30 33.08 10.88 7.99
N ILE A 31 31.95 11.51 8.28
CA ILE A 31 31.62 12.78 7.65
C ILE A 31 32.54 13.89 8.17
N HIS A 32 32.90 13.84 9.45
CA HIS A 32 33.79 14.85 10.01
C HIS A 32 35.19 14.75 9.40
N SER A 33 35.66 13.53 9.14
CA SER A 33 36.97 13.37 8.51
C SER A 33 36.93 13.88 7.06
N ARG A 34 35.82 13.66 6.36
CA ARG A 34 35.65 14.20 5.01
C ARG A 34 35.77 15.72 5.03
N CYS A 35 35.14 16.36 6.02
CA CYS A 35 35.18 17.82 6.10
C CYS A 35 36.57 18.32 6.50
N GLN A 36 37.27 17.57 7.36
CA GLN A 36 38.64 17.96 7.70
C GLN A 36 39.57 17.82 6.51
N ARG A 37 39.31 16.87 5.62
CA ARG A 37 40.15 16.70 4.44
C ARG A 37 39.95 17.86 3.47
N ASP A 38 38.72 18.29 3.26
CA ASP A 38 38.38 19.35 2.32
C ASP A 38 38.25 20.71 3.01
N ALA A 39 38.88 20.89 4.17
CA ALA A 39 38.69 22.11 4.94
C ALA A 39 39.16 23.35 4.17
N ASP A 40 40.28 23.23 3.45
CA ASP A 40 40.82 24.37 2.72
C ASP A 40 39.92 24.77 1.56
N ILE A 41 39.57 23.81 0.71
CA ILE A 41 38.75 24.11 -0.46
C ILE A 41 37.35 24.57 -0.04
N ILE A 42 36.85 24.06 1.09
CA ILE A 42 35.53 24.49 1.57
C ILE A 42 35.56 25.94 1.99
N ARG A 43 36.57 26.34 2.78
CA ARG A 43 36.67 27.73 3.22
C ARG A 43 36.89 28.67 2.04
N GLU A 44 37.74 28.26 1.09
CA GLU A 44 37.98 29.11 -0.08
C GLU A 44 36.71 29.24 -0.92
N LYS A 45 35.92 28.18 -1.00
CA LYS A 45 34.65 28.25 -1.72
C LYS A 45 33.64 29.13 -0.98
N ALA A 46 33.64 29.06 0.35
CA ALA A 46 32.72 29.87 1.14
C ALA A 46 33.07 31.35 1.06
N LEU A 47 34.36 31.67 1.19
CA LEU A 47 34.80 33.05 1.03
C LEU A 47 34.53 33.56 -0.38
N ARG A 48 34.59 32.66 -1.37
CA ARG A 48 34.27 33.05 -2.75
C ARG A 48 32.82 33.48 -2.87
N ARG A 49 31.91 32.79 -2.19
CA ARG A 49 30.49 33.16 -2.24
C ARG A 49 30.25 34.48 -1.51
N ILE A 50 30.96 34.72 -0.41
CA ILE A 50 30.73 35.92 0.37
C ILE A 50 31.16 37.16 -0.41
N SER A 51 32.35 37.11 -1.02
CA SER A 51 32.79 38.23 -1.86
C SER A 51 31.92 38.38 -3.10
N ARG A 52 31.31 37.28 -3.56
CA ARG A 52 30.41 37.35 -4.72
C ARG A 52 29.15 38.13 -4.37
N GLU A 53 28.61 37.93 -3.16
CA GLU A 53 27.46 38.70 -2.71
C GLU A 53 27.89 40.10 -2.28
N CYS A 54 28.73 40.19 -1.25
CA CYS A 54 29.21 41.47 -0.74
C CYS A 54 30.45 41.92 -1.51
N ILE A 58 34.66 44.21 2.14
CA ILE A 58 34.73 44.03 3.59
C ILE A 58 35.51 42.75 3.90
N ASP A 59 36.04 42.66 5.13
CA ASP A 59 36.77 41.47 5.55
C ASP A 59 35.86 40.25 5.54
N CYS A 60 35.95 39.45 4.47
CA CYS A 60 35.11 38.27 4.35
C CYS A 60 35.36 37.28 5.47
N ALA A 61 36.57 37.27 6.05
CA ALA A 61 36.87 36.40 7.17
C ALA A 61 35.98 36.72 8.37
N LEU A 62 35.72 38.00 8.61
CA LEU A 62 34.88 38.38 9.73
C LEU A 62 33.41 38.03 9.47
N LEU A 63 32.94 38.27 8.25
CA LEU A 63 31.55 37.97 7.93
C LEU A 63 31.29 36.47 7.93
N LEU A 64 32.26 35.69 7.45
CA LEU A 64 32.12 34.23 7.47
C LEU A 64 32.06 33.70 8.89
N ASN A 65 32.89 34.25 9.79
CA ASN A 65 32.86 33.83 11.19
C ASN A 65 31.52 34.17 11.84
N LYS A 66 30.94 35.32 11.49
CA LYS A 66 29.64 35.69 12.03
C LYS A 66 28.55 34.72 11.56
N MET A 67 28.60 34.31 10.30
CA MET A 67 27.60 33.37 9.78
C MET A 67 27.79 31.98 10.39
N VAL A 68 29.04 31.58 10.63
CA VAL A 68 29.30 30.29 11.27
C VAL A 68 28.81 30.29 12.71
N ASP A 69 29.06 31.39 13.43
CA ASP A 69 28.61 31.48 14.82
C ASP A 69 27.09 31.52 14.92
N ILE A 70 26.41 32.05 13.89
CA ILE A 70 24.94 32.07 13.90
C ILE A 70 24.39 30.67 13.68
N LEU A 71 24.94 29.95 12.69
CA LEU A 71 24.47 28.58 12.43
C LEU A 71 24.80 27.65 13.59
N GLN A 72 25.93 27.85 14.26
CA GLN A 72 26.27 26.99 15.39
C GLN A 72 25.37 27.26 16.60
N ASN A 73 25.06 28.53 16.84
CA ASN A 73 24.20 28.92 17.94
C ASN A 73 22.72 28.86 17.61
N ALA A 74 22.36 28.33 16.45
CA ALA A 74 20.96 28.14 16.08
C ALA A 74 20.33 27.06 16.95
N ARG A 75 19.01 27.07 16.99
CA ARG A 75 18.27 26.05 17.74
C ARG A 75 17.91 24.89 16.83
N LEU A 76 17.81 23.69 17.42
CA LEU A 76 17.53 22.46 16.70
C LEU A 76 16.09 22.06 16.97
N THR A 77 15.30 21.91 15.91
CA THR A 77 13.87 21.68 16.05
C THR A 77 13.43 20.43 15.30
N ILE A 78 12.48 19.71 15.88
CA ILE A 78 11.82 18.57 15.24
C ILE A 78 10.33 18.87 15.23
N ASN A 79 9.79 19.20 14.06
CA ASN A 79 8.39 19.59 13.95
C ASN A 79 7.50 18.36 13.87
N PHE A 80 6.27 18.50 14.37
CA PHE A 80 5.27 17.45 14.31
C PHE A 80 3.90 18.08 14.30
N ASN A 81 2.90 17.28 13.91
CA ASN A 81 1.52 17.73 13.79
C ASN A 81 0.73 17.18 14.98
N ALA A 82 0.42 18.06 15.94
CA ALA A 82 -0.27 17.64 17.15
C ALA A 82 -1.72 17.24 16.90
N ALA A 83 -2.27 17.53 15.72
CA ALA A 83 -3.63 17.14 15.40
C ALA A 83 -3.71 15.79 14.69
N LYS A 84 -2.59 15.26 14.19
CA LYS A 84 -2.58 13.99 13.50
C LYS A 84 -1.88 12.87 14.25
N ILE A 85 -1.01 13.19 15.21
CA ILE A 85 -0.39 12.20 16.08
C ILE A 85 -0.69 12.56 17.52
N ASP A 86 -0.74 11.55 18.36
CA ASP A 86 -0.97 11.76 19.80
C ASP A 86 0.36 12.09 20.45
N PHE A 87 0.60 13.38 20.71
CA PHE A 87 1.83 13.78 21.37
C PHE A 87 1.92 13.21 22.78
N VAL A 88 0.76 12.97 23.42
CA VAL A 88 0.77 12.38 24.75
C VAL A 88 1.36 10.98 24.73
N SER A 89 0.97 10.17 23.75
CA SER A 89 1.59 8.86 23.58
C SER A 89 3.06 8.98 23.22
N LEU A 90 3.43 10.02 22.46
CA LEU A 90 4.83 10.21 22.09
C LEU A 90 5.68 10.59 23.30
N LEU A 91 5.19 11.51 24.13
CA LEU A 91 5.96 11.95 25.28
C LEU A 91 6.11 10.84 26.32
N LYS A 92 5.10 9.99 26.48
CA LYS A 92 5.18 8.92 27.46
C LYS A 92 6.15 7.82 27.06
N ASN A 93 6.56 7.77 25.79
CA ASN A 93 7.52 6.76 25.36
C ASN A 93 8.92 7.01 25.90
N LYS A 94 9.19 8.20 26.43
CA LYS A 94 10.48 8.58 27.01
C LYS A 94 11.61 8.54 26.00
N GLU A 95 11.31 8.49 24.70
CA GLU A 95 12.33 8.41 23.68
C GLU A 95 11.73 8.73 22.33
N TYR A 96 12.48 9.44 21.49
CA TYR A 96 12.09 9.70 20.12
C TYR A 96 12.77 8.70 19.20
N LEU A 97 12.02 8.15 18.24
CA LEU A 97 12.52 7.13 17.35
C LEU A 97 12.26 7.53 15.90
N ASN A 98 13.14 7.06 15.01
CA ASN A 98 13.01 7.34 13.59
C ASN A 98 12.00 6.37 12.97
N SER A 99 11.93 6.37 11.63
CA SER A 99 10.93 5.58 10.94
C SER A 99 11.23 4.08 10.97
N TYR A 100 12.46 3.68 11.28
CA TYR A 100 12.78 2.26 11.32
C TYR A 100 12.20 1.56 12.55
N ALA A 101 11.63 2.30 13.50
CA ALA A 101 11.03 1.70 14.67
C ALA A 101 9.51 1.76 14.61
N PRO A 110 5.32 0.76 6.22
CA PRO A 110 6.42 1.70 6.04
C PRO A 110 7.29 1.36 4.83
N ALA A 111 6.69 1.33 3.64
CA ALA A 111 7.44 1.01 2.43
C ALA A 111 8.47 2.07 2.08
N TYR A 112 8.35 3.27 2.65
CA TYR A 112 9.33 4.32 2.40
C TYR A 112 10.69 4.00 3.04
N ASN A 113 10.72 3.16 4.07
CA ASN A 113 11.97 2.86 4.75
C ASN A 113 13.01 2.26 3.80
N VAL A 114 12.57 1.42 2.86
CA VAL A 114 13.51 0.80 1.93
C VAL A 114 14.25 1.87 1.14
N GLY A 115 13.50 2.77 0.50
CA GLY A 115 14.14 3.88 -0.20
C GLY A 115 14.95 4.76 0.73
N ARG A 116 14.44 4.98 1.94
CA ARG A 116 15.19 5.77 2.92
C ARG A 116 16.50 5.10 3.29
N ASP A 117 16.50 3.77 3.40
CA ASP A 117 17.74 3.05 3.61
C ASP A 117 18.70 3.25 2.44
N SER A 118 18.20 3.16 1.21
CA SER A 118 19.03 3.37 0.03
C SER A 118 19.60 4.79 0.00
N VAL A 119 18.78 5.78 0.34
CA VAL A 119 19.26 7.16 0.38
C VAL A 119 20.33 7.31 1.46
N GLU A 120 20.07 6.79 2.66
CA GLU A 120 21.04 6.89 3.74
C GLU A 120 22.32 6.13 3.43
N THR A 121 22.22 5.03 2.68
CA THR A 121 23.40 4.26 2.33
C THR A 121 24.27 5.00 1.30
N LYS A 122 23.63 5.72 0.37
CA LYS A 122 24.36 6.45 -0.65
C LYS A 122 24.78 7.84 -0.19
N ALA A 123 24.02 8.45 0.72
CA ALA A 123 24.35 9.80 1.16
C ALA A 123 25.44 9.81 2.22
N PHE A 124 25.35 8.91 3.20
CA PHE A 124 26.32 8.86 4.29
C PHE A 124 27.49 7.92 3.99
N GLU A 125 27.56 7.35 2.79
CA GLU A 125 28.63 6.43 2.40
C GLU A 125 28.73 5.27 3.38
N LEU A 126 27.59 4.67 3.70
CA LEU A 126 27.56 3.58 4.68
C LEU A 126 28.31 2.35 4.20
N GLU A 127 28.50 2.19 2.88
CA GLU A 127 29.29 1.06 2.39
C GLU A 127 30.75 1.16 2.77
N LYS A 128 31.24 2.38 3.08
CA LYS A 128 32.61 2.54 3.54
C LYS A 128 32.83 1.99 4.95
N LEU A 129 31.76 1.65 5.67
CA LEU A 129 31.86 1.10 7.01
C LEU A 129 31.52 -0.39 7.04
N ALA A 130 31.55 -1.06 5.89
CA ALA A 130 31.18 -2.47 5.84
C ALA A 130 32.15 -3.34 6.63
N ASP A 131 33.41 -2.90 6.74
CA ASP A 131 34.43 -3.65 7.47
C ASP A 131 34.47 -3.29 8.96
N SER A 132 33.54 -2.47 9.43
CA SER A 132 33.50 -2.10 10.84
C SER A 132 32.93 -3.23 11.68
N PRO A 133 33.41 -3.40 12.92
CA PRO A 133 32.85 -4.44 13.79
C PRO A 133 31.40 -4.20 14.19
N TYR A 134 30.87 -3.00 13.95
CA TYR A 134 29.48 -2.69 14.25
C TYR A 134 28.64 -2.58 12.99
N ALA A 135 29.19 -2.97 11.83
CA ALA A 135 28.41 -2.95 10.60
C ALA A 135 27.18 -3.86 10.64
N PRO A 136 27.21 -5.06 11.21
CA PRO A 136 25.99 -5.88 11.25
C PRO A 136 24.82 -5.22 11.96
N TYR A 137 25.05 -4.14 12.70
CA TYR A 137 23.99 -3.45 13.44
C TYR A 137 23.57 -2.15 12.78
N GLY A 138 24.20 -1.79 11.65
CA GLY A 138 23.83 -0.58 10.92
C GLY A 138 23.45 -0.88 9.48
N GLN A 139 23.29 -2.15 9.16
CA GLN A 139 22.94 -2.60 7.82
C GLN A 139 21.63 -3.36 7.89
N THR A 140 20.66 -2.96 7.06
CA THR A 140 19.36 -3.65 7.06
C THR A 140 19.45 -5.02 6.42
N GLY A 141 20.42 -5.22 5.52
CA GLY A 141 20.51 -6.48 4.81
C GLY A 141 19.35 -6.75 3.90
N GLY A 142 18.79 -5.72 3.28
CA GLY A 142 17.59 -5.84 2.47
C GLY A 142 16.34 -5.74 3.31
N PHE A 143 15.21 -5.62 2.61
CA PHE A 143 13.91 -5.48 3.25
C PHE A 143 13.00 -6.64 2.84
N SER A 144 12.21 -7.12 3.79
CA SER A 144 11.31 -8.24 3.57
C SER A 144 10.06 -7.76 2.84
N VAL A 145 9.08 -8.65 2.70
CA VAL A 145 7.86 -8.31 1.98
C VAL A 145 7.05 -7.26 2.73
N ALA A 146 7.20 -7.21 4.06
CA ALA A 146 6.50 -6.23 4.87
C ALA A 146 7.30 -4.95 5.05
N TYR A 147 8.29 -4.70 4.20
CA TYR A 147 9.16 -3.52 4.28
C TYR A 147 9.85 -3.45 5.64
N THR A 148 10.27 -4.61 6.13
CA THR A 148 11.02 -4.77 7.37
C THR A 148 12.41 -5.32 7.07
N PRO A 149 13.43 -4.89 7.80
CA PRO A 149 14.80 -5.33 7.50
C PRO A 149 14.95 -6.83 7.69
N ASN A 150 15.70 -7.47 6.78
CA ASN A 150 15.95 -8.89 6.89
C ASN A 150 16.94 -9.21 8.00
N SER A 151 17.86 -8.30 8.27
CA SER A 151 18.88 -8.53 9.29
C SER A 151 18.25 -8.50 10.68
N ARG A 152 18.37 -9.61 11.41
CA ARG A 152 17.83 -9.69 12.76
C ARG A 152 18.62 -8.84 13.75
N THR A 153 19.79 -8.35 13.36
CA THR A 153 20.62 -7.53 14.25
C THR A 153 20.61 -6.05 13.89
N PHE A 154 19.92 -5.66 12.82
CA PHE A 154 19.84 -4.25 12.46
C PHE A 154 19.17 -3.46 13.58
N SER A 155 19.84 -2.40 14.04
CA SER A 155 19.37 -1.61 15.17
C SER A 155 18.83 -0.28 14.70
N THR A 156 17.73 0.16 15.34
CA THR A 156 17.16 1.47 15.05
C THR A 156 18.15 2.59 15.37
N THR A 157 18.91 2.42 16.46
CA THR A 157 19.83 3.46 16.93
C THR A 157 20.97 3.73 15.93
N SER A 158 21.17 2.87 14.94
CA SER A 158 22.24 3.07 13.98
C SER A 158 21.92 4.14 12.94
N ARG A 159 20.66 4.57 12.84
CA ARG A 159 20.28 5.56 11.85
C ARG A 159 19.85 6.86 12.52
N PRO A 160 20.11 8.00 11.90
CA PRO A 160 19.90 9.29 12.58
C PRO A 160 18.43 9.63 12.74
N ILE A 161 18.19 10.60 13.63
CA ILE A 161 16.89 11.22 13.81
C ILE A 161 16.93 12.59 13.13
N TYR A 162 15.97 12.84 12.25
CA TYR A 162 16.00 14.03 11.41
C TYR A 162 15.42 15.24 12.11
N ALA A 163 16.04 16.40 11.87
CA ALA A 163 15.64 17.65 12.47
C ALA A 163 15.94 18.77 11.50
N ALA A 164 15.68 20.01 11.93
CA ALA A 164 15.93 21.19 11.13
C ALA A 164 16.71 22.21 11.95
N LEU A 165 17.63 22.91 11.30
CA LEU A 165 18.44 23.93 11.94
C LEU A 165 17.73 25.27 11.75
N ASP A 166 16.98 25.69 12.77
CA ASP A 166 16.16 26.90 12.71
C ASP A 166 17.01 28.10 13.12
N PHE A 167 17.84 28.57 12.17
CA PHE A 167 18.73 29.69 12.47
C PHE A 167 18.03 31.05 12.36
N LEU A 168 16.78 31.07 11.90
CA LEU A 168 16.01 32.31 11.83
C LEU A 168 14.94 32.40 12.92
N ASN A 169 14.85 31.41 13.81
CA ASN A 169 13.82 31.35 14.84
C ASN A 169 12.43 31.51 14.23
N GLY A 170 12.05 30.50 13.46
CA GLY A 170 10.76 30.52 12.79
C GLY A 170 9.62 30.56 13.79
N GLU A 171 8.50 31.15 13.36
CA GLU A 171 7.33 31.23 14.22
C GLU A 171 6.80 29.83 14.56
N ASN A 172 6.89 28.89 13.62
CA ASN A 172 6.43 27.53 13.82
C ASN A 172 7.58 26.53 13.70
N GLY A 173 8.79 26.95 14.01
CA GLY A 173 9.94 26.06 13.96
C GLY A 173 10.69 26.14 12.65
N GLY A 174 11.66 25.24 12.51
CA GLY A 174 12.50 25.19 11.34
C GLY A 174 11.96 24.42 10.15
N ALA A 175 10.91 23.63 10.34
CA ALA A 175 10.32 22.85 9.28
C ALA A 175 8.82 22.72 9.54
N SER A 176 8.11 23.86 9.51
CA SER A 176 6.69 23.88 9.82
C SER A 176 5.85 23.10 8.82
N ALA A 177 6.44 22.61 7.72
CA ALA A 177 5.71 21.80 6.76
C ALA A 177 5.26 20.47 7.34
N TYR A 178 5.78 20.05 8.49
CA TYR A 178 5.41 18.79 9.11
C TYR A 178 4.55 18.99 10.35
N GLY A 179 4.02 20.18 10.56
CA GLY A 179 3.15 20.47 11.69
C GLY A 179 3.48 21.81 12.32
N LYS A 180 2.53 22.34 13.06
CA LYS A 180 2.70 23.63 13.74
C LYS A 180 3.39 23.50 15.08
N SER A 181 3.50 22.28 15.63
CA SER A 181 4.22 22.03 16.87
C SER A 181 5.61 21.50 16.57
N PHE A 182 6.51 21.63 17.54
CA PHE A 182 7.88 21.19 17.34
C PHE A 182 8.60 21.05 18.68
N PHE A 183 9.45 20.03 18.78
CA PHE A 183 10.41 19.92 19.86
C PHE A 183 11.59 20.84 19.60
N GLU A 184 12.09 21.48 20.66
CA GLU A 184 13.36 22.18 20.61
C GLU A 184 14.37 21.41 21.46
N LEU A 185 15.41 20.91 20.82
CA LEU A 185 16.41 20.10 21.51
C LEU A 185 17.49 20.98 22.12
N ASN A 186 18.19 20.42 23.09
CA ASN A 186 19.30 21.12 23.72
C ASN A 186 20.40 21.36 22.70
N ASP A 187 21.20 22.41 22.96
CA ASP A 187 22.22 22.81 22.01
C ASP A 187 23.31 21.77 21.83
N ASN A 188 23.63 21.01 22.88
CA ASN A 188 24.68 20.00 22.77
C ASN A 188 24.31 18.91 21.77
N VAL A 189 23.02 18.70 21.54
CA VAL A 189 22.59 17.68 20.57
C VAL A 189 23.11 18.01 19.18
N LYS A 190 23.31 19.30 18.88
CA LYS A 190 23.78 19.71 17.56
C LYS A 190 25.20 19.20 17.28
N THR A 191 26.00 18.98 18.33
CA THR A 191 27.36 18.50 18.14
C THR A 191 27.40 17.08 17.61
N ASN A 192 26.31 16.31 17.74
CA ASN A 192 26.22 14.96 17.21
C ASN A 192 25.52 14.91 15.86
N CYS A 193 25.36 16.06 15.19
CA CYS A 193 24.56 16.17 13.98
C CYS A 193 25.43 16.38 12.75
N THR A 194 24.96 15.83 11.63
CA THR A 194 25.41 16.23 10.31
C THR A 194 24.37 17.16 9.71
N PHE A 195 24.81 18.02 8.80
CA PHE A 195 23.96 19.08 8.28
C PHE A 195 24.02 19.09 6.76
N SER A 196 22.87 19.40 6.13
CA SER A 196 22.75 19.46 4.69
C SER A 196 21.95 20.69 4.31
N PRO A 197 22.30 21.35 3.20
CA PRO A 197 21.52 22.51 2.77
C PRO A 197 20.15 22.14 2.23
N PHE A 198 19.99 20.92 1.72
CA PHE A 198 18.72 20.42 1.22
C PHE A 198 18.40 19.09 1.90
N ASP A 199 17.12 18.75 1.92
CA ASP A 199 16.71 17.44 2.42
C ASP A 199 17.39 16.35 1.59
N ILE A 200 18.02 15.39 2.28
CA ILE A 200 18.81 14.38 1.60
C ILE A 200 17.96 13.44 0.76
N TYR A 201 16.64 13.51 0.88
CA TYR A 201 15.74 12.69 0.07
C TYR A 201 15.22 13.43 -1.16
N GLY A 202 15.74 14.63 -1.44
CA GLY A 202 15.30 15.40 -2.57
C GLY A 202 16.27 15.35 -3.74
N HIS A 203 15.83 15.95 -4.85
CA HIS A 203 16.63 15.99 -6.06
C HIS A 203 17.73 17.05 -6.00
N ARG A 204 17.48 18.16 -5.31
CA ARG A 204 18.52 19.19 -5.21
C ARG A 204 19.72 18.70 -4.42
N PHE A 205 19.50 17.83 -3.44
CA PHE A 205 20.64 17.21 -2.75
C PHE A 205 21.36 16.23 -3.66
N GLY A 206 20.61 15.43 -4.41
CA GLY A 206 21.20 14.53 -5.39
C GLY A 206 22.13 13.49 -4.83
N LEU A 207 21.93 13.09 -3.57
CA LEU A 207 22.78 12.10 -2.91
C LEU A 207 24.25 12.54 -2.93
N ASP A 208 24.48 13.83 -2.80
CA ASP A 208 25.82 14.40 -2.87
C ASP A 208 26.42 14.42 -1.47
N THR A 209 27.35 13.49 -1.19
CA THR A 209 27.95 13.41 0.13
C THR A 209 28.78 14.65 0.45
N SER A 210 29.36 15.30 -0.57
CA SER A 210 30.15 16.50 -0.35
C SER A 210 29.33 17.67 0.18
N LYS A 211 28.01 17.58 0.15
CA LYS A 211 27.13 18.62 0.69
C LYS A 211 26.86 18.45 2.18
N LEU A 212 27.41 17.41 2.80
CA LEU A 212 27.19 17.14 4.23
C LEU A 212 28.33 17.72 5.05
N SER A 213 27.96 18.38 6.16
CA SER A 213 28.94 18.95 7.07
C SER A 213 28.55 18.60 8.50
N THR A 214 29.50 18.76 9.41
CA THR A 214 29.29 18.51 10.82
C THR A 214 29.14 19.82 11.56
N PHE A 215 29.02 19.74 12.89
CA PHE A 215 28.85 20.94 13.70
C PHE A 215 30.09 21.82 13.69
N TRP A 216 31.24 21.28 13.33
CA TRP A 216 32.51 22.01 13.36
C TRP A 216 32.95 22.49 11.99
N HIS A 217 32.10 22.36 10.97
CA HIS A 217 32.44 22.75 9.61
C HIS A 217 31.23 23.39 8.94
N MET A 218 30.67 24.41 9.58
CA MET A 218 29.51 25.10 9.01
C MET A 218 29.87 25.85 7.73
N GLU A 219 31.16 26.09 7.48
CA GLU A 219 31.56 26.74 6.23
C GLU A 219 31.12 25.94 5.02
N ASN A 220 31.09 24.61 5.13
CA ASN A 220 30.57 23.78 4.05
C ASN A 220 29.09 24.03 3.83
N LEU A 221 28.33 24.14 4.92
CA LEU A 221 26.91 24.43 4.80
C LEU A 221 26.65 25.80 4.19
N ILE A 222 27.54 26.77 4.44
CA ILE A 222 27.37 28.11 3.88
C ILE A 222 27.67 28.11 2.39
N ALA A 223 28.76 27.45 1.98
CA ALA A 223 29.13 27.42 0.57
C ALA A 223 28.18 26.57 -0.27
N SER A 224 27.41 25.68 0.36
CA SER A 224 26.54 24.77 -0.35
C SER A 224 25.07 25.13 -0.27
N CYS A 225 24.69 26.07 0.60
CA CYS A 225 23.29 26.44 0.76
C CYS A 225 22.77 27.13 -0.51
N GLN A 226 21.45 27.22 -0.60
CA GLN A 226 20.82 27.74 -1.80
C GLN A 226 20.81 29.26 -1.80
N ASN A 227 20.83 29.83 -3.01
CA ASN A 227 20.70 31.27 -3.23
C ASN A 227 19.67 31.50 -4.33
N ASP A 228 18.45 31.01 -4.08
CA ASP A 228 17.42 31.04 -5.10
C ASP A 228 17.02 32.48 -5.45
N PHE A 229 16.65 32.67 -6.71
CA PHE A 229 16.23 33.98 -7.20
C PHE A 229 14.75 34.24 -7.01
N PHE A 230 14.04 33.35 -6.33
CA PHE A 230 12.63 33.57 -6.01
C PHE A 230 12.27 32.72 -4.80
N GLY A 231 11.25 33.17 -4.07
CA GLY A 231 10.86 32.48 -2.86
C GLY A 231 11.80 32.80 -1.70
N TYR A 232 11.90 31.84 -0.79
CA TYR A 232 12.80 31.99 0.34
C TYR A 232 14.25 31.80 -0.11
N ASN A 233 15.10 32.74 0.26
CA ASN A 233 16.52 32.71 -0.07
C ASN A 233 17.31 32.46 1.20
N CYS A 234 18.03 31.34 1.23
CA CYS A 234 18.80 30.96 2.43
C CYS A 234 20.09 31.76 2.56
N PHE A 235 20.84 31.90 1.46
CA PHE A 235 22.12 32.60 1.52
C PHE A 235 21.94 34.05 1.94
N LYS A 236 21.01 34.76 1.29
CA LYS A 236 20.82 36.17 1.60
C LYS A 236 20.26 36.37 3.00
N SER A 237 19.45 35.42 3.50
CA SER A 237 18.92 35.54 4.85
C SER A 237 20.03 35.40 5.88
N LEU A 238 20.90 34.40 5.71
CA LEU A 238 22.02 34.22 6.63
C LEU A 238 23.02 35.37 6.54
N VAL A 239 23.18 35.95 5.34
CA VAL A 239 24.09 37.08 5.19
C VAL A 239 23.54 38.32 5.91
N LYS A 240 22.24 38.60 5.74
CA LYS A 240 21.66 39.78 6.37
C LYS A 240 21.61 39.63 7.89
N MET A 241 21.37 38.41 8.39
CA MET A 241 21.39 38.19 9.83
C MET A 241 22.78 38.39 10.41
N ALA A 242 23.82 38.05 9.65
CA ALA A 242 25.18 38.28 10.11
C ALA A 242 25.52 39.76 10.15
N LYS A 243 24.94 40.55 9.25
CA LYS A 243 25.16 42.00 9.23
C LYS A 243 24.26 42.74 10.21
N ASP A 244 23.73 42.04 11.22
CA ASP A 244 22.93 42.65 12.29
C ASP A 244 21.72 43.41 11.72
N GLU A 245 21.13 42.86 10.68
CA GLU A 245 19.90 43.40 10.10
C GLU A 245 18.74 42.52 10.52
N LYS A 246 17.75 43.10 11.20
CA LYS A 246 16.54 42.37 11.56
C LYS A 246 15.51 42.46 10.45
N PHE A 247 14.81 41.34 10.24
CA PHE A 247 13.83 41.20 9.17
C PHE A 247 12.92 40.03 9.51
N LEU A 248 11.73 40.05 8.92
CA LEU A 248 10.83 38.92 9.04
C LEU A 248 11.23 37.83 8.07
N ALA A 249 11.32 36.59 8.55
CA ALA A 249 11.64 35.48 7.67
C ALA A 249 10.56 35.30 6.62
N HIS A 250 10.95 34.73 5.48
CA HIS A 250 10.01 34.50 4.39
C HIS A 250 8.88 33.59 4.83
N SER A 251 7.70 33.81 4.26
CA SER A 251 6.52 33.05 4.64
C SER A 251 6.64 31.56 4.33
N ASN A 252 7.57 31.18 3.46
CA ASN A 252 7.82 29.77 3.15
C ASN A 252 9.06 29.23 3.86
N TYR A 253 9.50 29.90 4.92
CA TYR A 253 10.66 29.43 5.67
C TYR A 253 10.31 28.13 6.40
N GLY A 254 10.98 27.04 6.03
CA GLY A 254 10.71 25.74 6.60
C GLY A 254 9.68 24.91 5.87
N LYS A 255 8.91 25.53 4.98
CA LYS A 255 7.91 24.82 4.18
C LYS A 255 8.51 24.50 2.81
N GLY A 256 8.64 23.22 2.52
CA GLY A 256 9.30 22.80 1.27
C GLY A 256 10.56 22.03 1.63
N TYR A 257 10.66 20.82 1.10
CA TYR A 257 11.72 19.91 1.52
C TYR A 257 13.06 20.23 0.84
N GLU A 258 13.03 20.67 -0.42
CA GLU A 258 14.27 20.90 -1.17
C GLU A 258 14.61 22.39 -1.16
N GLY A 259 15.40 22.80 -0.16
CA GLY A 259 15.99 24.12 -0.13
C GLY A 259 15.39 25.11 0.82
N ASN A 260 14.26 24.79 1.46
CA ASN A 260 13.58 25.74 2.33
C ASN A 260 13.90 25.54 3.81
N TYR A 261 14.82 24.64 4.13
CA TYR A 261 15.31 24.48 5.49
C TYR A 261 16.60 23.67 5.46
N ILE A 262 17.43 23.89 6.47
CA ILE A 262 18.69 23.16 6.62
C ILE A 262 18.40 21.85 7.35
N ASP A 263 18.59 20.74 6.65
CA ASP A 263 18.27 19.43 7.22
C ASP A 263 19.39 18.97 8.14
N ALA A 264 19.02 18.51 9.33
CA ALA A 264 19.96 18.02 10.32
C ALA A 264 19.69 16.55 10.62
N HIS A 265 20.76 15.80 10.89
CA HIS A 265 20.67 14.36 11.14
C HIS A 265 21.33 14.07 12.47
N ILE A 266 20.52 13.83 13.50
CA ILE A 266 21.02 13.60 14.86
C ILE A 266 21.51 12.16 14.94
N HIS A 267 22.83 12.00 15.01
CA HIS A 267 23.44 10.67 15.13
C HIS A 267 23.53 10.35 16.61
N GLY A 268 22.48 9.72 17.12
CA GLY A 268 22.34 9.43 18.54
C GLY A 268 20.88 9.53 18.94
N ASP A 269 20.56 8.90 20.06
CA ASP A 269 19.18 8.85 20.52
C ASP A 269 18.75 10.19 21.12
N VAL A 270 17.45 10.44 21.07
CA VAL A 270 16.84 11.65 21.62
C VAL A 270 15.83 11.21 22.67
N CYS A 271 16.16 11.44 23.93
CA CYS A 271 15.32 11.01 25.04
C CYS A 271 14.45 12.17 25.54
N LEU A 272 13.23 11.85 25.95
CA LEU A 272 12.30 12.82 26.52
C LEU A 272 12.22 12.61 28.02
N PHE A 273 12.44 13.67 28.79
CA PHE A 273 12.68 15.01 28.25
C PHE A 273 14.14 15.42 28.46
N ARG A 274 15.04 14.44 28.48
CA ARG A 274 16.44 14.72 28.82
C ARG A 274 17.08 15.64 27.79
N ASP A 275 16.91 15.33 26.50
CA ASP A 275 17.51 16.09 25.42
C ASP A 275 16.57 17.13 24.83
N ILE A 276 15.57 17.57 25.60
CA ILE A 276 14.54 18.48 25.13
C ILE A 276 14.60 19.74 25.98
N LYS A 277 14.80 20.89 25.33
CA LYS A 277 14.76 22.17 26.02
C LYS A 277 13.34 22.71 26.11
N HIS A 278 12.60 22.71 25.00
CA HIS A 278 11.22 23.17 24.98
C HIS A 278 10.40 22.25 24.07
N VAL A 279 9.10 22.23 24.33
CA VAL A 279 8.11 21.60 23.47
C VAL A 279 7.04 22.64 23.20
N TYR A 280 7.00 23.18 22.00
CA TYR A 280 6.02 24.20 21.62
C TYR A 280 4.80 23.49 21.05
N LEU A 281 3.76 23.37 21.87
CA LEU A 281 2.52 22.74 21.46
C LEU A 281 1.58 23.79 20.88
N SER A 282 1.15 23.58 19.64
CA SER A 282 0.25 24.53 18.99
C SER A 282 -1.15 24.41 19.58
N LEU A 283 -1.76 25.56 19.87
CA LEU A 283 -3.13 25.56 20.38
C LEU A 283 -4.15 25.41 19.26
N GLN A 284 -3.89 26.05 18.12
CA GLN A 284 -4.83 26.01 17.00
C GLN A 284 -4.71 24.74 16.17
N GLU A 285 -3.68 23.93 16.38
CA GLU A 285 -3.50 22.65 15.67
C GLU A 285 -3.19 21.61 16.73
N ASN A 286 -4.24 21.02 17.31
CA ASN A 286 -4.06 20.04 18.37
C ASN A 286 -5.34 19.24 18.52
N SER A 287 -5.19 17.99 18.91
CA SER A 287 -6.31 17.10 19.16
C SER A 287 -6.87 17.23 20.56
N TYR A 288 -6.33 18.14 21.37
CA TYR A 288 -6.78 18.37 22.73
C TYR A 288 -7.29 19.81 22.87
N SER A 289 -8.12 20.03 23.88
CA SER A 289 -8.71 21.33 24.11
C SER A 289 -7.74 22.26 24.83
N LYS A 290 -8.14 23.51 24.98
CA LYS A 290 -7.31 24.50 25.67
C LYS A 290 -7.07 24.08 27.12
N SER A 291 -8.14 23.72 27.83
CA SER A 291 -8.00 23.33 29.23
C SER A 291 -7.12 22.09 29.38
N GLN A 292 -7.28 21.14 28.45
CA GLN A 292 -6.46 19.93 28.51
C GLN A 292 -4.99 20.23 28.24
N LEU A 293 -4.72 21.06 27.23
CA LEU A 293 -3.34 21.41 26.90
C LEU A 293 -2.67 22.17 28.03
N TYR A 294 -3.39 23.11 28.65
CA TYR A 294 -2.83 23.84 29.78
C TYR A 294 -2.58 22.92 30.96
N ASP A 295 -3.42 21.91 31.15
CA ASP A 295 -3.18 20.93 32.22
C ASP A 295 -1.92 20.11 31.93
N TYR A 296 -1.76 19.65 30.68
CA TYR A 296 -0.56 18.90 30.33
C TYR A 296 0.70 19.74 30.52
N ALA A 297 0.65 21.01 30.12
CA ALA A 297 1.81 21.88 30.26
C ALA A 297 2.14 22.09 31.74
N LYS A 298 1.15 22.51 32.53
CA LYS A 298 1.38 22.74 33.96
C LYS A 298 1.86 21.47 34.66
N GLN A 299 1.33 20.33 34.24
CA GLN A 299 1.66 19.07 34.91
C GLN A 299 3.09 18.65 34.61
N ILE A 300 3.49 18.70 33.34
CA ILE A 300 4.85 18.31 32.96
C ILE A 300 5.87 19.31 33.49
N ASN A 301 5.53 20.60 33.45
CA ASN A 301 6.47 21.63 33.88
C ASN A 301 6.76 21.52 35.37
N GLN A 302 5.72 21.36 36.19
CA GLN A 302 5.93 21.21 37.62
C GLN A 302 6.68 19.92 37.95
N ALA A 303 6.54 18.90 37.12
CA ALA A 303 7.23 17.64 37.36
C ALA A 303 8.73 17.72 37.04
N LEU A 304 9.11 18.54 36.06
CA LEU A 304 10.50 18.73 35.70
C LEU A 304 11.11 19.98 36.30
N ASN A 305 10.29 20.84 36.91
CA ASN A 305 10.75 22.13 37.45
C ASN A 305 11.42 22.97 36.37
N ARG A 306 10.90 22.89 35.14
CA ARG A 306 11.38 23.67 34.03
C ARG A 306 10.19 24.19 33.24
N ASP A 307 10.46 25.10 32.32
CA ASP A 307 9.44 25.61 31.41
C ASP A 307 9.52 24.89 30.07
N CYS A 308 9.43 23.56 30.13
CA CYS A 308 9.60 22.73 28.94
C CYS A 308 8.43 22.90 27.97
N ILE A 309 7.22 22.57 28.43
CA ILE A 309 6.03 22.69 27.59
C ILE A 309 5.63 24.17 27.52
N ILE A 310 5.61 24.72 26.31
CA ILE A 310 5.22 26.09 26.06
C ILE A 310 4.07 26.07 25.07
N LEU A 311 2.88 26.48 25.50
CA LEU A 311 1.75 26.59 24.61
C LEU A 311 1.82 27.90 23.82
N TYR A 312 1.42 27.85 22.56
CA TYR A 312 1.43 29.04 21.71
C TYR A 312 0.49 28.87 20.53
N GLU B 1 18.68 8.32 40.22
CA GLU B 1 19.48 8.74 39.06
C GLU B 1 20.58 9.71 39.48
N MET B 2 21.73 9.62 38.81
CA MET B 2 22.83 10.53 39.05
C MET B 2 23.47 10.89 37.70
N ARG B 3 23.63 12.18 37.45
CA ARG B 3 24.14 12.67 36.18
C ARG B 3 25.63 12.93 36.30
N ILE B 4 26.42 12.29 35.44
CA ILE B 4 27.88 12.35 35.48
C ILE B 4 28.38 12.91 34.16
N LEU B 5 29.27 13.91 34.24
CA LEU B 5 29.96 14.44 33.07
C LEU B 5 31.39 13.92 33.08
N MET B 6 31.70 13.04 32.13
CA MET B 6 33.04 12.47 32.01
C MET B 6 33.86 13.32 31.05
N VAL B 7 34.85 14.03 31.56
CA VAL B 7 35.66 14.94 30.78
C VAL B 7 37.13 14.56 30.96
N GLY B 8 38.00 15.34 30.30
CA GLY B 8 39.43 15.07 30.33
C GLY B 8 40.09 15.24 28.97
N LEU B 9 41.40 15.12 28.92
CA LEU B 9 42.12 15.22 27.66
C LEU B 9 41.76 14.06 26.75
N ASP B 10 41.94 14.27 25.44
CA ASP B 10 41.68 13.21 24.49
C ASP B 10 42.72 12.09 24.64
N ALA B 11 42.35 10.90 24.17
CA ALA B 11 43.17 9.69 24.25
C ALA B 11 43.49 9.31 25.69
N ALA B 12 42.72 9.82 26.66
CA ALA B 12 42.92 9.43 28.05
C ALA B 12 42.21 8.12 28.36
N GLY B 13 41.05 7.89 27.76
CA GLY B 13 40.30 6.67 27.98
C GLY B 13 38.87 6.93 28.39
N LYS B 14 38.32 8.08 27.99
CA LYS B 14 36.96 8.41 28.39
C LYS B 14 35.94 7.47 27.76
N THR B 15 35.98 7.34 26.42
CA THR B 15 35.01 6.50 25.73
C THR B 15 35.16 5.04 26.12
N THR B 16 36.39 4.58 26.31
CA THR B 16 36.62 3.19 26.69
C THR B 16 36.07 2.90 28.08
N ILE B 17 36.26 3.83 29.02
CA ILE B 17 35.71 3.65 30.37
C ILE B 17 34.20 3.57 30.32
N LEU B 18 33.58 4.44 29.52
CA LEU B 18 32.12 4.49 29.44
C LEU B 18 31.54 3.16 28.95
N TYR B 19 32.04 2.68 27.81
CA TYR B 19 31.48 1.48 27.20
C TYR B 19 32.02 0.18 27.80
N LYS B 20 33.09 0.24 28.60
CA LYS B 20 33.45 -0.91 29.41
C LYS B 20 32.47 -1.10 30.56
N LEU B 21 31.98 -0.01 31.13
CA LEU B 21 30.92 -0.09 32.14
C LEU B 21 29.59 -0.49 31.51
N LYS B 22 29.35 -0.08 30.26
CA LYS B 22 28.05 -0.33 29.64
C LYS B 22 28.00 -1.71 29.01
N LEU B 23 29.00 -2.07 28.21
CA LEU B 23 28.98 -3.33 27.48
C LEU B 23 29.84 -4.41 28.13
N GLY B 24 30.80 -4.05 28.97
CA GLY B 24 31.78 -5.01 29.44
C GLY B 24 32.84 -5.36 28.42
N GLU B 25 32.94 -4.61 27.33
CA GLU B 25 33.87 -4.87 26.24
C GLU B 25 34.78 -3.67 26.04
N ILE B 26 35.74 -3.83 25.15
CA ILE B 26 36.67 -2.76 24.76
C ILE B 26 36.30 -2.34 23.34
N VAL B 27 35.59 -1.23 23.22
CA VAL B 27 35.14 -0.77 21.91
C VAL B 27 36.32 -0.23 21.11
N THR B 28 36.16 -0.24 19.78
CA THR B 28 37.19 0.30 18.91
C THR B 28 37.24 1.82 19.02
N THR B 29 38.42 2.38 18.76
CA THR B 29 38.63 3.81 18.90
C THR B 29 37.78 4.59 17.92
N ILE B 30 36.74 5.25 18.42
CA ILE B 30 35.86 6.09 17.62
C ILE B 30 36.12 7.54 18.01
N PRO B 31 36.78 8.34 17.15
CA PRO B 31 36.97 9.76 17.47
C PRO B 31 35.69 10.45 17.87
N THR B 32 35.61 10.91 19.11
CA THR B 32 34.38 11.51 19.61
C THR B 32 34.17 12.90 19.02
N ILE B 33 33.48 12.97 17.88
CA ILE B 33 33.25 14.24 17.22
C ILE B 33 32.25 15.08 18.02
N GLY B 34 31.21 14.44 18.54
CA GLY B 34 30.25 15.13 19.37
C GLY B 34 30.34 14.71 20.82
N PHE B 35 29.46 13.78 21.23
CA PHE B 35 29.49 13.28 22.59
C PHE B 35 28.72 11.96 22.64
N ASN B 36 29.10 11.12 23.59
CA ASN B 36 28.41 9.86 23.86
C ASN B 36 27.70 9.95 25.21
N VAL B 37 26.63 9.18 25.34
CA VAL B 37 25.84 9.16 26.58
C VAL B 37 25.28 7.76 26.77
N GLU B 38 25.50 7.20 27.95
CA GLU B 38 25.02 5.87 28.29
C GLU B 38 24.57 5.84 29.74
N THR B 39 23.49 5.10 30.00
CA THR B 39 22.99 4.90 31.35
C THR B 39 23.43 3.53 31.84
N VAL B 40 24.01 3.49 33.04
CA VAL B 40 24.51 2.26 33.63
C VAL B 40 23.82 2.04 34.96
N GLU B 41 23.23 0.86 35.13
CA GLU B 41 22.58 0.49 36.38
C GLU B 41 23.61 -0.19 37.28
N TYR B 42 23.84 0.38 38.46
CA TYR B 42 24.83 -0.16 39.40
C TYR B 42 24.38 0.15 40.82
N LYS B 43 24.19 -0.90 41.61
CA LYS B 43 23.76 -0.79 43.00
C LYS B 43 22.48 0.05 43.12
N ASN B 44 21.50 -0.29 42.28
CA ASN B 44 20.20 0.38 42.25
C ASN B 44 20.34 1.88 42.02
N ILE B 45 21.36 2.29 41.28
CA ILE B 45 21.58 3.69 40.92
C ILE B 45 21.77 3.76 39.42
N SER B 46 21.04 4.68 38.77
CA SER B 46 21.11 4.86 37.32
C SER B 46 22.07 6.02 37.03
N PHE B 47 23.30 5.67 36.66
CA PHE B 47 24.31 6.65 36.28
C PHE B 47 24.13 7.00 34.81
N THR B 48 23.75 8.24 34.53
CA THR B 48 23.71 8.76 33.17
C THR B 48 25.01 9.53 32.94
N VAL B 49 25.92 8.93 32.17
CA VAL B 49 27.27 9.45 31.98
C VAL B 49 27.35 10.09 30.60
N TRP B 50 27.70 11.38 30.57
CA TRP B 50 27.90 12.11 29.32
C TRP B 50 29.39 12.13 29.02
N ASP B 51 29.82 11.35 28.03
CA ASP B 51 31.21 11.38 27.57
C ASP B 51 31.36 12.51 26.57
N VAL B 52 31.82 13.66 27.05
CA VAL B 52 32.02 14.83 26.19
C VAL B 52 33.36 14.70 25.51
N GLY B 53 33.36 14.80 24.17
CA GLY B 53 34.60 14.63 23.42
C GLY B 53 35.63 15.70 23.74
N GLY B 54 35.23 16.96 23.63
CA GLY B 54 36.14 18.05 23.93
C GLY B 54 35.43 19.38 24.06
N LEU B 55 35.02 19.72 25.28
CA LEU B 55 34.35 20.98 25.56
C LEU B 55 35.32 22.15 25.65
N ASP B 56 36.58 21.95 25.25
CA ASP B 56 37.54 23.05 25.26
C ASP B 56 37.11 24.18 24.32
N LYS B 57 36.36 23.84 23.27
CA LYS B 57 35.88 24.82 22.30
C LYS B 57 34.37 24.99 22.33
N ILE B 58 33.67 24.30 23.24
CA ILE B 58 32.22 24.44 23.37
C ILE B 58 31.84 24.45 24.86
N ARG B 59 32.31 25.47 25.58
CA ARG B 59 31.95 25.58 27.00
C ARG B 59 30.51 26.03 27.21
N PRO B 60 29.99 27.06 26.52
CA PRO B 60 28.61 27.49 26.79
C PRO B 60 27.55 26.48 26.37
N LEU B 61 27.85 25.56 25.45
CA LEU B 61 26.84 24.61 24.99
C LEU B 61 26.47 23.59 26.06
N TRP B 62 27.32 23.37 27.07
CA TRP B 62 27.08 22.36 28.08
C TRP B 62 26.70 22.95 29.44
N ARG B 63 26.66 24.27 29.57
CA ARG B 63 26.28 24.87 30.85
C ARG B 63 24.83 24.60 31.21
N HIS B 64 24.00 24.18 30.24
CA HIS B 64 22.63 23.79 30.56
C HIS B 64 22.60 22.59 31.50
N TYR B 65 23.54 21.66 31.30
CA TYR B 65 23.62 20.45 32.12
C TYR B 65 24.42 20.63 33.39
N PHE B 66 25.16 21.73 33.52
CA PHE B 66 26.00 21.93 34.71
C PHE B 66 25.15 22.06 35.98
N GLN B 67 23.97 22.67 35.87
CA GLN B 67 23.12 22.86 37.03
C GLN B 67 22.65 21.54 37.62
N ASN B 68 22.48 20.51 36.80
CA ASN B 68 22.10 19.19 37.25
C ASN B 68 23.24 18.19 37.13
N THR B 69 24.48 18.67 37.09
CA THR B 69 25.66 17.79 37.04
C THR B 69 26.03 17.42 38.46
N GLN B 70 25.75 16.17 38.83
CA GLN B 70 26.00 15.71 40.18
C GLN B 70 27.43 15.21 40.38
N GLY B 71 28.07 14.71 39.33
CA GLY B 71 29.42 14.21 39.44
C GLY B 71 30.23 14.54 38.20
N LEU B 72 31.54 14.70 38.40
CA LEU B 72 32.49 14.94 37.33
C LEU B 72 33.57 13.87 37.39
N ILE B 73 33.67 13.06 36.35
CA ILE B 73 34.72 12.06 36.24
C ILE B 73 35.79 12.60 35.29
N PHE B 74 36.96 12.91 35.82
CA PHE B 74 38.07 13.43 35.03
C PHE B 74 39.07 12.30 34.80
N VAL B 75 39.18 11.85 33.55
CA VAL B 75 40.09 10.78 33.17
C VAL B 75 41.39 11.39 32.68
N VAL B 76 42.51 10.91 33.24
CA VAL B 76 43.84 11.40 32.89
C VAL B 76 44.70 10.22 32.49
N ASP B 77 45.42 10.36 31.37
CA ASP B 77 46.34 9.32 30.91
C ASP B 77 47.56 9.31 31.83
N SER B 78 47.65 8.30 32.70
CA SER B 78 48.74 8.23 33.66
C SER B 78 50.09 7.94 33.03
N ASN B 79 50.13 7.56 31.75
CA ASN B 79 51.39 7.33 31.05
C ASN B 79 51.86 8.54 30.27
N ASP B 80 50.96 9.48 29.96
CA ASP B 80 51.29 10.67 29.18
C ASP B 80 51.87 11.72 30.13
N ARG B 81 53.18 11.63 30.37
CA ARG B 81 53.83 12.57 31.27
C ARG B 81 54.01 13.95 30.63
N GLU B 82 54.09 14.00 29.30
CA GLU B 82 54.25 15.29 28.62
C GLU B 82 52.99 16.14 28.68
N ARG B 83 51.84 15.54 28.98
CA ARG B 83 50.56 16.25 28.98
C ARG B 83 49.86 16.23 30.32
N VAL B 84 50.49 15.73 31.38
CA VAL B 84 49.81 15.64 32.67
C VAL B 84 49.49 17.03 33.21
N ASN B 85 50.40 17.99 33.03
CA ASN B 85 50.14 19.36 33.46
C ASN B 85 49.05 19.99 32.61
N GLU B 86 49.01 19.66 31.31
CA GLU B 86 47.91 20.13 30.46
C GLU B 86 46.57 19.66 31.01
N ALA B 87 46.49 18.42 31.47
CA ALA B 87 45.27 17.93 32.09
C ALA B 87 44.93 18.73 33.34
N ARG B 88 45.95 19.09 34.13
CA ARG B 88 45.72 19.90 35.33
C ARG B 88 45.06 21.23 34.97
N GLU B 89 45.56 21.91 33.94
CA GLU B 89 44.99 23.19 33.54
C GLU B 89 43.54 23.04 33.09
N GLU B 90 43.24 22.00 32.31
CA GLU B 90 41.86 21.75 31.91
C GLU B 90 41.00 21.41 33.12
N LEU B 91 41.56 20.68 34.09
CA LEU B 91 40.82 20.39 35.32
C LEU B 91 40.53 21.66 36.11
N MET B 92 41.52 22.56 36.21
CA MET B 92 41.30 23.83 36.89
C MET B 92 40.21 24.65 36.23
N ARG B 93 40.16 24.64 34.89
CA ARG B 93 39.10 25.34 34.18
C ARG B 93 37.74 24.72 34.46
N MET B 94 37.68 23.39 34.59
CA MET B 94 36.42 22.74 34.92
C MET B 94 36.00 23.02 36.35
N LEU B 95 36.96 23.19 37.26
CA LEU B 95 36.65 23.44 38.65
C LEU B 95 36.35 24.91 38.94
N ALA B 96 36.77 25.81 38.06
CA ALA B 96 36.47 27.23 38.21
C ALA B 96 35.10 27.60 37.69
N GLU B 97 34.31 26.63 37.21
CA GLU B 97 32.95 26.90 36.74
C GLU B 97 32.03 27.01 37.94
N ASP B 98 31.33 28.14 38.06
CA ASP B 98 30.47 28.38 39.21
C ASP B 98 29.29 27.42 39.26
N GLU B 99 28.82 26.95 38.09
CA GLU B 99 27.70 26.02 38.05
C GLU B 99 28.09 24.59 38.42
N LEU B 100 29.37 24.33 38.67
CA LEU B 100 29.84 23.01 39.08
C LEU B 100 30.45 23.03 40.47
N ARG B 101 30.13 24.04 41.29
CA ARG B 101 30.73 24.16 42.60
C ARG B 101 30.22 23.11 43.58
N ASP B 102 29.02 22.56 43.34
CA ASP B 102 28.42 21.57 44.24
C ASP B 102 28.55 20.16 43.70
N ALA B 103 29.34 19.95 42.64
CA ALA B 103 29.52 18.63 42.08
C ALA B 103 30.76 17.96 42.65
N VAL B 104 30.70 16.64 42.77
CA VAL B 104 31.84 15.85 43.24
C VAL B 104 32.78 15.56 42.08
N LEU B 105 34.05 15.36 42.40
CA LEU B 105 35.10 15.16 41.40
C LEU B 105 35.74 13.79 41.60
N LEU B 106 35.69 12.95 40.57
CA LEU B 106 36.30 11.63 40.59
C LEU B 106 37.37 11.58 39.51
N VAL B 107 38.62 11.46 39.91
CA VAL B 107 39.74 11.44 38.97
C VAL B 107 40.11 9.98 38.71
N PHE B 108 40.16 9.60 37.43
CA PHE B 108 40.54 8.25 37.01
C PHE B 108 41.96 8.28 36.48
N ALA B 109 42.91 7.78 37.27
CA ALA B 109 44.29 7.63 36.82
C ALA B 109 44.34 6.42 35.88
N ASN B 110 43.95 6.66 34.63
CA ASN B 110 43.72 5.60 33.67
C ASN B 110 45.04 5.07 33.11
N LYS B 111 44.96 3.92 32.44
CA LYS B 111 46.10 3.28 31.77
C LYS B 111 47.20 2.91 32.76
N GLN B 112 46.81 2.29 33.86
CA GLN B 112 47.77 1.82 34.86
C GLN B 112 48.48 0.55 34.44
N ASP B 113 48.01 -0.14 33.41
CA ASP B 113 48.68 -1.36 32.95
C ASP B 113 49.99 -1.07 32.24
N LEU B 114 50.20 0.17 31.80
CA LEU B 114 51.44 0.51 31.13
C LEU B 114 52.58 0.59 32.14
N PRO B 115 53.81 0.21 31.74
CA PRO B 115 54.90 0.12 32.72
C PRO B 115 55.33 1.46 33.28
N ASN B 116 55.32 2.51 32.46
CA ASN B 116 55.81 3.82 32.87
C ASN B 116 54.70 4.72 33.42
N ALA B 117 53.55 4.14 33.76
CA ALA B 117 52.43 4.93 34.24
C ALA B 117 52.64 5.35 35.69
N MET B 118 52.33 6.61 35.99
CA MET B 118 52.42 7.12 37.34
C MET B 118 51.32 6.53 38.21
N ASN B 119 51.64 6.31 39.49
CA ASN B 119 50.64 5.81 40.42
C ASN B 119 49.64 6.91 40.77
N ALA B 120 48.66 6.56 41.61
CA ALA B 120 47.63 7.52 41.99
C ALA B 120 48.22 8.70 42.78
N ALA B 121 49.25 8.44 43.59
CA ALA B 121 49.84 9.51 44.39
C ALA B 121 50.54 10.54 43.50
N GLU B 122 51.32 10.08 42.51
CA GLU B 122 52.02 10.99 41.63
C GLU B 122 51.05 11.81 40.79
N ILE B 123 49.96 11.19 40.35
CA ILE B 123 48.94 11.93 39.61
C ILE B 123 48.27 12.95 40.52
N THR B 124 48.02 12.57 41.77
CA THR B 124 47.41 13.51 42.72
C THR B 124 48.30 14.72 42.96
N ASP B 125 49.61 14.54 42.86
CA ASP B 125 50.54 15.63 43.10
C ASP B 125 50.68 16.54 41.89
N LYS B 126 50.63 15.96 40.67
CA LYS B 126 50.78 16.76 39.47
C LYS B 126 49.50 17.50 39.09
N LEU B 127 48.34 16.95 39.44
CA LEU B 127 47.08 17.65 39.18
C LEU B 127 46.76 18.69 40.25
N GLY B 128 47.37 18.58 41.43
CA GLY B 128 47.14 19.56 42.48
C GLY B 128 45.87 19.35 43.27
N LEU B 129 45.45 18.10 43.45
CA LEU B 129 44.19 17.85 44.14
C LEU B 129 44.26 18.23 45.62
N HIS B 130 45.42 18.07 46.25
CA HIS B 130 45.54 18.39 47.66
C HIS B 130 45.48 19.88 47.95
N SER B 131 45.63 20.73 46.92
CA SER B 131 45.51 22.18 47.09
C SER B 131 44.09 22.68 46.87
N LEU B 132 43.14 21.77 46.63
CA LEU B 132 41.75 22.16 46.41
C LEU B 132 41.03 22.37 47.75
N ARG B 133 40.08 23.29 47.75
CA ARG B 133 39.28 23.61 48.93
C ARG B 133 37.80 23.57 48.59
N HIS B 134 37.00 23.11 49.55
CA HIS B 134 35.54 23.02 49.39
C HIS B 134 35.16 22.23 48.14
N ARG B 135 35.85 21.12 47.93
CA ARG B 135 35.58 20.24 46.79
C ARG B 135 35.73 18.80 47.25
N ASN B 136 34.63 18.06 47.24
CA ASN B 136 34.64 16.65 47.63
C ASN B 136 35.19 15.82 46.47
N TRP B 137 36.48 15.50 46.53
CA TRP B 137 37.17 14.84 45.43
C TRP B 137 37.76 13.52 45.89
N TYR B 138 38.27 12.75 44.92
CA TYR B 138 38.84 11.43 45.15
C TYR B 138 39.49 10.97 43.86
N ILE B 139 40.61 10.25 43.98
CA ILE B 139 41.35 9.76 42.82
C ILE B 139 41.42 8.24 42.92
N GLN B 140 41.32 7.58 41.76
CA GLN B 140 41.31 6.13 41.70
C GLN B 140 42.16 5.67 40.52
N ALA B 141 43.11 4.78 40.78
CA ALA B 141 43.93 4.20 39.73
C ALA B 141 43.10 3.15 38.98
N THR B 142 42.95 3.34 37.67
CA THR B 142 42.05 2.51 36.88
C THR B 142 42.77 1.98 35.64
N CYS B 143 42.18 0.95 35.04
CA CYS B 143 42.63 0.40 33.77
C CYS B 143 41.38 0.00 32.99
N ALA B 144 40.99 0.82 32.03
CA ALA B 144 39.75 0.58 31.28
C ALA B 144 39.80 -0.72 30.48
N THR B 145 40.99 -1.21 30.13
CA THR B 145 41.09 -2.46 29.40
C THR B 145 40.59 -3.63 30.23
N SER B 146 41.25 -3.88 31.37
CA SER B 146 40.83 -4.98 32.24
C SER B 146 39.59 -4.63 33.04
N GLY B 147 39.39 -3.36 33.37
CA GLY B 147 38.25 -2.91 34.14
C GLY B 147 38.53 -2.60 35.60
N ASP B 148 39.78 -2.77 36.05
CA ASP B 148 40.11 -2.52 37.45
C ASP B 148 39.88 -1.05 37.79
N GLY B 149 39.37 -0.81 39.00
CA GLY B 149 39.17 0.54 39.49
C GLY B 149 37.90 1.21 39.01
N LEU B 150 37.26 0.70 37.96
CA LEU B 150 36.06 1.35 37.45
C LEU B 150 34.93 1.30 38.46
N TYR B 151 34.62 0.11 38.99
CA TYR B 151 33.58 0.02 40.01
C TYR B 151 33.99 0.63 41.34
N GLU B 152 35.29 0.73 41.61
CA GLU B 152 35.74 1.40 42.82
C GLU B 152 35.37 2.89 42.77
N GLY B 153 35.58 3.53 41.62
CA GLY B 153 35.17 4.91 41.47
C GLY B 153 33.66 5.08 41.50
N LEU B 154 32.93 4.13 40.91
CA LEU B 154 31.47 4.19 40.96
C LEU B 154 30.97 3.98 42.39
N ASP B 155 31.66 3.17 43.18
CA ASP B 155 31.29 3.02 44.59
C ASP B 155 31.46 4.33 45.34
N TRP B 156 32.51 5.08 45.02
CA TRP B 156 32.71 6.38 45.67
C TRP B 156 31.63 7.36 45.29
N LEU B 157 31.25 7.39 44.00
CA LEU B 157 30.16 8.27 43.56
C LEU B 157 28.85 7.88 44.23
N SER B 158 28.62 6.57 44.41
CA SER B 158 27.39 6.11 45.05
C SER B 158 27.32 6.58 46.50
N ASN B 159 28.46 6.63 47.19
CA ASN B 159 28.48 7.10 48.57
C ASN B 159 28.23 8.60 48.66
N GLN B 160 28.74 9.36 47.68
CA GLN B 160 28.55 10.81 47.69
C GLN B 160 27.12 11.20 47.34
N LEU B 161 26.29 10.25 46.94
CA LEU B 161 24.89 10.51 46.61
C LEU B 161 24.02 10.49 47.87
N PHE C 3 43.43 15.68 -26.77
CA PHE C 3 42.03 15.87 -26.40
C PHE C 3 41.74 15.25 -25.04
N ASP C 4 42.23 14.02 -24.85
CA ASP C 4 41.98 13.31 -23.60
C ASP C 4 42.57 14.05 -22.40
N GLU C 5 43.69 14.75 -22.60
CA GLU C 5 44.29 15.53 -21.53
C GLU C 5 43.32 16.57 -20.99
N VAL C 6 42.65 17.30 -21.88
CA VAL C 6 41.74 18.35 -21.42
C VAL C 6 40.45 17.75 -20.89
N PHE C 7 40.03 16.60 -21.42
CA PHE C 7 38.74 16.03 -21.03
C PHE C 7 38.72 15.73 -19.55
N CYS C 8 37.81 16.39 -18.83
CA CYS C 8 37.75 16.27 -17.38
C CYS C 8 37.25 14.90 -16.95
N GLY C 9 36.13 14.47 -17.53
CA GLY C 9 35.45 13.27 -17.12
C GLY C 9 34.06 13.56 -16.59
N LEU C 10 33.32 12.49 -16.38
CA LEU C 10 31.94 12.56 -15.92
C LEU C 10 31.68 11.55 -14.83
N SER C 11 30.99 11.98 -13.78
CA SER C 11 30.56 11.05 -12.74
C SER C 11 29.54 10.06 -13.30
N ASN C 12 29.53 8.86 -12.73
CA ASN C 12 28.70 7.79 -13.29
C ASN C 12 27.23 8.18 -13.33
N GLU C 13 26.74 8.92 -12.33
CA GLU C 13 25.34 9.34 -12.37
C GLU C 13 25.07 10.26 -13.56
N GLU C 14 26.08 11.02 -14.01
CA GLU C 14 25.87 11.85 -15.19
C GLU C 14 25.98 11.03 -16.48
N ARG C 15 26.94 10.11 -16.55
CA ARG C 15 26.98 9.17 -17.66
C ARG C 15 25.70 8.34 -17.72
N LYS C 16 25.17 7.97 -16.55
CA LYS C 16 23.93 7.20 -16.50
C LYS C 16 22.76 8.01 -17.06
N LYS C 17 22.70 9.30 -16.75
CA LYS C 17 21.63 10.14 -17.29
C LYS C 17 21.77 10.32 -18.79
N VAL C 18 22.99 10.52 -19.28
CA VAL C 18 23.20 10.71 -20.72
C VAL C 18 22.86 9.44 -21.48
N TYR C 19 23.30 8.28 -20.98
CA TYR C 19 22.96 7.02 -21.61
C TYR C 19 21.45 6.79 -21.64
N GLY C 20 20.74 7.24 -20.60
CA GLY C 20 19.29 7.16 -20.61
C GLY C 20 18.68 8.00 -21.71
N ARG C 21 19.14 9.25 -21.83
CA ARG C 21 18.64 10.13 -22.88
C ARG C 21 18.94 9.57 -24.27
N LEU C 22 20.09 8.91 -24.43
CA LEU C 22 20.40 8.28 -25.71
C LEU C 22 19.50 7.08 -25.97
N PHE C 23 19.10 6.36 -24.92
CA PHE C 23 18.12 5.29 -25.11
C PHE C 23 16.78 5.85 -25.54
N GLY C 24 16.35 6.96 -24.93
CA GLY C 24 15.08 7.54 -25.30
C GLY C 24 15.04 8.03 -26.73
N LYS C 25 16.17 8.60 -27.21
CA LYS C 25 16.25 9.02 -28.60
C LYS C 25 16.20 7.84 -29.55
N GLN C 26 16.70 6.67 -29.14
CA GLN C 26 16.57 5.47 -29.95
C GLN C 26 15.12 4.98 -29.98
N VAL C 27 14.40 5.13 -28.87
CA VAL C 27 12.99 4.78 -28.84
C VAL C 27 12.21 5.67 -29.81
N LEU C 28 12.48 6.97 -29.78
CA LEU C 28 11.82 7.88 -30.71
C LEU C 28 12.17 7.55 -32.16
N ALA C 29 13.44 7.26 -32.42
CA ALA C 29 13.84 6.86 -33.78
C ALA C 29 13.19 5.55 -34.18
N HIS C 30 12.92 4.68 -33.21
CA HIS C 30 12.23 3.42 -33.51
C HIS C 30 10.78 3.68 -33.91
N ILE C 31 10.10 4.56 -33.18
CA ILE C 31 8.71 4.87 -33.52
C ILE C 31 8.63 5.67 -34.82
N HIS C 32 9.62 6.54 -35.05
CA HIS C 32 9.63 7.32 -36.29
C HIS C 32 9.84 6.44 -37.51
N SER C 33 10.68 5.40 -37.39
CA SER C 33 10.89 4.48 -38.49
C SER C 33 9.63 3.64 -38.75
N ARG C 34 8.92 3.26 -37.69
CA ARG C 34 7.65 2.56 -37.86
C ARG C 34 6.67 3.38 -38.68
N CYS C 35 6.59 4.69 -38.40
CA CYS C 35 5.67 5.56 -39.14
C CYS C 35 6.14 5.81 -40.56
N GLN C 36 7.46 5.87 -40.78
CA GLN C 36 7.95 6.03 -42.14
C GLN C 36 7.67 4.79 -42.99
N ARG C 37 7.65 3.60 -42.38
CA ARG C 37 7.33 2.39 -43.12
C ARG C 37 5.88 2.36 -43.54
N ASP C 38 4.97 2.75 -42.64
CA ASP C 38 3.54 2.72 -42.89
C ASP C 38 3.00 4.09 -43.33
N ALA C 39 3.84 4.94 -43.90
CA ALA C 39 3.41 6.30 -44.24
C ALA C 39 2.30 6.28 -45.29
N ASP C 40 2.39 5.38 -46.27
CA ASP C 40 1.39 5.34 -47.33
C ASP C 40 0.04 4.87 -46.82
N ILE C 41 0.02 3.75 -46.11
CA ILE C 41 -1.25 3.21 -45.63
C ILE C 41 -1.86 4.12 -44.58
N ILE C 42 -1.04 4.83 -43.80
CA ILE C 42 -1.56 5.76 -42.80
C ILE C 42 -2.25 6.95 -43.50
N ARG C 43 -1.60 7.52 -44.51
CA ARG C 43 -2.20 8.63 -45.23
C ARG C 43 -3.49 8.21 -45.91
N GLU C 44 -3.51 7.01 -46.50
CA GLU C 44 -4.73 6.52 -47.14
C GLU C 44 -5.83 6.29 -46.11
N LYS C 45 -5.47 5.82 -44.92
CA LYS C 45 -6.48 5.64 -43.87
C LYS C 45 -7.00 6.98 -43.37
N ALA C 46 -6.11 7.97 -43.25
CA ALA C 46 -6.52 9.29 -42.79
C ALA C 46 -7.41 9.97 -43.83
N LEU C 47 -7.01 9.92 -45.11
CA LEU C 47 -7.85 10.46 -46.17
C LEU C 47 -9.18 9.71 -46.27
N ARG C 48 -9.18 8.42 -45.94
CA ARG C 48 -10.43 7.66 -45.92
C ARG C 48 -11.38 8.21 -44.85
N ARG C 49 -10.84 8.55 -43.68
CA ARG C 49 -11.67 9.09 -42.61
C ARG C 49 -12.18 10.49 -42.96
N ILE C 50 -11.37 11.30 -43.63
CA ILE C 50 -11.76 12.67 -43.93
C ILE C 50 -12.91 12.68 -44.93
N SER C 51 -12.79 11.90 -46.00
CA SER C 51 -13.88 11.82 -46.97
C SER C 51 -15.12 11.16 -46.37
N ARG C 52 -14.93 10.31 -45.36
CA ARG C 52 -16.08 9.68 -44.70
C ARG C 52 -16.90 10.71 -43.92
N GLU C 53 -16.23 11.66 -43.27
CA GLU C 53 -16.96 12.72 -42.57
C GLU C 53 -17.50 13.77 -43.53
N CYS C 54 -16.61 14.45 -44.25
CA CYS C 54 -17.03 15.47 -45.22
C CYS C 54 -17.29 14.84 -46.59
N ILE C 58 -14.71 17.88 -51.17
CA ILE C 58 -13.66 18.90 -51.07
C ILE C 58 -12.30 18.23 -51.13
N ASP C 59 -11.27 19.00 -51.48
CA ASP C 59 -9.91 18.47 -51.55
C ASP C 59 -9.44 17.97 -50.19
N CYS C 60 -9.54 16.66 -49.98
CA CYS C 60 -9.17 16.07 -48.70
C CYS C 60 -7.68 16.29 -48.40
N ALA C 61 -6.85 16.40 -49.42
CA ALA C 61 -5.43 16.65 -49.21
C ALA C 61 -5.20 17.98 -48.51
N LEU C 62 -5.99 19.00 -48.87
CA LEU C 62 -5.83 20.31 -48.23
C LEU C 62 -6.37 20.29 -46.80
N LEU C 63 -7.50 19.63 -46.58
CA LEU C 63 -8.07 19.56 -45.23
C LEU C 63 -7.19 18.74 -44.29
N LEU C 64 -6.60 17.65 -44.80
CA LEU C 64 -5.69 16.85 -43.98
C LEU C 64 -4.46 17.65 -43.59
N ASN C 65 -3.92 18.45 -44.52
CA ASN C 65 -2.78 19.29 -44.21
C ASN C 65 -3.12 20.33 -43.15
N LYS C 66 -4.34 20.87 -43.20
CA LYS C 66 -4.76 21.84 -42.20
C LYS C 66 -4.84 21.21 -40.81
N MET C 67 -5.34 19.98 -40.73
CA MET C 67 -5.42 19.30 -39.44
C MET C 67 -4.03 18.92 -38.93
N VAL C 68 -3.12 18.55 -39.83
CA VAL C 68 -1.76 18.25 -39.42
C VAL C 68 -1.05 19.50 -38.93
N ASP C 69 -1.22 20.61 -39.65
CA ASP C 69 -0.58 21.86 -39.24
C ASP C 69 -1.16 22.38 -37.92
N ILE C 70 -2.42 22.09 -37.63
CA ILE C 70 -3.01 22.50 -36.37
C ILE C 70 -2.44 21.65 -35.22
N LEU C 71 -2.35 20.35 -35.42
CA LEU C 71 -1.80 19.47 -34.38
C LEU C 71 -0.32 19.77 -34.14
N GLN C 72 0.41 20.12 -35.21
CA GLN C 72 1.83 20.43 -35.05
C GLN C 72 2.04 21.76 -34.34
N ASN C 73 1.22 22.76 -34.66
CA ASN C 73 1.32 24.07 -34.03
C ASN C 73 0.55 24.15 -32.72
N ALA C 74 0.05 23.02 -32.22
CA ALA C 74 -0.59 23.00 -30.92
C ALA C 74 0.43 23.20 -29.81
N ARG C 75 -0.06 23.58 -28.63
CA ARG C 75 0.80 23.75 -27.48
C ARG C 75 0.88 22.46 -26.68
N LEU C 76 2.01 22.27 -26.01
CA LEU C 76 2.29 21.07 -25.22
C LEU C 76 2.14 21.43 -23.75
N THR C 77 1.27 20.71 -23.05
CA THR C 77 0.92 21.05 -21.68
C THR C 77 1.14 19.87 -20.75
N ILE C 78 1.60 20.18 -19.54
CA ILE C 78 1.72 19.21 -18.45
C ILE C 78 0.94 19.78 -17.27
N ASN C 79 -0.23 19.22 -16.99
CA ASN C 79 -1.09 19.74 -15.94
C ASN C 79 -0.66 19.20 -14.58
N PHE C 80 -0.90 20.02 -13.55
CA PHE C 80 -0.62 19.63 -12.18
C PHE C 80 -1.59 20.37 -11.26
N ASN C 81 -1.68 19.87 -10.03
CA ASN C 81 -2.60 20.42 -9.02
C ASN C 81 -1.77 21.23 -8.03
N ALA C 82 -1.85 22.56 -8.14
CA ALA C 82 -1.07 23.44 -7.28
C ALA C 82 -1.52 23.40 -5.83
N ALA C 83 -2.67 22.82 -5.53
CA ALA C 83 -3.17 22.70 -4.17
C ALA C 83 -2.77 21.40 -3.50
N LYS C 84 -2.30 20.42 -4.27
CA LYS C 84 -1.89 19.12 -3.72
C LYS C 84 -0.39 18.88 -3.79
N ILE C 85 0.34 19.60 -4.66
CA ILE C 85 1.79 19.51 -4.70
C ILE C 85 2.36 20.91 -4.53
N ASP C 86 3.57 20.98 -3.98
CA ASP C 86 4.26 22.26 -3.82
C ASP C 86 4.94 22.61 -5.12
N PHE C 87 4.31 23.47 -5.92
CA PHE C 87 4.93 23.90 -7.17
C PHE C 87 6.21 24.68 -6.92
N VAL C 88 6.31 25.36 -5.76
CA VAL C 88 7.53 26.09 -5.44
C VAL C 88 8.68 25.12 -5.26
N SER C 89 8.45 24.01 -4.56
CA SER C 89 9.47 22.97 -4.47
C SER C 89 9.75 22.35 -5.84
N LEU C 90 8.71 22.26 -6.68
CA LEU C 90 8.90 21.71 -8.02
C LEU C 90 9.74 22.63 -8.89
N LEU C 91 9.46 23.94 -8.85
CA LEU C 91 10.20 24.88 -9.69
C LEU C 91 11.66 25.00 -9.27
N LYS C 92 11.94 24.91 -7.97
CA LYS C 92 13.31 25.02 -7.48
C LYS C 92 14.16 23.80 -7.82
N ASN C 93 13.56 22.68 -8.22
CA ASN C 93 14.32 21.50 -8.61
C ASN C 93 15.06 21.70 -9.93
N LYS C 94 14.70 22.72 -10.70
CA LYS C 94 15.31 23.05 -11.98
C LYS C 94 15.16 21.95 -13.03
N GLU C 95 14.26 20.99 -12.80
CA GLU C 95 14.08 19.89 -13.73
C GLU C 95 12.78 19.17 -13.40
N TYR C 96 12.06 18.75 -14.44
CA TYR C 96 10.87 17.94 -14.28
C TYR C 96 11.23 16.48 -14.46
N LEU C 97 10.68 15.62 -13.59
CA LEU C 97 11.01 14.21 -13.57
C LEU C 97 9.74 13.37 -13.64
N ASN C 98 9.86 12.19 -14.22
CA ASN C 98 8.74 11.26 -14.32
C ASN C 98 8.58 10.50 -13.00
N SER C 99 7.74 9.47 -13.00
CA SER C 99 7.45 8.74 -11.78
C SER C 99 8.60 7.86 -11.32
N TYR C 100 9.55 7.55 -12.22
CA TYR C 100 10.69 6.72 -11.84
C TYR C 100 11.70 7.45 -10.96
N ALA C 101 11.53 8.75 -10.76
CA ALA C 101 12.45 9.50 -9.91
C ALA C 101 11.78 9.88 -8.59
N PRO C 110 5.44 3.66 -4.69
CA PRO C 110 5.14 3.81 -6.11
C PRO C 110 4.96 2.48 -6.82
N ALA C 111 3.96 1.70 -6.37
CA ALA C 111 3.70 0.40 -6.98
C ALA C 111 3.20 0.51 -8.42
N TYR C 112 2.72 1.69 -8.82
CA TYR C 112 2.26 1.87 -10.19
C TYR C 112 3.40 1.81 -11.19
N ASN C 113 4.64 2.09 -10.76
CA ASN C 113 5.77 2.09 -11.68
C ASN C 113 5.96 0.74 -12.36
N VAL C 114 5.76 -0.35 -11.61
CA VAL C 114 5.94 -1.68 -12.18
C VAL C 114 5.03 -1.87 -13.39
N GLY C 115 3.73 -1.65 -13.19
CA GLY C 115 2.80 -1.73 -14.30
C GLY C 115 3.10 -0.72 -15.39
N ARG C 116 3.53 0.48 -15.00
CA ARG C 116 3.91 1.50 -15.99
C ARG C 116 5.11 1.06 -16.81
N ASP C 117 6.07 0.38 -16.18
CA ASP C 117 7.19 -0.20 -16.92
C ASP C 117 6.70 -1.24 -17.93
N SER C 118 5.79 -2.12 -17.51
CA SER C 118 5.25 -3.13 -18.41
C SER C 118 4.50 -2.49 -19.57
N VAL C 119 3.73 -1.43 -19.31
CA VAL C 119 3.02 -0.74 -20.38
C VAL C 119 4.02 -0.10 -21.35
N GLU C 120 5.04 0.58 -20.80
CA GLU C 120 6.03 1.23 -21.65
C GLU C 120 6.84 0.22 -22.46
N THR C 121 7.06 -0.98 -21.91
CA THR C 121 7.82 -1.98 -22.64
C THR C 121 7.01 -2.58 -23.77
N LYS C 122 5.69 -2.74 -23.58
CA LYS C 122 4.85 -3.30 -24.61
C LYS C 122 4.34 -2.27 -25.60
N ALA C 123 4.19 -1.01 -25.19
CA ALA C 123 3.68 0.01 -26.09
C ALA C 123 4.78 0.56 -26.99
N PHE C 124 5.95 0.85 -26.43
CA PHE C 124 7.05 1.42 -27.18
C PHE C 124 7.98 0.38 -27.79
N GLU C 125 7.65 -0.91 -27.66
CA GLU C 125 8.46 -2.01 -28.19
C GLU C 125 9.90 -1.92 -27.69
N LEU C 126 10.04 -1.74 -26.37
CA LEU C 126 11.37 -1.61 -25.78
C LEU C 126 12.19 -2.89 -25.91
N GLU C 127 11.53 -4.04 -26.08
CA GLU C 127 12.27 -5.28 -26.28
C GLU C 127 13.02 -5.31 -27.60
N LYS C 128 12.59 -4.51 -28.58
CA LYS C 128 13.32 -4.42 -29.85
C LYS C 128 14.65 -3.71 -29.72
N LEU C 129 14.91 -3.05 -28.59
CA LEU C 129 16.18 -2.36 -28.36
C LEU C 129 17.04 -3.07 -27.34
N ALA C 130 16.77 -4.35 -27.08
CA ALA C 130 17.53 -5.09 -26.07
C ALA C 130 18.99 -5.25 -26.49
N ASP C 131 19.26 -5.25 -27.79
CA ASP C 131 20.61 -5.39 -28.30
C ASP C 131 21.35 -4.06 -28.43
N SER C 132 20.74 -2.97 -27.98
CA SER C 132 21.36 -1.65 -28.07
C SER C 132 22.42 -1.49 -26.98
N PRO C 133 23.50 -0.75 -27.27
CA PRO C 133 24.52 -0.52 -26.24
C PRO C 133 24.04 0.31 -25.07
N TYR C 134 22.87 0.96 -25.19
CA TYR C 134 22.29 1.74 -24.11
C TYR C 134 21.10 1.03 -23.47
N ALA C 135 20.85 -0.22 -23.83
CA ALA C 135 19.77 -0.98 -23.20
C ALA C 135 19.93 -1.16 -21.70
N PRO C 136 21.13 -1.42 -21.15
CA PRO C 136 21.25 -1.54 -19.69
C PRO C 136 20.81 -0.31 -18.92
N TYR C 137 20.65 0.83 -19.57
CA TYR C 137 20.25 2.06 -18.90
C TYR C 137 18.79 2.41 -19.17
N GLY C 138 18.06 1.60 -19.93
CA GLY C 138 16.65 1.82 -20.18
C GLY C 138 15.80 0.64 -19.78
N GLN C 139 16.41 -0.32 -19.08
CA GLN C 139 15.73 -1.53 -18.64
C GLN C 139 15.78 -1.62 -17.13
N THR C 140 14.60 -1.77 -16.50
CA THR C 140 14.54 -1.85 -15.05
C THR C 140 15.07 -3.19 -14.53
N GLY C 141 15.00 -4.23 -15.34
CA GLY C 141 15.42 -5.54 -14.89
C GLY C 141 14.56 -6.10 -13.77
N GLY C 142 13.26 -5.80 -13.79
CA GLY C 142 12.38 -6.18 -12.70
C GLY C 142 12.35 -5.13 -11.60
N PHE C 143 11.41 -5.31 -10.69
CA PHE C 143 11.20 -4.39 -9.58
C PHE C 143 11.39 -5.12 -8.26
N SER C 144 12.00 -4.43 -7.29
CA SER C 144 12.27 -5.01 -5.98
C SER C 144 11.00 -4.99 -5.14
N VAL C 145 11.12 -5.35 -3.87
CA VAL C 145 9.95 -5.42 -3.00
C VAL C 145 9.38 -4.04 -2.74
N ALA C 146 10.22 -3.00 -2.80
CA ALA C 146 9.78 -1.63 -2.59
C ALA C 146 9.36 -0.94 -3.89
N TYR C 147 9.05 -1.71 -4.92
CA TYR C 147 8.67 -1.17 -6.23
C TYR C 147 9.77 -0.26 -6.79
N THR C 148 11.02 -0.67 -6.58
CA THR C 148 12.20 0.00 -7.08
C THR C 148 12.93 -0.90 -8.07
N PRO C 149 13.50 -0.35 -9.13
CA PRO C 149 14.15 -1.20 -10.15
C PRO C 149 15.33 -1.95 -9.57
N ASN C 150 15.47 -3.21 -9.99
CA ASN C 150 16.60 -4.02 -9.54
C ASN C 150 17.90 -3.61 -10.22
N SER C 151 17.82 -3.12 -11.45
CA SER C 151 19.01 -2.73 -12.20
C SER C 151 19.61 -1.46 -11.59
N ARG C 152 20.87 -1.56 -11.14
CA ARG C 152 21.56 -0.42 -10.57
C ARG C 152 21.93 0.63 -11.61
N THR C 153 21.80 0.33 -12.90
CA THR C 153 22.15 1.26 -13.96
C THR C 153 20.93 1.86 -14.66
N PHE C 154 19.71 1.47 -14.27
CA PHE C 154 18.52 2.04 -14.87
C PHE C 154 18.46 3.54 -14.61
N SER C 155 18.28 4.31 -15.68
CA SER C 155 18.29 5.77 -15.61
C SER C 155 16.88 6.31 -15.74
N THR C 156 16.58 7.35 -14.96
CA THR C 156 15.28 8.01 -15.05
C THR C 156 15.07 8.64 -16.43
N THR C 157 16.13 9.21 -17.00
CA THR C 157 16.04 9.92 -18.28
C THR C 157 15.70 9.02 -19.46
N SER C 158 15.79 7.69 -19.30
CA SER C 158 15.49 6.78 -20.40
C SER C 158 14.00 6.65 -20.67
N ARG C 159 13.14 7.11 -19.77
CA ARG C 159 11.71 6.97 -19.95
C ARG C 159 11.07 8.34 -20.17
N PRO C 160 10.01 8.42 -20.97
CA PRO C 160 9.48 9.72 -21.39
C PRO C 160 8.76 10.43 -20.26
N ILE C 161 8.58 11.74 -20.47
CA ILE C 161 7.78 12.59 -19.60
C ILE C 161 6.45 12.83 -20.29
N TYR C 162 5.35 12.55 -19.58
CA TYR C 162 4.03 12.56 -20.20
C TYR C 162 3.43 13.97 -20.22
N ALA C 163 2.75 14.28 -21.32
CA ALA C 163 2.14 15.58 -21.52
C ALA C 163 0.88 15.40 -22.35
N ALA C 164 0.23 16.52 -22.67
CA ALA C 164 -0.98 16.53 -23.47
C ALA C 164 -0.82 17.52 -24.62
N LEU C 165 -1.37 17.16 -25.78
CA LEU C 165 -1.34 18.04 -26.96
C LEU C 165 -2.62 18.86 -26.95
N ASP C 166 -2.54 20.09 -26.45
CA ASP C 166 -3.70 20.95 -26.29
C ASP C 166 -3.92 21.73 -27.59
N PHE C 167 -4.54 21.05 -28.55
CA PHE C 167 -4.78 21.66 -29.85
C PHE C 167 -6.02 22.55 -29.87
N LEU C 168 -6.83 22.55 -28.80
CA LEU C 168 -7.99 23.42 -28.71
C LEU C 168 -7.78 24.59 -27.76
N ASN C 169 -6.60 24.73 -27.18
CA ASN C 169 -6.31 25.77 -26.20
C ASN C 169 -7.34 25.76 -25.07
N GLY C 170 -7.29 24.68 -24.30
CA GLY C 170 -8.24 24.51 -23.21
C GLY C 170 -8.09 25.60 -22.17
N GLU C 171 -9.22 25.90 -21.49
CA GLU C 171 -9.21 26.92 -20.45
C GLU C 171 -8.29 26.52 -19.31
N ASN C 172 -8.22 25.23 -18.99
CA ASN C 172 -7.39 24.74 -17.89
C ASN C 172 -6.32 23.77 -18.41
N GLY C 173 -5.89 23.95 -19.65
CA GLY C 173 -4.86 23.11 -20.22
C GLY C 173 -5.42 21.93 -21.00
N GLY C 174 -4.50 21.06 -21.42
CA GLY C 174 -4.85 19.90 -22.22
C GLY C 174 -5.29 18.68 -21.45
N ALA C 175 -5.09 18.66 -20.14
CA ALA C 175 -5.48 17.53 -19.31
C ALA C 175 -5.84 18.05 -17.91
N SER C 176 -6.90 18.86 -17.84
CA SER C 176 -7.31 19.47 -16.59
C SER C 176 -7.73 18.45 -15.53
N ALA C 177 -7.87 17.18 -15.90
CA ALA C 177 -8.20 16.15 -14.92
C ALA C 177 -7.09 15.94 -13.89
N TYR C 178 -5.89 16.46 -14.15
CA TYR C 178 -4.76 16.33 -13.23
C TYR C 178 -4.43 17.64 -12.52
N GLY C 179 -5.31 18.63 -12.60
CA GLY C 179 -5.12 19.89 -11.90
C GLY C 179 -5.48 21.06 -12.80
N LYS C 180 -5.75 22.20 -12.17
CA LYS C 180 -6.12 23.40 -12.90
C LYS C 180 -4.91 24.21 -13.37
N SER C 181 -3.72 23.91 -12.85
CA SER C 181 -2.49 24.53 -13.29
C SER C 181 -1.79 23.61 -14.29
N PHE C 182 -0.91 24.21 -15.10
CA PHE C 182 -0.22 23.43 -16.11
C PHE C 182 1.00 24.18 -16.64
N PHE C 183 2.07 23.42 -16.91
CA PHE C 183 3.20 23.94 -17.66
C PHE C 183 2.87 23.96 -19.14
N GLU C 184 3.29 25.01 -19.83
CA GLU C 184 3.28 25.04 -21.30
C GLU C 184 4.73 25.01 -21.77
N LEU C 185 5.09 23.96 -22.49
CA LEU C 185 6.46 23.77 -22.95
C LEU C 185 6.68 24.49 -24.27
N ASN C 186 7.95 24.74 -24.57
CA ASN C 186 8.31 25.37 -25.84
C ASN C 186 7.93 24.46 -26.99
N ASP C 187 7.69 25.07 -28.16
CA ASP C 187 7.20 24.30 -29.31
C ASP C 187 8.22 23.29 -29.80
N ASN C 188 9.51 23.59 -29.68
CA ASN C 188 10.53 22.66 -30.14
C ASN C 188 10.51 21.34 -29.36
N VAL C 189 9.99 21.36 -28.12
CA VAL C 189 9.92 20.14 -27.31
C VAL C 189 9.04 19.10 -27.98
N LYS C 190 8.04 19.53 -28.77
CA LYS C 190 7.15 18.58 -29.42
C LYS C 190 7.88 17.72 -30.43
N THR C 191 8.99 18.20 -30.99
CA THR C 191 9.72 17.42 -31.98
C THR C 191 10.37 16.18 -31.36
N ASN C 192 10.54 16.15 -30.04
CA ASN C 192 11.09 14.99 -29.35
C ASN C 192 10.00 14.09 -28.77
N CYS C 193 8.76 14.26 -29.20
CA CYS C 193 7.62 13.59 -28.60
C CYS C 193 7.04 12.52 -29.52
N THR C 194 6.51 11.47 -28.91
CA THR C 194 5.59 10.56 -29.55
C THR C 194 4.17 10.90 -29.10
N PHE C 195 3.19 10.58 -29.94
CA PHE C 195 1.81 10.98 -29.69
C PHE C 195 0.87 9.80 -29.84
N SER C 196 -0.17 9.78 -29.01
CA SER C 196 -1.16 8.72 -29.00
C SER C 196 -2.55 9.32 -28.88
N PRO C 197 -3.55 8.72 -29.56
CA PRO C 197 -4.92 9.26 -29.43
C PRO C 197 -5.55 8.98 -28.08
N PHE C 198 -5.10 7.93 -27.38
CA PHE C 198 -5.58 7.62 -26.04
C PHE C 198 -4.38 7.49 -25.11
N ASP C 199 -4.62 7.67 -23.82
CA ASP C 199 -3.58 7.43 -22.82
C ASP C 199 -3.12 5.98 -22.92
N ILE C 200 -1.80 5.78 -23.00
CA ILE C 200 -1.25 4.45 -23.24
C ILE C 200 -1.50 3.49 -22.08
N TYR C 201 -1.99 3.97 -20.94
CA TYR C 201 -2.31 3.14 -19.80
C TYR C 201 -3.78 2.76 -19.74
N GLY C 202 -4.55 3.06 -20.80
CA GLY C 202 -5.95 2.73 -20.86
C GLY C 202 -6.25 1.52 -21.72
N HIS C 203 -7.52 1.10 -21.68
CA HIS C 203 -7.96 -0.05 -22.47
C HIS C 203 -8.20 0.32 -23.93
N ARG C 204 -8.62 1.56 -24.20
CA ARG C 204 -8.84 1.95 -25.59
C ARG C 204 -7.54 1.99 -26.39
N PHE C 205 -6.43 2.31 -25.73
CA PHE C 205 -5.13 2.21 -26.40
C PHE C 205 -4.76 0.75 -26.63
N GLY C 206 -5.00 -0.10 -25.64
CA GLY C 206 -4.80 -1.53 -25.80
C GLY C 206 -3.38 -1.94 -26.09
N LEU C 207 -2.41 -1.15 -25.67
CA LEU C 207 -1.00 -1.42 -25.91
C LEU C 207 -0.71 -1.58 -27.41
N ASP C 208 -1.40 -0.79 -28.22
CA ASP C 208 -1.29 -0.87 -29.68
C ASP C 208 -0.17 0.07 -30.14
N THR C 209 0.98 -0.51 -30.50
CA THR C 209 2.11 0.30 -30.93
C THR C 209 1.81 1.04 -32.24
N SER C 210 0.95 0.47 -33.09
CA SER C 210 0.60 1.11 -34.34
C SER C 210 -0.18 2.40 -34.15
N LYS C 211 -0.66 2.69 -32.94
CA LYS C 211 -1.35 3.93 -32.64
C LYS C 211 -0.41 5.06 -32.24
N LEU C 212 0.89 4.81 -32.20
CA LEU C 212 1.87 5.82 -31.80
C LEU C 212 2.44 6.49 -33.05
N SER C 213 2.53 7.81 -33.01
CA SER C 213 3.10 8.60 -34.09
C SER C 213 4.05 9.64 -33.53
N THR C 214 4.88 10.19 -34.41
CA THR C 214 5.84 11.22 -34.03
C THR C 214 5.34 12.59 -34.49
N PHE C 215 6.17 13.61 -34.29
CA PHE C 215 5.81 14.96 -34.68
C PHE C 215 5.70 15.13 -36.19
N TRP C 216 6.30 14.23 -36.96
CA TRP C 216 6.33 14.33 -38.41
C TRP C 216 5.33 13.39 -39.09
N HIS C 217 4.45 12.75 -38.32
CA HIS C 217 3.48 11.81 -38.86
C HIS C 217 2.15 11.97 -38.12
N MET C 218 1.65 13.20 -38.07
CA MET C 218 0.39 13.47 -37.41
C MET C 218 -0.80 12.82 -38.12
N GLU C 219 -0.62 12.42 -39.39
CA GLU C 219 -1.70 11.74 -40.10
C GLU C 219 -2.12 10.46 -39.39
N ASN C 220 -1.17 9.78 -38.73
CA ASN C 220 -1.51 8.60 -37.95
C ASN C 220 -2.39 8.97 -36.76
N LEU C 221 -2.06 10.07 -36.09
CA LEU C 221 -2.88 10.54 -34.98
C LEU C 221 -4.28 10.94 -35.44
N ILE C 222 -4.40 11.46 -36.67
CA ILE C 222 -5.71 11.85 -37.18
C ILE C 222 -6.53 10.62 -37.53
N ALA C 223 -5.92 9.62 -38.16
CA ALA C 223 -6.64 8.42 -38.52
C ALA C 223 -6.98 7.56 -37.31
N SER C 224 -6.30 7.75 -36.19
CA SER C 224 -6.48 6.91 -35.01
C SER C 224 -7.24 7.59 -33.89
N CYS C 225 -7.45 8.90 -33.95
CA CYS C 225 -8.14 9.59 -32.86
C CYS C 225 -9.60 9.16 -32.79
N GLN C 226 -10.24 9.47 -31.67
CA GLN C 226 -11.59 9.00 -31.42
C GLN C 226 -12.63 9.87 -32.12
N ASN C 227 -13.76 9.23 -32.46
CA ASN C 227 -14.92 9.92 -33.01
C ASN C 227 -16.17 9.43 -32.27
N ASP C 228 -16.17 9.63 -30.95
CA ASP C 228 -17.23 9.12 -30.10
C ASP C 228 -18.56 9.78 -30.42
N PHE C 229 -19.64 9.03 -30.24
CA PHE C 229 -20.99 9.51 -30.50
C PHE C 229 -21.61 10.20 -29.30
N PHE C 230 -20.86 10.39 -28.23
CA PHE C 230 -21.35 11.13 -27.06
C PHE C 230 -20.16 11.67 -26.30
N GLY C 231 -20.39 12.76 -25.57
CA GLY C 231 -19.31 13.41 -24.85
C GLY C 231 -18.43 14.24 -25.77
N TYR C 232 -17.16 14.37 -25.39
CA TYR C 232 -16.20 15.10 -26.20
C TYR C 232 -15.80 14.29 -27.43
N ASN C 233 -15.87 14.92 -28.59
CA ASN C 233 -15.50 14.30 -29.86
C ASN C 233 -14.19 14.92 -30.35
N CYS C 234 -13.16 14.09 -30.48
CA CYS C 234 -11.86 14.59 -30.92
C CYS C 234 -11.82 14.82 -32.43
N PHE C 235 -12.34 13.86 -33.20
CA PHE C 235 -12.28 13.96 -34.66
C PHE C 235 -13.08 15.16 -35.16
N LYS C 236 -14.33 15.30 -34.71
CA LYS C 236 -15.16 16.40 -35.18
C LYS C 236 -14.65 17.75 -34.71
N SER C 237 -14.02 17.82 -33.54
CA SER C 237 -13.48 19.08 -33.06
C SER C 237 -12.31 19.54 -33.92
N LEU C 238 -11.38 18.62 -34.22
CA LEU C 238 -10.25 18.97 -35.07
C LEU C 238 -10.69 19.29 -36.49
N VAL C 239 -11.76 18.64 -36.98
CA VAL C 239 -12.26 18.93 -38.31
C VAL C 239 -12.83 20.34 -38.37
N LYS C 240 -13.63 20.71 -37.36
CA LYS C 240 -14.24 22.05 -37.36
C LYS C 240 -13.19 23.13 -37.19
N MET C 241 -12.15 22.87 -36.39
CA MET C 241 -11.07 23.85 -36.26
C MET C 241 -10.31 24.00 -37.57
N ALA C 242 -10.17 22.92 -38.33
CA ALA C 242 -9.49 23.02 -39.62
C ALA C 242 -10.31 23.79 -40.64
N LYS C 243 -11.64 23.71 -40.56
CA LYS C 243 -12.52 24.47 -41.44
C LYS C 243 -12.74 25.89 -40.94
N ASP C 244 -11.85 26.40 -40.09
CA ASP C 244 -11.90 27.78 -39.61
C ASP C 244 -13.22 28.11 -38.93
N GLU C 245 -13.76 27.14 -38.20
CA GLU C 245 -14.96 27.33 -37.39
C GLU C 245 -14.54 27.43 -35.93
N LYS C 246 -14.86 28.56 -35.29
CA LYS C 246 -14.61 28.73 -33.87
C LYS C 246 -15.80 28.25 -33.05
N PHE C 247 -15.49 27.62 -31.92
CA PHE C 247 -16.47 27.00 -31.04
C PHE C 247 -15.82 26.81 -29.68
N LEU C 248 -16.66 26.69 -28.66
CA LEU C 248 -16.16 26.36 -27.33
C LEU C 248 -15.90 24.87 -27.23
N ALA C 249 -14.72 24.51 -26.72
CA ALA C 249 -14.39 23.10 -26.53
C ALA C 249 -15.35 22.44 -25.55
N HIS C 250 -15.52 21.14 -25.69
CA HIS C 250 -16.41 20.39 -24.81
C HIS C 250 -15.97 20.53 -23.36
N SER C 251 -16.96 20.51 -22.46
CA SER C 251 -16.66 20.70 -21.04
C SER C 251 -15.83 19.57 -20.46
N ASN C 252 -15.74 18.43 -21.15
CA ASN C 252 -14.91 17.31 -20.72
C ASN C 252 -13.60 17.23 -21.48
N TYR C 253 -13.19 18.32 -22.14
CA TYR C 253 -11.94 18.32 -22.87
C TYR C 253 -10.77 18.24 -21.90
N GLY C 254 -10.01 17.15 -21.98
CA GLY C 254 -8.92 16.91 -21.06
C GLY C 254 -9.28 16.14 -19.81
N LYS C 255 -10.56 16.00 -19.50
CA LYS C 255 -11.03 15.24 -18.35
C LYS C 255 -11.42 13.84 -18.82
N GLY C 256 -10.70 12.83 -18.34
CA GLY C 256 -10.93 11.46 -18.81
C GLY C 256 -9.69 10.98 -19.53
N TYR C 257 -9.18 9.84 -19.09
CA TYR C 257 -7.89 9.37 -19.57
C TYR C 257 -7.99 8.67 -20.93
N GLU C 258 -9.07 7.95 -21.19
CA GLU C 258 -9.21 7.17 -22.41
C GLU C 258 -10.06 7.94 -23.42
N GLY C 259 -9.40 8.73 -24.27
CA GLY C 259 -10.02 9.34 -25.42
C GLY C 259 -10.30 10.82 -25.30
N ASN C 260 -10.13 11.43 -24.13
CA ASN C 260 -10.47 12.83 -23.94
C ASN C 260 -9.27 13.76 -24.05
N TYR C 261 -8.10 13.23 -24.42
CA TYR C 261 -6.95 14.08 -24.69
C TYR C 261 -5.92 13.26 -25.47
N ILE C 262 -5.11 13.96 -26.26
CA ILE C 262 -4.04 13.33 -27.02
C ILE C 262 -2.81 13.25 -26.12
N ASP C 263 -2.39 12.03 -25.80
CA ASP C 263 -1.27 11.81 -24.89
C ASP C 263 0.04 12.00 -25.63
N ALA C 264 0.96 12.76 -25.03
CA ALA C 264 2.28 13.02 -25.58
C ALA C 264 3.34 12.49 -24.64
N HIS C 265 4.43 11.98 -25.21
CA HIS C 265 5.52 11.36 -24.45
C HIS C 265 6.82 12.05 -24.84
N ILE C 266 7.30 12.92 -23.96
CA ILE C 266 8.52 13.70 -24.23
C ILE C 266 9.73 12.81 -23.98
N HIS C 267 10.39 12.39 -25.05
CA HIS C 267 11.60 11.57 -24.94
C HIS C 267 12.79 12.51 -24.80
N GLY C 268 13.10 12.84 -23.55
CA GLY C 268 14.12 13.81 -23.23
C GLY C 268 13.72 14.58 -22.00
N ASP C 269 14.73 15.17 -21.35
CA ASP C 269 14.48 15.88 -20.10
C ASP C 269 13.80 17.21 -20.35
N VAL C 270 13.06 17.67 -19.34
CA VAL C 270 12.35 18.95 -19.38
C VAL C 270 12.91 19.79 -18.24
N CYS C 271 13.68 20.82 -18.58
CA CYS C 271 14.34 21.66 -17.60
C CYS C 271 13.53 22.91 -17.34
N LEU C 272 13.56 23.36 -16.09
CA LEU C 272 12.88 24.59 -15.68
C LEU C 272 13.93 25.67 -15.44
N PHE C 273 13.77 26.81 -16.10
CA PHE C 273 12.63 27.09 -16.97
C PHE C 273 13.05 27.13 -18.44
N ARG C 274 14.10 26.38 -18.77
CA ARG C 274 14.68 26.45 -20.12
C ARG C 274 13.67 25.98 -21.17
N ASP C 275 13.03 24.84 -20.93
CA ASP C 275 12.08 24.27 -21.88
C ASP C 275 10.64 24.63 -21.54
N ILE C 276 10.43 25.74 -20.83
CA ILE C 276 9.10 26.14 -20.37
C ILE C 276 8.79 27.51 -20.97
N LYS C 277 7.70 27.60 -21.71
CA LYS C 277 7.24 28.87 -22.26
C LYS C 277 6.38 29.63 -21.26
N HIS C 278 5.39 28.95 -20.67
CA HIS C 278 4.52 29.57 -19.68
C HIS C 278 4.23 28.58 -18.57
N VAL C 279 3.89 29.11 -17.40
CA VAL C 279 3.37 28.33 -16.27
C VAL C 279 2.09 29.03 -15.83
N TYR C 280 0.94 28.41 -16.10
CA TYR C 280 -0.36 28.96 -15.74
C TYR C 280 -0.71 28.45 -14.35
N LEU C 281 -0.54 29.30 -13.34
CA LEU C 281 -0.85 28.93 -11.96
C LEU C 281 -2.29 29.32 -11.66
N SER C 282 -3.09 28.33 -11.27
CA SER C 282 -4.49 28.57 -10.94
C SER C 282 -4.62 29.26 -9.59
N LEU C 283 -5.50 30.27 -9.54
CA LEU C 283 -5.79 30.95 -8.28
C LEU C 283 -6.80 30.16 -7.45
N GLN C 284 -7.77 29.52 -8.12
CA GLN C 284 -8.82 28.78 -7.41
C GLN C 284 -8.35 27.41 -6.92
N GLU C 285 -7.19 26.94 -7.37
CA GLU C 285 -6.61 25.67 -6.94
C GLU C 285 -5.14 25.91 -6.62
N ASN C 286 -4.85 26.35 -5.40
CA ASN C 286 -3.48 26.65 -5.02
C ASN C 286 -3.38 26.71 -3.50
N SER C 287 -2.21 26.33 -2.99
CA SER C 287 -1.92 26.38 -1.57
C SER C 287 -1.37 27.72 -1.12
N TYR C 288 -1.29 28.71 -2.00
CA TYR C 288 -0.78 30.02 -1.67
C TYR C 288 -1.85 31.09 -1.87
N SER C 289 -1.66 32.21 -1.18
CA SER C 289 -2.60 33.33 -1.23
C SER C 289 -2.36 34.18 -2.47
N LYS C 290 -3.22 35.19 -2.66
CA LYS C 290 -3.08 36.09 -3.80
C LYS C 290 -1.75 36.82 -3.77
N SER C 291 -1.42 37.42 -2.63
CA SER C 291 -0.18 38.19 -2.53
C SER C 291 1.04 37.30 -2.73
N GLN C 292 1.01 36.08 -2.20
CA GLN C 292 2.15 35.18 -2.35
C GLN C 292 2.32 34.75 -3.82
N LEU C 293 1.21 34.41 -4.48
CA LEU C 293 1.29 33.99 -5.87
C LEU C 293 1.75 35.14 -6.77
N TYR C 294 1.24 36.35 -6.53
CA TYR C 294 1.66 37.49 -7.32
C TYR C 294 3.14 37.81 -7.08
N ASP C 295 3.61 37.61 -5.85
CA ASP C 295 5.03 37.82 -5.56
C ASP C 295 5.89 36.80 -6.28
N TYR C 296 5.49 35.53 -6.26
CA TYR C 296 6.24 34.50 -6.98
C TYR C 296 6.27 34.80 -8.47
N ALA C 297 5.14 35.22 -9.04
CA ALA C 297 5.09 35.54 -10.46
C ALA C 297 6.00 36.71 -10.80
N LYS C 298 5.84 37.83 -10.07
CA LYS C 298 6.67 39.02 -10.33
C LYS C 298 8.14 38.71 -10.13
N GLN C 299 8.47 37.87 -9.15
CA GLN C 299 9.87 37.57 -8.83
C GLN C 299 10.50 36.71 -9.92
N ILE C 300 9.81 35.64 -10.35
CA ILE C 300 10.35 34.76 -11.37
C ILE C 300 10.42 35.48 -12.71
N ASN C 301 9.40 36.27 -13.04
CA ASN C 301 9.36 36.95 -14.34
C ASN C 301 10.49 37.96 -14.47
N GLN C 302 10.71 38.78 -13.44
CA GLN C 302 11.79 39.76 -13.50
C GLN C 302 13.16 39.09 -13.53
N ALA C 303 13.27 37.89 -12.96
CA ALA C 303 14.55 37.18 -12.97
C ALA C 303 14.86 36.60 -14.33
N LEU C 304 13.84 36.22 -15.09
CA LEU C 304 14.02 35.66 -16.42
C LEU C 304 13.80 36.69 -17.53
N ASN C 305 13.27 37.88 -17.20
CA ASN C 305 12.92 38.89 -18.19
C ASN C 305 11.93 38.33 -19.22
N ARG C 306 11.02 37.48 -18.76
CA ARG C 306 9.97 36.93 -19.59
C ARG C 306 8.66 36.96 -18.82
N ASP C 307 7.56 36.70 -19.53
CA ASP C 307 6.25 36.56 -18.90
C ASP C 307 5.91 35.08 -18.72
N CYS C 308 6.82 34.38 -18.03
CA CYS C 308 6.69 32.94 -17.88
C CYS C 308 5.53 32.58 -16.96
N ILE C 309 5.57 33.04 -15.71
CA ILE C 309 4.52 32.75 -14.75
C ILE C 309 3.31 33.63 -15.07
N ILE C 310 2.18 32.99 -15.34
CA ILE C 310 0.92 33.68 -15.64
C ILE C 310 -0.12 33.18 -14.66
N LEU C 311 -0.59 34.06 -13.78
CA LEU C 311 -1.66 33.71 -12.85
C LEU C 311 -3.00 33.80 -13.55
N TYR C 312 -3.91 32.89 -13.21
CA TYR C 312 -5.25 32.91 -13.79
C TYR C 312 -6.24 32.13 -12.94
N GLU D 1 27.10 30.97 -18.40
CA GLU D 1 26.38 30.13 -19.36
C GLU D 1 26.41 30.74 -20.76
N MET D 2 26.48 29.88 -21.78
CA MET D 2 26.43 30.32 -23.16
C MET D 2 25.61 29.31 -23.96
N ARG D 3 24.64 29.82 -24.72
CA ARG D 3 23.71 28.98 -25.48
C ARG D 3 24.21 28.85 -26.91
N ILE D 4 24.41 27.61 -27.36
CA ILE D 4 24.97 27.31 -28.67
C ILE D 4 23.96 26.49 -29.46
N LEU D 5 23.71 26.89 -30.70
CA LEU D 5 22.88 26.12 -31.63
C LEU D 5 23.81 25.46 -32.64
N MET D 6 23.92 24.14 -32.56
CA MET D 6 24.76 23.37 -33.48
C MET D 6 23.88 22.90 -34.65
N VAL D 7 24.11 23.46 -35.82
CA VAL D 7 23.33 23.17 -37.01
C VAL D 7 24.27 22.71 -38.12
N GLY D 8 23.68 22.40 -39.28
CA GLY D 8 24.44 21.90 -40.41
C GLY D 8 23.75 20.75 -41.12
N LEU D 9 24.33 20.30 -42.24
CA LEU D 9 23.76 19.18 -42.97
C LEU D 9 23.82 17.91 -42.14
N ASP D 10 22.93 16.97 -42.47
CA ASP D 10 22.94 15.67 -41.80
C ASP D 10 24.18 14.89 -42.18
N ALA D 11 24.54 13.93 -41.32
CA ALA D 11 25.70 13.08 -41.48
C ALA D 11 27.01 13.88 -41.51
N ALA D 12 26.97 15.12 -41.01
CA ALA D 12 28.18 15.93 -40.93
C ALA D 12 28.98 15.60 -39.67
N GLY D 13 28.31 15.30 -38.57
CA GLY D 13 28.96 14.96 -37.33
C GLY D 13 28.51 15.80 -36.16
N LYS D 14 27.27 16.30 -36.23
CA LYS D 14 26.76 17.16 -35.15
C LYS D 14 26.59 16.38 -33.85
N THR D 15 25.84 15.28 -33.90
CA THR D 15 25.58 14.52 -32.67
C THR D 15 26.87 13.93 -32.11
N THR D 16 27.78 13.49 -32.99
CA THR D 16 29.05 12.93 -32.52
C THR D 16 29.88 13.99 -31.81
N ILE D 17 29.94 15.21 -32.37
CA ILE D 17 30.69 16.29 -31.73
C ILE D 17 30.10 16.61 -30.38
N LEU D 18 28.76 16.65 -30.28
CA LEU D 18 28.11 17.02 -29.03
C LEU D 18 28.45 16.03 -27.91
N TYR D 19 28.26 14.73 -28.18
CA TYR D 19 28.48 13.74 -27.14
C TYR D 19 29.93 13.34 -26.97
N LYS D 20 30.81 13.72 -27.90
CA LYS D 20 32.24 13.60 -27.62
C LYS D 20 32.68 14.63 -26.60
N LEU D 21 32.08 15.83 -26.67
CA LEU D 21 32.33 16.84 -25.63
C LEU D 21 31.70 16.44 -24.30
N LYS D 22 30.54 15.77 -24.34
CA LYS D 22 29.83 15.45 -23.11
C LYS D 22 30.35 14.17 -22.48
N LEU D 23 30.49 13.09 -23.26
CA LEU D 23 30.88 11.80 -22.73
C LEU D 23 32.36 11.47 -22.94
N GLY D 24 33.01 12.10 -23.92
CA GLY D 24 34.34 11.67 -24.30
C GLY D 24 34.37 10.39 -25.11
N GLU D 25 33.22 9.95 -25.60
CA GLU D 25 33.08 8.71 -26.36
C GLU D 25 32.50 9.01 -27.73
N ILE D 26 32.42 7.97 -28.55
CA ILE D 26 31.82 8.06 -29.88
C ILE D 26 30.51 7.29 -29.80
N VAL D 27 29.40 8.01 -29.67
CA VAL D 27 28.11 7.35 -29.54
C VAL D 27 27.69 6.74 -30.88
N THR D 28 26.82 5.74 -30.79
CA THR D 28 26.33 5.09 -32.00
C THR D 28 25.40 6.04 -32.76
N THR D 29 25.35 5.84 -34.08
CA THR D 29 24.56 6.72 -34.95
C THR D 29 23.08 6.62 -34.60
N ILE D 30 22.54 7.66 -33.97
CA ILE D 30 21.14 7.74 -33.62
C ILE D 30 20.51 8.81 -34.51
N PRO D 31 19.70 8.44 -35.51
CA PRO D 31 19.01 9.46 -36.33
C PRO D 31 18.28 10.49 -35.49
N THR D 32 18.71 11.74 -35.57
CA THR D 32 18.15 12.80 -34.73
C THR D 32 16.76 13.18 -35.24
N ILE D 33 15.74 12.50 -34.73
CA ILE D 33 14.37 12.77 -35.18
C ILE D 33 13.90 14.12 -34.68
N GLY D 34 14.23 14.47 -33.43
CA GLY D 34 13.87 15.77 -32.90
C GLY D 34 15.10 16.64 -32.70
N PHE D 35 15.63 16.66 -31.48
CA PHE D 35 16.83 17.42 -31.19
C PHE D 35 17.44 16.90 -29.90
N ASN D 36 18.75 17.06 -29.80
CA ASN D 36 19.50 16.72 -28.60
C ASN D 36 20.01 17.99 -27.93
N VAL D 37 20.19 17.92 -26.62
CA VAL D 37 20.68 19.06 -25.85
C VAL D 37 21.52 18.54 -24.70
N GLU D 38 22.72 19.09 -24.57
CA GLU D 38 23.65 18.69 -23.51
C GLU D 38 24.40 19.93 -23.01
N THR D 39 24.65 19.97 -21.71
CA THR D 39 25.42 21.03 -21.10
C THR D 39 26.83 20.54 -20.82
N VAL D 40 27.82 21.31 -21.24
CA VAL D 40 29.23 20.95 -21.09
C VAL D 40 29.93 22.07 -20.32
N GLU D 41 30.59 21.71 -19.23
CA GLU D 41 31.38 22.65 -18.43
C GLU D 41 32.81 22.67 -18.96
N TYR D 42 33.26 23.85 -19.38
CA TYR D 42 34.60 24.00 -19.93
C TYR D 42 35.13 25.39 -19.61
N LYS D 43 36.27 25.45 -18.94
CA LYS D 43 36.90 26.71 -18.53
C LYS D 43 35.92 27.60 -17.78
N ASN D 44 35.25 27.02 -16.79
CA ASN D 44 34.28 27.73 -15.94
C ASN D 44 33.18 28.37 -16.75
N ILE D 45 32.83 27.78 -17.89
CA ILE D 45 31.75 28.24 -18.75
C ILE D 45 30.84 27.05 -19.05
N SER D 46 29.53 27.25 -18.87
CA SER D 46 28.54 26.19 -19.10
C SER D 46 27.96 26.37 -20.49
N PHE D 47 28.45 25.57 -21.44
CA PHE D 47 27.94 25.57 -22.81
C PHE D 47 26.73 24.65 -22.88
N THR D 48 25.56 25.23 -23.13
CA THR D 48 24.35 24.47 -23.41
C THR D 48 24.20 24.40 -24.93
N VAL D 49 24.48 23.24 -25.50
CA VAL D 49 24.54 23.05 -26.95
C VAL D 49 23.28 22.34 -27.40
N TRP D 50 22.53 22.96 -28.31
CA TRP D 50 21.33 22.37 -28.90
C TRP D 50 21.71 21.71 -30.22
N ASP D 51 21.75 20.39 -30.24
CA ASP D 51 21.99 19.65 -31.48
C ASP D 51 20.66 19.49 -32.21
N VAL D 52 20.38 20.40 -33.13
CA VAL D 52 19.14 20.36 -33.91
C VAL D 52 19.32 19.39 -35.07
N GLY D 53 18.41 18.41 -35.17
CA GLY D 53 18.54 17.42 -36.23
C GLY D 53 18.43 18.02 -37.61
N GLY D 54 17.36 18.77 -37.86
CA GLY D 54 17.16 19.39 -39.15
C GLY D 54 16.08 20.45 -39.14
N LEU D 55 16.47 21.70 -38.90
CA LEU D 55 15.54 22.82 -38.90
C LEU D 55 15.18 23.27 -40.31
N ASP D 56 15.53 22.47 -41.32
CA ASP D 56 15.19 22.79 -42.70
C ASP D 56 13.67 22.86 -42.90
N LYS D 57 12.92 22.08 -42.13
CA LYS D 57 11.46 22.07 -42.22
C LYS D 57 10.78 22.60 -40.97
N ILE D 58 11.54 23.09 -39.99
CA ILE D 58 10.97 23.65 -38.77
C ILE D 58 11.75 24.89 -38.36
N ARG D 59 11.70 25.92 -39.21
CA ARG D 59 12.37 27.17 -38.87
C ARG D 59 11.65 27.96 -37.79
N PRO D 60 10.31 28.15 -37.84
CA PRO D 60 9.66 28.95 -36.80
C PRO D 60 9.68 28.32 -35.42
N LEU D 61 9.85 27.00 -35.31
CA LEU D 61 9.81 26.36 -33.99
C LEU D 61 11.04 26.72 -33.14
N TRP D 62 12.13 27.16 -33.76
CA TRP D 62 13.36 27.43 -33.04
C TRP D 62 13.67 28.92 -32.92
N ARG D 63 12.83 29.79 -33.49
CA ARG D 63 13.07 31.23 -33.39
C ARG D 63 12.90 31.73 -31.96
N HIS D 64 12.26 30.95 -31.07
CA HIS D 64 12.19 31.31 -29.67
C HIS D 64 13.57 31.36 -29.03
N TYR D 65 14.46 30.45 -29.43
CA TYR D 65 15.80 30.39 -28.89
C TYR D 65 16.79 31.28 -29.63
N PHE D 66 16.41 31.80 -30.79
CA PHE D 66 17.33 32.63 -31.57
C PHE D 66 17.69 33.91 -30.81
N GLN D 67 16.74 34.47 -30.05
CA GLN D 67 16.99 35.71 -29.33
C GLN D 67 18.07 35.54 -28.28
N ASN D 68 18.19 34.35 -27.70
CA ASN D 68 19.23 34.06 -26.70
C ASN D 68 20.29 33.11 -27.25
N THR D 69 20.42 33.02 -28.57
CA THR D 69 21.44 32.19 -29.20
C THR D 69 22.73 33.00 -29.30
N GLN D 70 23.70 32.66 -28.45
CA GLN D 70 24.96 33.41 -28.41
C GLN D 70 25.97 32.92 -29.44
N GLY D 71 25.90 31.65 -29.82
CA GLY D 71 26.83 31.11 -30.78
C GLY D 71 26.17 30.12 -31.71
N LEU D 72 26.71 30.02 -32.93
CA LEU D 72 26.26 29.07 -33.93
C LEU D 72 27.44 28.22 -34.37
N ILE D 73 27.36 26.91 -34.13
CA ILE D 73 28.37 25.96 -34.58
C ILE D 73 27.82 25.27 -35.81
N PHE D 74 28.43 25.53 -36.96
CA PHE D 74 28.02 24.94 -38.23
C PHE D 74 28.98 23.80 -38.57
N VAL D 75 28.47 22.58 -38.57
CA VAL D 75 29.28 21.40 -38.87
C VAL D 75 29.14 21.08 -40.36
N VAL D 76 30.27 20.93 -41.03
CA VAL D 76 30.31 20.62 -42.47
C VAL D 76 31.20 19.40 -42.67
N ASP D 77 30.71 18.44 -43.45
CA ASP D 77 31.48 17.25 -43.79
C ASP D 77 32.57 17.63 -44.79
N SER D 78 33.82 17.69 -44.33
CA SER D 78 34.92 18.10 -45.19
C SER D 78 35.24 17.07 -46.26
N ASN D 79 34.71 15.86 -46.16
CA ASN D 79 34.92 14.84 -47.19
C ASN D 79 33.79 14.80 -48.21
N ASP D 80 32.60 15.30 -47.87
CA ASP D 80 31.44 15.26 -48.76
C ASP D 80 31.53 16.45 -49.70
N ARG D 81 32.26 16.27 -50.80
CA ARG D 81 32.44 17.36 -51.76
C ARG D 81 31.18 17.60 -52.59
N GLU D 82 30.34 16.58 -52.76
CA GLU D 82 29.12 16.74 -53.54
C GLU D 82 28.09 17.60 -52.83
N ARG D 83 28.23 17.79 -51.52
CA ARG D 83 27.24 18.51 -50.73
C ARG D 83 27.81 19.75 -50.04
N VAL D 84 29.06 20.12 -50.32
CA VAL D 84 29.67 21.26 -49.64
C VAL D 84 28.93 22.54 -50.00
N ASN D 85 28.55 22.69 -51.27
CA ASN D 85 27.79 23.88 -51.67
C ASN D 85 26.39 23.86 -51.07
N GLU D 86 25.79 22.67 -50.92
CA GLU D 86 24.52 22.56 -50.21
C GLU D 86 24.65 23.11 -48.78
N ALA D 87 25.76 22.77 -48.11
CA ALA D 87 26.01 23.31 -46.77
C ALA D 87 26.13 24.82 -46.81
N ARG D 88 26.76 25.37 -47.85
CA ARG D 88 26.88 26.82 -47.99
C ARG D 88 25.51 27.49 -48.01
N GLU D 89 24.59 26.94 -48.81
CA GLU D 89 23.25 27.53 -48.90
C GLU D 89 22.53 27.47 -47.57
N GLU D 90 22.62 26.34 -46.87
CA GLU D 90 22.02 26.25 -45.54
C GLU D 90 22.67 27.23 -44.57
N LEU D 91 23.97 27.43 -44.69
CA LEU D 91 24.65 28.42 -43.86
C LEU D 91 24.16 29.83 -44.17
N MET D 92 23.98 30.14 -45.46
CA MET D 92 23.44 31.44 -45.84
C MET D 92 22.05 31.66 -45.26
N ARG D 93 21.21 30.62 -45.28
CA ARG D 93 19.89 30.73 -44.68
C ARG D 93 19.96 30.91 -43.17
N MET D 94 20.94 30.28 -42.53
CA MET D 94 21.11 30.45 -41.09
C MET D 94 21.64 31.84 -40.76
N LEU D 95 22.46 32.42 -41.64
CA LEU D 95 23.02 33.74 -41.39
C LEU D 95 22.09 34.88 -41.80
N ALA D 96 21.11 34.61 -42.66
CA ALA D 96 20.15 35.63 -43.06
C ALA D 96 19.03 35.83 -42.07
N GLU D 97 19.05 35.12 -40.94
CA GLU D 97 18.03 35.27 -39.91
C GLU D 97 18.34 36.51 -39.07
N ASP D 98 17.38 37.42 -39.00
CA ASP D 98 17.60 38.68 -38.27
C ASP D 98 17.82 38.44 -36.78
N GLU D 99 17.21 37.39 -36.23
CA GLU D 99 17.37 37.08 -34.83
C GLU D 99 18.71 36.42 -34.49
N LEU D 100 19.54 36.17 -35.50
CA LEU D 100 20.87 35.60 -35.28
C LEU D 100 21.97 36.55 -35.77
N ARG D 101 21.68 37.84 -35.89
CA ARG D 101 22.65 38.78 -36.42
C ARG D 101 23.78 39.09 -35.44
N ASP D 102 23.55 38.92 -34.14
CA ASP D 102 24.55 39.23 -33.12
C ASP D 102 25.25 38.00 -32.58
N ALA D 103 25.04 36.83 -33.19
CA ALA D 103 25.67 35.60 -32.75
C ALA D 103 26.96 35.35 -33.50
N VAL D 104 27.92 34.72 -32.81
CA VAL D 104 29.18 34.34 -33.43
C VAL D 104 29.00 33.02 -34.16
N LEU D 105 29.83 32.80 -35.19
CA LEU D 105 29.72 31.63 -36.05
C LEU D 105 31.02 30.84 -35.98
N LEU D 106 30.92 29.57 -35.59
CA LEU D 106 32.06 28.65 -35.51
C LEU D 106 31.82 27.51 -36.48
N VAL D 107 32.66 27.42 -37.51
CA VAL D 107 32.54 26.37 -38.53
C VAL D 107 33.48 25.24 -38.17
N PHE D 108 32.94 24.02 -38.10
CA PHE D 108 33.73 22.82 -37.80
C PHE D 108 33.92 22.05 -39.11
N ALA D 109 35.13 22.12 -39.67
CA ALA D 109 35.49 21.32 -40.83
C ALA D 109 35.73 19.89 -40.35
N ASN D 110 34.64 19.16 -40.16
CA ASN D 110 34.68 17.86 -39.51
C ASN D 110 35.20 16.79 -40.48
N LYS D 111 35.53 15.63 -39.91
CA LYS D 111 35.99 14.46 -40.66
C LYS D 111 37.29 14.74 -41.41
N GLN D 112 38.24 15.36 -40.70
CA GLN D 112 39.56 15.63 -41.26
C GLN D 112 40.44 14.40 -41.32
N ASP D 113 40.08 13.33 -40.62
CA ASP D 113 40.87 12.09 -40.66
C ASP D 113 40.71 11.35 -41.98
N LEU D 114 39.67 11.67 -42.75
CA LEU D 114 39.47 11.00 -44.02
C LEU D 114 40.48 11.52 -45.04
N PRO D 115 40.92 10.66 -45.97
CA PRO D 115 42.03 11.06 -46.85
C PRO D 115 41.65 12.16 -47.83
N ASN D 116 40.42 12.14 -48.34
CA ASN D 116 39.99 13.09 -49.37
C ASN D 116 39.33 14.33 -48.78
N ALA D 117 39.50 14.58 -47.48
CA ALA D 117 38.85 15.70 -46.83
C ALA D 117 39.56 17.00 -47.15
N MET D 118 38.76 18.04 -47.45
CA MET D 118 39.32 19.36 -47.72
C MET D 118 39.84 19.98 -46.44
N ASN D 119 40.91 20.78 -46.57
CA ASN D 119 41.46 21.49 -45.42
C ASN D 119 40.55 22.66 -45.05
N ALA D 120 40.94 23.39 -43.99
CA ALA D 120 40.13 24.51 -43.54
C ALA D 120 40.07 25.63 -44.58
N ALA D 121 41.13 25.82 -45.35
CA ALA D 121 41.15 26.89 -46.35
C ALA D 121 40.16 26.59 -47.47
N GLU D 122 40.15 25.36 -47.98
CA GLU D 122 39.25 25.00 -49.07
C GLU D 122 37.79 25.07 -48.61
N ILE D 123 37.50 24.68 -47.38
CA ILE D 123 36.15 24.82 -46.86
C ILE D 123 35.80 26.29 -46.69
N THR D 124 36.75 27.11 -46.24
CA THR D 124 36.50 28.54 -46.10
C THR D 124 36.20 29.18 -47.45
N ASP D 125 36.78 28.67 -48.52
CA ASP D 125 36.55 29.23 -49.85
C ASP D 125 35.23 28.77 -50.44
N LYS D 126 34.85 27.51 -50.19
CA LYS D 126 33.61 26.99 -50.75
C LYS D 126 32.38 27.46 -50.00
N LEU D 127 32.51 27.72 -48.69
CA LEU D 127 31.39 28.25 -47.92
C LEU D 127 31.23 29.76 -48.08
N GLY D 128 32.28 30.46 -48.51
CA GLY D 128 32.18 31.89 -48.71
C GLY D 128 32.33 32.71 -47.44
N LEU D 129 33.12 32.23 -46.47
CA LEU D 129 33.23 32.95 -45.20
C LEU D 129 33.93 34.28 -45.37
N HIS D 130 34.89 34.38 -46.28
CA HIS D 130 35.60 35.64 -46.47
C HIS D 130 34.74 36.72 -47.10
N SER D 131 33.59 36.36 -47.68
CA SER D 131 32.66 37.32 -48.24
C SER D 131 31.61 37.79 -47.23
N LEU D 132 31.70 37.34 -45.98
CA LEU D 132 30.76 37.75 -44.95
C LEU D 132 31.16 39.11 -44.38
N ARG D 133 30.15 39.87 -43.98
CA ARG D 133 30.35 41.19 -43.41
C ARG D 133 29.59 41.31 -42.10
N HIS D 134 30.20 42.01 -41.13
CA HIS D 134 29.60 42.25 -39.82
C HIS D 134 29.21 40.94 -39.14
N ARG D 135 30.09 39.95 -39.24
CA ARG D 135 29.87 38.63 -38.63
C ARG D 135 31.19 38.15 -38.07
N ASN D 136 31.27 38.02 -36.74
CA ASN D 136 32.47 37.53 -36.08
C ASN D 136 32.50 36.01 -36.20
N TRP D 137 33.26 35.51 -37.18
CA TRP D 137 33.28 34.10 -37.51
C TRP D 137 34.69 33.54 -37.36
N TYR D 138 34.79 32.21 -37.48
CA TYR D 138 36.04 31.46 -37.35
C TYR D 138 35.77 30.02 -37.75
N ILE D 139 36.75 29.39 -38.39
CA ILE D 139 36.65 28.01 -38.85
C ILE D 139 37.75 27.20 -38.18
N GLN D 140 37.43 25.95 -37.84
CA GLN D 140 38.37 25.08 -37.15
C GLN D 140 38.28 23.67 -37.73
N ALA D 141 39.43 23.13 -38.13
CA ALA D 141 39.49 21.76 -38.62
C ALA D 141 39.41 20.79 -37.44
N THR D 142 38.42 19.91 -37.47
CA THR D 142 38.14 19.04 -36.34
C THR D 142 38.01 17.59 -36.80
N CYS D 143 38.08 16.68 -35.82
CA CYS D 143 37.85 15.26 -36.04
C CYS D 143 37.10 14.74 -34.81
N ALA D 144 35.79 14.56 -34.96
CA ALA D 144 34.96 14.15 -33.83
C ALA D 144 35.35 12.78 -33.29
N THR D 145 35.95 11.92 -34.13
CA THR D 145 36.38 10.62 -33.66
C THR D 145 37.47 10.75 -32.60
N SER D 146 38.61 11.34 -32.97
CA SER D 146 39.70 11.53 -32.03
C SER D 146 39.46 12.68 -31.06
N GLY D 147 38.73 13.70 -31.50
CA GLY D 147 38.46 14.86 -30.67
C GLY D 147 39.29 16.09 -30.98
N ASP D 148 40.19 16.00 -31.96
CA ASP D 148 41.05 17.14 -32.28
C ASP D 148 40.21 18.32 -32.75
N GLY D 149 40.61 19.52 -32.33
CA GLY D 149 39.95 20.74 -32.75
C GLY D 149 38.69 21.09 -32.00
N LEU D 150 38.09 20.14 -31.29
CA LEU D 150 36.84 20.42 -30.57
C LEU D 150 37.06 21.47 -29.49
N TYR D 151 38.05 21.26 -28.63
CA TYR D 151 38.33 22.26 -27.60
C TYR D 151 38.94 23.53 -28.19
N GLU D 152 39.57 23.44 -29.36
CA GLU D 152 40.05 24.65 -30.03
C GLU D 152 38.90 25.56 -30.42
N GLY D 153 37.83 24.98 -30.98
CA GLY D 153 36.65 25.77 -31.29
C GLY D 153 35.96 26.29 -30.04
N LEU D 154 35.92 25.48 -28.98
CA LEU D 154 35.36 25.95 -27.72
C LEU D 154 36.19 27.05 -27.11
N ASP D 155 37.51 27.02 -27.32
CA ASP D 155 38.37 28.12 -26.86
C ASP D 155 38.01 29.42 -27.57
N TRP D 156 37.71 29.35 -28.87
CA TRP D 156 37.30 30.53 -29.60
C TRP D 156 35.96 31.05 -29.12
N LEU D 157 35.00 30.15 -28.88
CA LEU D 157 33.71 30.57 -28.35
C LEU D 157 33.85 31.19 -26.97
N SER D 158 34.76 30.64 -26.15
CA SER D 158 35.00 31.21 -24.82
C SER D 158 35.55 32.62 -24.91
N ASN D 159 36.39 32.88 -25.92
CA ASN D 159 36.96 34.21 -26.08
C ASN D 159 35.90 35.22 -26.53
N GLN D 160 34.97 34.79 -27.38
CA GLN D 160 33.92 35.69 -27.87
C GLN D 160 32.90 36.02 -26.80
N LEU D 161 32.97 35.39 -25.63
CA LEU D 161 32.05 35.67 -24.54
C LEU D 161 32.52 36.86 -23.72
N PHE E 3 -17.78 -46.62 18.53
CA PHE E 3 -17.70 -45.17 18.44
C PHE E 3 -17.25 -44.76 17.05
N ASP E 4 -16.24 -45.47 16.53
CA ASP E 4 -15.68 -45.11 15.23
C ASP E 4 -16.70 -45.25 14.11
N GLU E 5 -17.58 -46.24 14.21
CA GLU E 5 -18.64 -46.40 13.23
C GLU E 5 -19.57 -45.18 13.21
N VAL E 6 -19.96 -44.70 14.39
CA VAL E 6 -20.90 -43.60 14.51
C VAL E 6 -20.27 -42.25 14.21
N PHE E 7 -18.96 -42.10 14.43
CA PHE E 7 -18.33 -40.78 14.32
C PHE E 7 -18.54 -40.19 12.94
N CYS E 8 -19.17 -39.02 12.90
CA CYS E 8 -19.56 -38.41 11.63
C CYS E 8 -18.35 -37.97 10.84
N GLY E 9 -17.43 -37.25 11.47
CA GLY E 9 -16.27 -36.69 10.80
C GLY E 9 -16.27 -35.17 10.83
N LEU E 10 -15.13 -34.62 10.41
CA LEU E 10 -14.95 -33.18 10.41
C LEU E 10 -14.29 -32.74 9.11
N SER E 11 -14.82 -31.67 8.51
CA SER E 11 -14.16 -31.06 7.37
C SER E 11 -12.85 -30.43 7.80
N ASN E 12 -11.88 -30.39 6.88
CA ASN E 12 -10.54 -29.91 7.21
C ASN E 12 -10.56 -28.48 7.73
N GLU E 13 -11.43 -27.63 7.19
CA GLU E 13 -11.51 -26.26 7.69
C GLU E 13 -11.99 -26.22 9.14
N GLU E 14 -12.79 -27.21 9.55
CA GLU E 14 -13.21 -27.27 10.94
C GLU E 14 -12.11 -27.85 11.84
N ARG E 15 -11.44 -28.91 11.38
CA ARG E 15 -10.26 -29.40 12.09
C ARG E 15 -9.21 -28.32 12.23
N LYS E 16 -9.05 -27.50 11.19
CA LYS E 16 -8.08 -26.41 11.23
C LYS E 16 -8.41 -25.39 12.31
N LYS E 17 -9.70 -25.08 12.47
CA LYS E 17 -10.10 -24.13 13.51
C LYS E 17 -9.90 -24.70 14.90
N VAL E 18 -10.22 -25.98 15.10
CA VAL E 18 -10.07 -26.60 16.42
C VAL E 18 -8.60 -26.69 16.80
N TYR E 19 -7.75 -27.13 15.85
CA TYR E 19 -6.31 -27.20 16.13
C TYR E 19 -5.74 -25.83 16.46
N GLY E 20 -6.26 -24.78 15.85
CA GLY E 20 -5.83 -23.44 16.22
C GLY E 20 -6.20 -23.08 17.64
N ARG E 21 -7.45 -23.35 18.02
CA ARG E 21 -7.87 -23.07 19.39
C ARG E 21 -7.08 -23.89 20.41
N LEU E 22 -6.70 -25.12 20.04
CA LEU E 22 -5.86 -25.93 20.93
C LEU E 22 -4.45 -25.34 21.05
N PHE E 23 -3.94 -24.74 19.97
CA PHE E 23 -2.67 -24.04 20.06
C PHE E 23 -2.79 -22.82 20.97
N GLY E 24 -3.90 -22.07 20.84
CA GLY E 24 -4.07 -20.89 21.67
C GLY E 24 -4.16 -21.21 23.15
N LYS E 25 -4.82 -22.31 23.50
CA LYS E 25 -4.88 -22.72 24.90
C LYS E 25 -3.50 -23.11 25.42
N GLN E 26 -2.64 -23.64 24.56
CA GLN E 26 -1.27 -23.92 24.96
C GLN E 26 -0.48 -22.63 25.16
N VAL E 27 -0.77 -21.59 24.38
CA VAL E 27 -0.15 -20.29 24.60
C VAL E 27 -0.55 -19.73 25.95
N LEU E 28 -1.85 -19.83 26.28
CA LEU E 28 -2.33 -19.37 27.58
C LEU E 28 -1.69 -20.17 28.71
N ALA E 29 -1.62 -21.50 28.56
CA ALA E 29 -0.99 -22.33 29.58
C ALA E 29 0.48 -22.02 29.71
N HIS E 30 1.13 -21.61 28.62
CA HIS E 30 2.54 -21.22 28.69
C HIS E 30 2.72 -19.94 29.50
N ILE E 31 1.86 -18.95 29.28
CA ILE E 31 1.95 -17.70 30.04
C ILE E 31 1.54 -17.94 31.49
N HIS E 32 0.56 -18.81 31.72
CA HIS E 32 0.13 -19.10 33.08
C HIS E 32 1.22 -19.80 33.87
N SER E 33 1.99 -20.67 33.22
CA SER E 33 3.10 -21.35 33.89
C SER E 33 4.21 -20.37 34.22
N ARG E 34 4.47 -19.40 33.33
CA ARG E 34 5.45 -18.35 33.63
C ARG E 34 5.07 -17.57 34.88
N CYS E 35 3.79 -17.24 35.02
CA CYS E 35 3.34 -16.48 36.19
C CYS E 35 3.35 -17.33 37.45
N GLN E 36 3.05 -18.63 37.33
CA GLN E 36 3.13 -19.52 38.49
C GLN E 36 4.57 -19.70 38.96
N ARG E 37 5.53 -19.66 38.02
CA ARG E 37 6.94 -19.79 38.39
C ARG E 37 7.42 -18.56 39.14
N ASP E 38 7.05 -17.37 38.69
CA ASP E 38 7.50 -16.12 39.29
C ASP E 38 6.45 -15.54 40.26
N ALA E 39 5.60 -16.40 40.82
CA ALA E 39 4.50 -15.90 41.66
C ALA E 39 5.03 -15.18 42.89
N ASP E 40 6.11 -15.67 43.50
CA ASP E 40 6.63 -15.07 44.70
C ASP E 40 7.25 -13.70 44.42
N ILE E 41 8.13 -13.62 43.43
CA ILE E 41 8.79 -12.34 43.13
C ILE E 41 7.79 -11.33 42.59
N ILE E 42 6.75 -11.80 41.89
CA ILE E 42 5.72 -10.88 41.40
C ILE E 42 4.94 -10.28 42.56
N ARG E 43 4.52 -11.13 43.50
CA ARG E 43 3.80 -10.64 44.66
C ARG E 43 4.68 -9.72 45.50
N GLU E 44 5.96 -10.07 45.66
CA GLU E 44 6.87 -9.21 46.41
C GLU E 44 7.08 -7.88 45.72
N LYS E 45 7.14 -7.87 44.38
CA LYS E 45 7.27 -6.62 43.66
C LYS E 45 6.00 -5.79 43.74
N ALA E 46 4.84 -6.46 43.70
CA ALA E 46 3.58 -5.74 43.78
C ALA E 46 3.39 -5.12 45.16
N LEU E 47 3.67 -5.87 46.22
CA LEU E 47 3.61 -5.31 47.57
C LEU E 47 4.63 -4.20 47.75
N ARG E 48 5.76 -4.26 47.05
CA ARG E 48 6.75 -3.19 47.09
C ARG E 48 6.18 -1.89 46.54
N ARG E 49 5.42 -1.98 45.44
CA ARG E 49 4.83 -0.79 44.85
C ARG E 49 3.73 -0.21 45.74
N ILE E 50 2.95 -1.08 46.40
CA ILE E 50 1.85 -0.62 47.23
C ILE E 50 2.36 0.17 48.43
N SER E 51 3.36 -0.39 49.12
CA SER E 51 3.94 0.33 50.25
C SER E 51 4.67 1.59 49.80
N ARG E 52 5.16 1.61 48.56
CA ARG E 52 5.82 2.81 48.04
C ARG E 52 4.81 3.94 47.85
N GLU E 53 3.60 3.62 47.38
CA GLU E 53 2.57 4.63 47.24
C GLU E 53 1.94 4.96 48.59
N CYS E 54 1.31 3.98 49.22
CA CYS E 54 0.68 4.17 50.52
C CYS E 54 1.68 3.96 51.65
N ILE E 58 -0.61 0.68 56.00
CA ILE E 58 -1.82 -0.14 55.99
C ILE E 58 -1.47 -1.55 55.52
N ASP E 59 -2.33 -2.52 55.84
CA ASP E 59 -2.11 -3.90 55.44
C ASP E 59 -2.07 -4.03 53.92
N CYS E 60 -0.86 -4.07 53.36
CA CYS E 60 -0.73 -4.15 51.90
C CYS E 60 -1.33 -5.42 51.34
N ALA E 61 -1.38 -6.50 52.15
CA ALA E 61 -2.01 -7.73 51.70
C ALA E 61 -3.49 -7.51 51.42
N LEU E 62 -4.16 -6.72 52.26
CA LEU E 62 -5.57 -6.45 52.04
C LEU E 62 -5.78 -5.50 50.86
N LEU E 63 -4.93 -4.48 50.74
CA LEU E 63 -5.08 -3.53 49.64
C LEU E 63 -4.76 -4.18 48.30
N LEU E 64 -3.75 -5.06 48.26
CA LEU E 64 -3.44 -5.76 47.02
C LEU E 64 -4.57 -6.68 46.60
N ASN E 65 -5.20 -7.36 47.56
CA ASN E 65 -6.33 -8.22 47.26
C ASN E 65 -7.51 -7.42 46.71
N LYS E 66 -7.71 -6.21 47.24
CA LYS E 66 -8.78 -5.36 46.74
C LYS E 66 -8.54 -4.95 45.29
N MET E 67 -7.29 -4.62 44.96
CA MET E 67 -6.97 -4.26 43.58
C MET E 67 -7.06 -5.46 42.65
N VAL E 68 -6.71 -6.66 43.14
CA VAL E 68 -6.82 -7.85 42.32
C VAL E 68 -8.29 -8.19 42.06
N ASP E 69 -9.14 -8.06 43.07
CA ASP E 69 -10.56 -8.34 42.89
C ASP E 69 -11.23 -7.34 41.96
N ILE E 70 -10.72 -6.10 41.92
CA ILE E 70 -11.29 -5.11 41.02
C ILE E 70 -10.93 -5.42 39.58
N LEU E 71 -9.65 -5.75 39.33
CA LEU E 71 -9.23 -6.11 37.97
C LEU E 71 -9.89 -7.39 37.50
N GLN E 72 -10.12 -8.34 38.40
CA GLN E 72 -10.76 -9.59 38.01
C GLN E 72 -12.25 -9.39 37.73
N ASN E 73 -12.93 -8.58 38.54
CA ASN E 73 -14.34 -8.29 38.35
C ASN E 73 -14.61 -7.15 37.38
N ALA E 74 -13.57 -6.66 36.69
CA ALA E 74 -13.75 -5.64 35.67
C ALA E 74 -14.45 -6.24 34.45
N ARG E 75 -14.99 -5.35 33.62
CA ARG E 75 -15.65 -5.78 32.38
C ARG E 75 -14.66 -5.78 31.23
N LEU E 76 -14.91 -6.65 30.26
CA LEU E 76 -14.04 -6.83 29.10
C LEU E 76 -14.73 -6.20 27.89
N THR E 77 -14.06 -5.25 27.24
CA THR E 77 -14.66 -4.46 26.17
C THR E 77 -13.83 -4.55 24.90
N ILE E 78 -14.51 -4.59 23.76
CA ILE E 78 -13.90 -4.50 22.44
C ILE E 78 -14.55 -3.33 21.72
N ASN E 79 -13.83 -2.22 21.60
CA ASN E 79 -14.38 -1.02 21.00
C ASN E 79 -14.31 -1.07 19.48
N PHE E 80 -15.28 -0.41 18.84
CA PHE E 80 -15.31 -0.29 17.39
C PHE E 80 -16.04 1.00 17.04
N ASN E 81 -15.87 1.43 15.78
CA ASN E 81 -16.45 2.67 15.28
C ASN E 81 -17.64 2.30 14.40
N ALA E 82 -18.85 2.51 14.92
CA ALA E 82 -20.05 2.13 14.19
C ALA E 82 -20.30 2.97 12.94
N ALA E 83 -19.58 4.08 12.77
CA ALA E 83 -19.72 4.91 11.59
C ALA E 83 -18.74 4.54 10.48
N LYS E 84 -17.71 3.75 10.78
CA LYS E 84 -16.72 3.35 9.80
C LYS E 84 -16.79 1.87 9.41
N ILE E 85 -17.39 1.03 10.24
CA ILE E 85 -17.61 -0.37 9.92
C ILE E 85 -19.11 -0.64 10.04
N ASP E 86 -19.58 -1.61 9.26
CA ASP E 86 -20.98 -2.02 9.32
C ASP E 86 -21.16 -3.01 10.45
N PHE E 87 -21.65 -2.52 11.60
CA PHE E 87 -21.88 -3.42 12.73
C PHE E 87 -22.97 -4.44 12.40
N VAL E 88 -23.90 -4.07 11.52
CA VAL E 88 -24.96 -5.02 11.12
C VAL E 88 -24.34 -6.20 10.39
N SER E 89 -23.42 -5.94 9.46
CA SER E 89 -22.70 -7.03 8.82
C SER E 89 -21.83 -7.78 9.82
N LEU E 90 -21.30 -7.08 10.82
CA LEU E 90 -20.47 -7.73 11.83
C LEU E 90 -21.30 -8.66 12.71
N LEU E 91 -22.46 -8.19 13.16
CA LEU E 91 -23.30 -9.00 14.04
C LEU E 91 -23.87 -10.21 13.31
N LYS E 92 -24.18 -10.09 12.02
CA LYS E 92 -24.73 -11.21 11.27
C LYS E 92 -23.69 -12.29 10.99
N ASN E 93 -22.40 -12.00 11.15
CA ASN E 93 -21.38 -13.01 10.95
C ASN E 93 -21.37 -14.07 12.04
N LYS E 94 -22.04 -13.80 13.17
CA LYS E 94 -22.16 -14.70 14.30
C LYS E 94 -20.82 -15.03 14.95
N GLU E 95 -19.77 -14.27 14.66
CA GLU E 95 -18.45 -14.54 15.22
C GLU E 95 -17.56 -13.34 15.01
N TYR E 96 -16.73 -13.03 16.00
CA TYR E 96 -15.72 -11.99 15.91
C TYR E 96 -14.38 -12.61 15.56
N LEU E 97 -13.67 -11.98 14.63
CA LEU E 97 -12.41 -12.51 14.12
C LEU E 97 -11.33 -11.45 14.23
N ASN E 98 -10.09 -11.90 14.38
CA ASN E 98 -8.94 -11.00 14.47
C ASN E 98 -8.52 -10.57 13.07
N SER E 99 -7.35 -9.93 12.98
CA SER E 99 -6.91 -9.36 11.70
C SER E 99 -6.47 -10.43 10.71
N TYR E 100 -6.17 -11.65 11.16
CA TYR E 100 -5.74 -12.70 10.24
C TYR E 100 -6.88 -13.26 9.41
N ALA E 101 -8.12 -12.88 9.68
CA ALA E 101 -9.25 -13.36 8.90
C ALA E 101 -9.81 -12.25 8.02
N PRO E 110 -3.46 -6.23 4.01
CA PRO E 110 -3.19 -6.35 5.45
C PRO E 110 -1.70 -6.52 5.74
N ALA E 111 -0.90 -5.53 5.34
CA ALA E 111 0.54 -5.60 5.57
C ALA E 111 0.91 -5.54 7.04
N TYR E 112 0.00 -5.05 7.89
CA TYR E 112 0.28 -5.02 9.32
C TYR E 112 0.34 -6.40 9.94
N ASN E 113 -0.30 -7.40 9.31
CA ASN E 113 -0.33 -8.74 9.87
C ASN E 113 1.07 -9.31 10.05
N VAL E 114 1.97 -9.05 9.10
CA VAL E 114 3.33 -9.57 9.19
C VAL E 114 4.00 -9.10 10.47
N GLY E 115 4.02 -7.78 10.69
CA GLY E 115 4.58 -7.26 11.93
C GLY E 115 3.82 -7.74 13.15
N ARG E 116 2.50 -7.86 13.04
CA ARG E 116 1.71 -8.36 14.16
C ARG E 116 2.07 -9.81 14.48
N ASP E 117 2.35 -10.61 13.45
CA ASP E 117 2.84 -11.96 13.68
C ASP E 117 4.19 -11.93 14.40
N SER E 118 5.09 -11.05 13.97
CA SER E 118 6.39 -10.93 14.62
C SER E 118 6.25 -10.53 16.08
N VAL E 119 5.35 -9.59 16.37
CA VAL E 119 5.12 -9.18 17.75
C VAL E 119 4.55 -10.34 18.57
N GLU E 120 3.55 -11.03 18.01
CA GLU E 120 2.93 -12.14 18.73
C GLU E 120 3.90 -13.29 18.95
N THR E 121 4.84 -13.50 18.02
CA THR E 121 5.81 -14.57 18.19
C THR E 121 6.84 -14.23 19.27
N LYS E 122 7.21 -12.95 19.36
CA LYS E 122 8.19 -12.53 20.35
C LYS E 122 7.58 -12.21 21.71
N ALA E 123 6.31 -11.79 21.73
CA ALA E 123 5.68 -11.45 23.01
C ALA E 123 5.17 -12.69 23.73
N PHE E 124 4.50 -13.59 23.00
CA PHE E 124 3.92 -14.78 23.60
C PHE E 124 4.88 -15.97 23.57
N GLU E 125 6.12 -15.78 23.13
CA GLU E 125 7.12 -16.86 23.05
C GLU E 125 6.59 -18.05 22.26
N LEU E 126 6.04 -17.76 21.07
CA LEU E 126 5.46 -18.81 20.25
C LEU E 126 6.51 -19.81 19.76
N GLU E 127 7.78 -19.41 19.71
CA GLU E 127 8.82 -20.34 19.31
C GLU E 127 9.02 -21.46 20.32
N LYS E 128 8.60 -21.26 21.58
CA LYS E 128 8.68 -22.32 22.58
C LYS E 128 7.67 -23.43 22.33
N LEU E 129 6.70 -23.23 21.43
CA LEU E 129 5.70 -24.23 21.11
C LEU E 129 5.92 -24.85 19.74
N ALA E 130 7.13 -24.70 19.19
CA ALA E 130 7.41 -25.23 17.86
C ALA E 130 7.33 -26.75 17.84
N ASP E 131 7.58 -27.41 18.97
CA ASP E 131 7.54 -28.85 19.08
C ASP E 131 6.14 -29.37 19.41
N SER E 132 5.14 -28.51 19.47
CA SER E 132 3.78 -28.93 19.78
C SER E 132 3.14 -29.57 18.56
N PRO E 133 2.28 -30.57 18.76
CA PRO E 133 1.57 -31.19 17.62
C PRO E 133 0.62 -30.24 16.91
N TYR E 134 0.30 -29.10 17.51
CA TYR E 134 -0.58 -28.11 16.91
C TYR E 134 0.19 -26.88 16.44
N ALA E 135 1.53 -26.93 16.45
CA ALA E 135 2.32 -25.82 15.93
C ALA E 135 2.07 -25.53 14.46
N PRO E 136 1.93 -26.51 13.56
CA PRO E 136 1.65 -26.17 12.15
C PRO E 136 0.39 -25.35 11.94
N TYR E 137 -0.48 -25.26 12.94
CA TYR E 137 -1.72 -24.51 12.83
C TYR E 137 -1.66 -23.18 13.58
N GLY E 138 -0.54 -22.86 14.21
CA GLY E 138 -0.37 -21.59 14.89
C GLY E 138 0.84 -20.83 14.38
N GLN E 139 1.42 -21.32 13.28
CA GLN E 139 2.59 -20.70 12.67
C GLN E 139 2.26 -20.29 11.24
N THR E 140 2.49 -19.02 10.92
CA THR E 140 2.21 -18.53 9.58
C THR E 140 3.21 -19.06 8.56
N GLY E 141 4.42 -19.38 9.00
CA GLY E 141 5.46 -19.82 8.08
C GLY E 141 5.89 -18.74 7.11
N GLY E 142 5.89 -17.48 7.54
CA GLY E 142 6.15 -16.37 6.66
C GLY E 142 4.90 -15.87 5.96
N PHE E 143 5.05 -14.71 5.31
CA PHE E 143 3.96 -14.06 4.62
C PHE E 143 4.28 -13.93 3.14
N SER E 144 3.26 -14.12 2.30
CA SER E 144 3.42 -14.05 0.86
C SER E 144 3.48 -12.60 0.41
N VAL E 145 3.47 -12.38 -0.91
CA VAL E 145 3.57 -11.01 -1.43
C VAL E 145 2.32 -10.22 -1.10
N ALA E 146 1.18 -10.87 -0.93
CA ALA E 146 -0.07 -10.21 -0.58
C ALA E 146 -0.28 -10.10 0.92
N TYR E 147 0.79 -10.24 1.71
CA TYR E 147 0.71 -10.20 3.17
C TYR E 147 -0.24 -11.29 3.69
N THR E 148 -0.19 -12.46 3.05
CA THR E 148 -0.95 -13.64 3.43
C THR E 148 -0.01 -14.74 3.89
N PRO E 149 -0.40 -15.53 4.89
CA PRO E 149 0.50 -16.55 5.42
C PRO E 149 0.81 -17.62 4.38
N ASN E 150 2.08 -18.05 4.34
CA ASN E 150 2.48 -19.09 3.41
C ASN E 150 1.96 -20.47 3.83
N SER E 151 1.82 -20.69 5.14
CA SER E 151 1.37 -21.98 5.63
C SER E 151 -0.10 -22.19 5.29
N ARG E 152 -0.39 -23.24 4.52
CA ARG E 152 -1.77 -23.56 4.17
C ARG E 152 -2.58 -24.08 5.35
N THR E 153 -1.93 -24.41 6.47
CA THR E 153 -2.61 -24.92 7.64
C THR E 153 -2.73 -23.89 8.77
N PHE E 154 -2.16 -22.71 8.60
CA PHE E 154 -2.29 -21.67 9.61
C PHE E 154 -3.74 -21.29 9.84
N SER E 155 -4.17 -21.33 11.09
CA SER E 155 -5.56 -21.09 11.45
C SER E 155 -5.71 -19.74 12.11
N THR E 156 -6.80 -19.04 11.78
CA THR E 156 -7.10 -17.76 12.41
C THR E 156 -7.32 -17.93 13.91
N THR E 157 -7.98 -19.02 14.32
CA THR E 157 -8.34 -19.25 15.72
C THR E 157 -7.12 -19.43 16.62
N SER E 158 -5.93 -19.64 16.07
CA SER E 158 -4.74 -19.84 16.88
C SER E 158 -4.20 -18.55 17.47
N ARG E 159 -4.67 -17.40 17.01
CA ARG E 159 -4.17 -16.12 17.48
C ARG E 159 -5.24 -15.37 18.26
N PRO E 160 -4.87 -14.60 19.27
CA PRO E 160 -5.86 -14.03 20.19
C PRO E 160 -6.67 -12.91 19.55
N ILE E 161 -7.79 -12.62 20.21
CA ILE E 161 -8.63 -11.47 19.89
C ILE E 161 -8.38 -10.40 20.94
N TYR E 162 -8.06 -9.19 20.49
CA TYR E 162 -7.62 -8.13 21.39
C TYR E 162 -8.81 -7.38 21.98
N ALA E 163 -8.68 -7.03 23.27
CA ALA E 163 -9.72 -6.33 23.99
C ALA E 163 -9.07 -5.42 25.02
N ALA E 164 -9.89 -4.75 25.82
CA ALA E 164 -9.41 -3.86 26.86
C ALA E 164 -10.11 -4.21 28.17
N LEU E 165 -9.36 -4.12 29.27
CA LEU E 165 -9.89 -4.38 30.61
C LEU E 165 -10.37 -3.07 31.19
N ASP E 166 -11.68 -2.81 31.08
CA ASP E 166 -12.26 -1.53 31.50
C ASP E 166 -12.60 -1.62 32.99
N PHE E 167 -11.58 -1.47 33.83
CA PHE E 167 -11.78 -1.55 35.27
C PHE E 167 -12.30 -0.27 35.88
N LEU E 168 -12.37 0.81 35.12
CA LEU E 168 -12.93 2.08 35.60
C LEU E 168 -14.32 2.35 35.05
N ASN E 169 -14.88 1.44 34.25
CA ASN E 169 -16.17 1.63 33.60
C ASN E 169 -16.19 2.95 32.82
N GLY E 170 -15.38 2.97 31.77
CA GLY E 170 -15.29 4.17 30.95
C GLY E 170 -16.61 4.52 30.29
N GLU E 171 -16.80 5.81 30.03
CA GLU E 171 -18.02 6.27 29.39
C GLU E 171 -18.16 5.67 27.99
N ASN E 172 -17.05 5.50 27.28
CA ASN E 172 -17.05 4.96 25.93
C ASN E 172 -16.27 3.65 25.85
N GLY E 173 -16.22 2.91 26.94
CA GLY E 173 -15.52 1.64 26.96
C GLY E 173 -14.10 1.76 27.44
N GLY E 174 -13.38 0.64 27.33
CA GLY E 174 -12.00 0.56 27.79
C GLY E 174 -10.96 1.03 26.83
N ALA E 175 -11.31 1.23 25.56
CA ALA E 175 -10.38 1.69 24.54
C ALA E 175 -11.13 2.53 23.53
N SER E 176 -11.66 3.67 23.98
CA SER E 176 -12.47 4.53 23.12
C SER E 176 -11.69 5.10 21.95
N ALA E 177 -10.37 4.91 21.91
CA ALA E 177 -9.58 5.36 20.77
C ALA E 177 -9.92 4.63 19.47
N TYR E 178 -10.65 3.51 19.55
CA TYR E 178 -11.04 2.74 18.38
C TYR E 178 -12.53 2.88 18.05
N GLY E 179 -13.22 3.82 18.67
CA GLY E 179 -14.63 4.06 18.40
C GLY E 179 -15.41 4.29 19.66
N LYS E 180 -16.58 4.91 19.51
CA LYS E 180 -17.46 5.20 20.65
C LYS E 180 -18.36 4.04 21.00
N SER E 181 -18.46 3.02 20.15
CA SER E 181 -19.21 1.81 20.43
C SER E 181 -18.26 0.73 20.91
N PHE E 182 -18.81 -0.26 21.62
CA PHE E 182 -17.98 -1.33 22.14
C PHE E 182 -18.85 -2.53 22.54
N PHE E 183 -18.33 -3.73 22.28
CA PHE E 183 -18.90 -4.95 22.84
C PHE E 183 -18.48 -5.08 24.30
N GLU E 184 -19.40 -5.56 25.13
CA GLU E 184 -19.05 -6.00 26.48
C GLU E 184 -19.22 -7.51 26.53
N LEU E 185 -18.13 -8.22 26.77
CA LEU E 185 -18.14 -9.67 26.77
C LEU E 185 -18.50 -10.19 28.15
N ASN E 186 -18.95 -11.44 28.18
CA ASN E 186 -19.26 -12.10 29.45
C ASN E 186 -18.01 -12.21 30.31
N ASP E 187 -18.21 -12.27 31.62
CA ASP E 187 -17.08 -12.27 32.55
C ASP E 187 -16.22 -13.52 32.42
N ASN E 188 -16.82 -14.66 32.06
CA ASN E 188 -16.04 -15.89 31.93
C ASN E 188 -15.03 -15.81 30.81
N VAL E 189 -15.24 -14.94 29.82
CA VAL E 189 -14.28 -14.79 28.72
C VAL E 189 -12.93 -14.31 29.23
N LYS E 190 -12.92 -13.56 30.34
CA LYS E 190 -11.67 -13.06 30.88
C LYS E 190 -10.77 -14.19 31.38
N THR E 191 -11.36 -15.33 31.75
CA THR E 191 -10.56 -16.44 32.25
C THR E 191 -9.69 -17.05 31.15
N ASN E 192 -10.00 -16.80 29.88
CA ASN E 192 -9.21 -17.27 28.76
C ASN E 192 -8.25 -16.20 28.23
N CYS E 193 -8.01 -15.15 29.00
CA CYS E 193 -7.26 -13.99 28.53
C CYS E 193 -5.89 -13.89 29.19
N THR E 194 -4.94 -13.36 28.43
CA THR E 194 -3.71 -12.81 28.97
C THR E 194 -3.84 -11.29 29.01
N PHE E 195 -3.09 -10.67 29.92
CA PHE E 195 -3.22 -9.24 30.16
C PHE E 195 -1.86 -8.57 30.16
N SER E 196 -1.82 -7.33 29.67
CA SER E 196 -0.60 -6.54 29.60
C SER E 196 -0.90 -5.11 30.03
N PRO E 197 0.03 -4.45 30.73
CA PRO E 197 -0.20 -3.06 31.12
C PRO E 197 -0.16 -2.10 29.95
N PHE E 198 0.57 -2.44 28.88
CA PHE E 198 0.62 -1.63 27.67
C PHE E 198 0.25 -2.50 26.48
N ASP E 199 -0.19 -1.85 25.41
CA ASP E 199 -0.46 -2.57 24.17
C ASP E 199 0.83 -3.23 23.69
N ILE E 200 0.75 -4.53 23.38
CA ILE E 200 1.95 -5.30 23.05
C ILE E 200 2.62 -4.84 21.77
N TYR E 201 1.97 -3.96 21.00
CA TYR E 201 2.54 -3.42 19.77
C TYR E 201 3.21 -2.07 19.98
N GLY E 202 3.36 -1.62 21.22
CA GLY E 202 3.98 -0.35 21.52
C GLY E 202 5.41 -0.50 22.02
N HIS E 203 6.06 0.65 22.16
CA HIS E 203 7.45 0.68 22.63
C HIS E 203 7.54 0.51 24.15
N ARG E 204 6.55 0.98 24.89
CA ARG E 204 6.58 0.83 26.34
C ARG E 204 6.46 -0.64 26.75
N PHE E 205 5.76 -1.45 25.96
CA PHE E 205 5.75 -2.88 26.22
C PHE E 205 7.10 -3.51 25.90
N GLY E 206 7.71 -3.10 24.80
CA GLY E 206 9.05 -3.55 24.47
C GLY E 206 9.19 -5.04 24.26
N LEU E 207 8.12 -5.71 23.83
CA LEU E 207 8.11 -7.16 23.60
C LEU E 207 8.55 -7.92 24.86
N ASP E 208 8.17 -7.41 26.02
CA ASP E 208 8.56 -7.99 27.30
C ASP E 208 7.55 -9.04 27.70
N THR E 209 7.92 -10.31 27.57
CA THR E 209 7.01 -11.39 27.92
C THR E 209 6.70 -11.40 29.42
N SER E 210 7.65 -10.95 30.25
CA SER E 210 7.45 -10.92 31.69
C SER E 210 6.36 -9.94 32.11
N LYS E 211 5.90 -9.07 31.21
CA LYS E 211 4.82 -8.15 31.50
C LYS E 211 3.44 -8.74 31.25
N LEU E 212 3.37 -9.99 30.81
CA LEU E 212 2.10 -10.65 30.51
C LEU E 212 1.66 -11.48 31.72
N SER E 213 0.38 -11.37 32.06
CA SER E 213 -0.22 -12.14 33.14
C SER E 213 -1.54 -12.73 32.68
N THR E 214 -2.02 -13.72 33.43
CA THR E 214 -3.30 -14.36 33.16
C THR E 214 -4.35 -13.86 34.15
N PHE E 215 -5.54 -14.45 34.07
CA PHE E 215 -6.63 -14.04 34.95
C PHE E 215 -6.36 -14.39 36.41
N TRP E 216 -5.44 -15.31 36.68
CA TRP E 216 -5.18 -15.78 38.02
C TRP E 216 -3.92 -15.17 38.62
N HIS E 217 -3.32 -14.18 37.95
CA HIS E 217 -2.10 -13.55 38.42
C HIS E 217 -2.14 -12.05 38.14
N MET E 218 -3.20 -11.40 38.62
CA MET E 218 -3.33 -9.95 38.45
C MET E 218 -2.28 -9.17 39.21
N GLU E 219 -1.59 -9.79 40.17
CA GLU E 219 -0.52 -9.10 40.89
C GLU E 219 0.59 -8.67 39.93
N ASN E 220 0.84 -9.45 38.87
CA ASN E 220 1.81 -9.05 37.88
C ASN E 220 1.37 -7.80 37.13
N LEU E 221 0.08 -7.73 36.77
CA LEU E 221 -0.45 -6.56 36.10
C LEU E 221 -0.39 -5.33 36.99
N ILE E 222 -0.54 -5.51 38.31
CA ILE E 222 -0.47 -4.38 39.23
C ILE E 222 0.96 -3.88 39.38
N ALA E 223 1.91 -4.81 39.51
CA ALA E 223 3.31 -4.42 39.67
C ALA E 223 3.91 -3.86 38.38
N SER E 224 3.29 -4.13 37.23
CA SER E 224 3.84 -3.73 35.95
C SER E 224 3.12 -2.55 35.31
N CYS E 225 1.95 -2.16 35.82
CA CYS E 225 1.21 -1.06 35.20
C CYS E 225 1.95 0.26 35.38
N GLN E 226 1.54 1.25 34.59
CA GLN E 226 2.22 2.53 34.56
C GLN E 226 1.80 3.42 35.71
N ASN E 227 2.72 4.29 36.12
CA ASN E 227 2.46 5.32 37.13
C ASN E 227 2.99 6.66 36.63
N ASP E 228 2.47 7.08 35.48
CA ASP E 228 2.96 8.28 34.81
C ASP E 228 2.67 9.52 35.64
N PHE E 229 3.57 10.51 35.52
CA PHE E 229 3.45 11.76 36.26
C PHE E 229 2.62 12.81 35.53
N PHE E 230 2.02 12.45 34.40
CA PHE E 230 1.14 13.37 33.69
C PHE E 230 0.17 12.56 32.84
N GLY E 231 -0.98 13.16 32.56
CA GLY E 231 -2.02 12.46 31.82
C GLY E 231 -2.77 11.49 32.71
N TYR E 232 -3.27 10.42 32.10
CA TYR E 232 -3.98 9.38 32.84
C TYR E 232 -2.98 8.53 33.61
N ASN E 233 -3.25 8.31 34.89
CA ASN E 233 -2.42 7.49 35.76
C ASN E 233 -3.17 6.21 36.07
N CYS E 234 -2.61 5.08 35.65
CA CYS E 234 -3.26 3.79 35.87
C CYS E 234 -3.10 3.31 37.30
N PHE E 235 -1.89 3.41 37.84
CA PHE E 235 -1.62 2.92 39.19
C PHE E 235 -2.44 3.69 40.23
N LYS E 236 -2.40 5.02 40.16
CA LYS E 236 -3.12 5.82 41.15
C LYS E 236 -4.63 5.66 41.04
N SER E 237 -5.14 5.45 39.82
CA SER E 237 -6.59 5.24 39.65
C SER E 237 -7.03 3.93 40.29
N LEU E 238 -6.29 2.85 40.05
CA LEU E 238 -6.65 1.56 40.64
C LEU E 238 -6.46 1.58 42.15
N VAL E 239 -5.49 2.35 42.66
CA VAL E 239 -5.31 2.46 44.09
C VAL E 239 -6.48 3.19 44.73
N LYS E 240 -6.91 4.30 44.13
CA LYS E 240 -8.01 5.06 44.69
C LYS E 240 -9.34 4.30 44.60
N MET E 241 -9.53 3.53 43.53
CA MET E 241 -10.74 2.73 43.42
C MET E 241 -10.76 1.61 44.47
N ALA E 242 -9.59 1.07 44.80
CA ALA E 242 -9.53 0.03 45.83
C ALA E 242 -9.82 0.60 47.21
N LYS E 243 -9.44 1.85 47.46
CA LYS E 243 -9.72 2.51 48.73
C LYS E 243 -11.12 3.10 48.79
N ASP E 244 -12.04 2.60 47.94
CA ASP E 244 -13.45 2.99 47.94
C ASP E 244 -13.63 4.49 47.76
N GLU E 245 -12.79 5.09 46.91
CA GLU E 245 -12.91 6.49 46.55
C GLU E 245 -13.48 6.57 45.12
N LYS E 246 -14.62 7.23 44.98
CA LYS E 246 -15.19 7.46 43.66
C LYS E 246 -14.67 8.77 43.06
N PHE E 247 -14.42 8.73 41.76
CA PHE E 247 -13.84 9.83 41.01
C PHE E 247 -14.16 9.61 39.54
N LEU E 248 -14.13 10.70 38.78
CA LEU E 248 -14.28 10.59 37.33
C LEU E 248 -12.96 10.16 36.70
N ALA E 249 -13.03 9.18 35.81
CA ALA E 249 -11.84 8.72 35.12
C ALA E 249 -11.25 9.84 34.27
N HIS E 250 -9.94 9.77 34.04
CA HIS E 250 -9.26 10.78 33.25
C HIS E 250 -9.84 10.84 31.84
N SER E 251 -9.82 12.03 31.26
CA SER E 251 -10.41 12.24 29.93
C SER E 251 -9.68 11.47 28.84
N ASN E 252 -8.45 11.01 29.11
CA ASN E 252 -7.71 10.18 28.16
C ASN E 252 -7.72 8.70 28.54
N TYR E 253 -8.68 8.29 29.37
CA TYR E 253 -8.78 6.88 29.75
C TYR E 253 -9.20 6.04 28.54
N GLY E 254 -8.32 5.15 28.10
CA GLY E 254 -8.57 4.33 26.94
C GLY E 254 -8.12 4.93 25.63
N LYS E 255 -7.79 6.22 25.60
CA LYS E 255 -7.28 6.88 24.41
C LYS E 255 -5.76 6.90 24.49
N GLY E 256 -5.10 6.23 23.56
CA GLY E 256 -3.65 6.10 23.62
C GLY E 256 -3.29 4.65 23.80
N TYR E 257 -2.43 4.16 22.90
CA TYR E 257 -2.15 2.72 22.86
C TYR E 257 -1.13 2.30 23.92
N GLU E 258 -0.15 3.15 24.22
CA GLU E 258 0.93 2.79 25.15
C GLU E 258 0.63 3.37 26.53
N GLY E 259 -0.06 2.59 27.36
CA GLY E 259 -0.21 2.89 28.76
C GLY E 259 -1.56 3.43 29.20
N ASN E 260 -2.46 3.72 28.25
CA ASN E 260 -3.74 4.31 28.59
C ASN E 260 -4.86 3.28 28.68
N TYR E 261 -4.54 1.99 28.56
CA TYR E 261 -5.50 0.93 28.79
C TYR E 261 -4.76 -0.37 28.98
N ILE E 262 -5.39 -1.28 29.72
CA ILE E 262 -4.84 -2.61 29.96
C ILE E 262 -5.24 -3.49 28.78
N ASP E 263 -4.25 -3.94 28.02
CA ASP E 263 -4.51 -4.75 26.83
C ASP E 263 -4.82 -6.18 27.21
N ALA E 264 -5.89 -6.73 26.65
CA ALA E 264 -6.30 -8.10 26.92
C ALA E 264 -6.29 -8.90 25.61
N HIS E 265 -5.92 -10.18 25.72
CA HIS E 265 -5.79 -11.05 24.56
C HIS E 265 -6.63 -12.31 24.79
N ILE E 266 -7.78 -12.37 24.13
CA ILE E 266 -8.72 -13.48 24.30
C ILE E 266 -8.20 -14.67 23.49
N HIS E 267 -7.72 -15.70 24.20
CA HIS E 267 -7.24 -16.92 23.55
C HIS E 267 -8.42 -17.87 23.38
N GLY E 268 -9.09 -17.75 22.25
CA GLY E 268 -10.31 -18.48 21.96
C GLY E 268 -11.24 -17.61 21.16
N ASP E 269 -12.18 -18.25 20.47
CA ASP E 269 -13.10 -17.53 19.60
C ASP E 269 -14.16 -16.80 20.43
N VAL E 270 -14.68 -15.72 19.85
CA VAL E 270 -15.72 -14.91 20.46
C VAL E 270 -16.93 -14.93 19.54
N CYS E 271 -17.99 -15.60 19.97
CA CYS E 271 -19.19 -15.77 19.16
C CYS E 271 -20.26 -14.75 19.54
N LEU E 272 -21.00 -14.29 18.55
CA LEU E 272 -22.11 -13.37 18.74
C LEU E 272 -23.42 -14.12 18.57
N PHE E 273 -24.30 -14.03 19.57
CA PHE E 273 -24.10 -13.20 20.75
C PHE E 273 -23.85 -14.06 21.98
N ARG E 274 -23.29 -15.25 21.79
CA ARG E 274 -23.14 -16.19 22.89
C ARG E 274 -22.20 -15.65 23.97
N ASP E 275 -21.05 -15.12 23.56
CA ASP E 275 -20.05 -14.61 24.49
C ASP E 275 -20.15 -13.10 24.68
N ILE E 276 -21.34 -12.53 24.44
CA ILE E 276 -21.54 -11.09 24.50
C ILE E 276 -22.59 -10.79 25.55
N LYS E 277 -22.23 -9.97 26.54
CA LYS E 277 -23.18 -9.53 27.55
C LYS E 277 -23.97 -8.31 27.08
N HIS E 278 -23.28 -7.29 26.57
CA HIS E 278 -23.91 -6.09 26.05
C HIS E 278 -23.18 -5.62 24.80
N VAL E 279 -23.92 -4.88 23.97
CA VAL E 279 -23.35 -4.16 22.83
C VAL E 279 -23.82 -2.72 22.95
N TYR E 280 -22.91 -1.82 23.31
CA TYR E 280 -23.23 -0.41 23.46
C TYR E 280 -23.01 0.28 22.13
N LEU E 281 -24.10 0.54 21.41
CA LEU E 281 -24.05 1.22 20.11
C LEU E 281 -24.19 2.72 20.34
N SER E 282 -23.21 3.49 19.87
CA SER E 282 -23.26 4.93 20.04
C SER E 282 -24.28 5.54 19.08
N LEU E 283 -25.09 6.47 19.59
CA LEU E 283 -26.06 7.15 18.75
C LEU E 283 -25.42 8.28 17.95
N GLN E 284 -24.47 9.01 18.56
CA GLN E 284 -23.84 10.13 17.89
C GLN E 284 -22.74 9.72 16.93
N GLU E 285 -22.31 8.45 16.96
CA GLU E 285 -21.28 7.94 16.05
C GLU E 285 -21.81 6.63 15.47
N ASN E 286 -22.56 6.74 14.37
CA ASN E 286 -23.17 5.57 13.77
C ASN E 286 -23.56 5.89 12.34
N SER E 287 -23.52 4.88 11.48
CA SER E 287 -23.92 5.01 10.09
C SER E 287 -25.42 4.81 9.89
N TYR E 288 -26.17 4.63 10.97
CA TYR E 288 -27.61 4.43 10.91
C TYR E 288 -28.30 5.55 11.69
N SER E 289 -29.57 5.76 11.38
CA SER E 289 -30.34 6.82 12.02
C SER E 289 -30.85 6.36 13.38
N LYS E 290 -31.47 7.30 14.10
CA LYS E 290 -32.03 6.99 15.42
C LYS E 290 -33.10 5.91 15.31
N SER E 291 -34.04 6.08 14.38
CA SER E 291 -35.12 5.11 14.22
C SER E 291 -34.58 3.74 13.83
N GLN E 292 -33.57 3.71 12.95
CA GLN E 292 -33.01 2.44 12.52
C GLN E 292 -32.28 1.74 13.67
N LEU E 293 -31.50 2.50 14.45
CA LEU E 293 -30.76 1.89 15.56
C LEU E 293 -31.72 1.34 16.61
N TYR E 294 -32.79 2.08 16.92
CA TYR E 294 -33.77 1.59 17.88
C TYR E 294 -34.49 0.35 17.35
N ASP E 295 -34.70 0.27 16.03
CA ASP E 295 -35.29 -0.94 15.46
C ASP E 295 -34.36 -2.14 15.61
N TYR E 296 -33.08 -1.95 15.32
CA TYR E 296 -32.11 -3.04 15.49
C TYR E 296 -32.04 -3.48 16.94
N ALA E 297 -32.02 -2.53 17.88
CA ALA E 297 -31.97 -2.87 19.29
C ALA E 297 -33.22 -3.65 19.71
N LYS E 298 -34.39 -3.10 19.39
CA LYS E 298 -35.64 -3.78 19.73
C LYS E 298 -35.73 -5.16 19.09
N GLN E 299 -35.22 -5.29 17.86
CA GLN E 299 -35.32 -6.56 17.15
C GLN E 299 -34.40 -7.61 17.76
N ILE E 300 -33.15 -7.24 18.03
CA ILE E 300 -32.20 -8.20 18.59
C ILE E 300 -32.57 -8.56 20.02
N ASN E 301 -33.04 -7.58 20.80
CA ASN E 301 -33.36 -7.84 22.20
C ASN E 301 -34.51 -8.83 22.34
N GLN E 302 -35.59 -8.63 21.58
CA GLN E 302 -36.71 -9.55 21.64
C GLN E 302 -36.34 -10.93 21.11
N ALA E 303 -35.37 -11.01 20.20
CA ALA E 303 -34.96 -12.30 19.67
C ALA E 303 -34.12 -13.09 20.67
N LEU E 304 -33.36 -12.41 21.51
CA LEU E 304 -32.56 -13.07 22.53
C LEU E 304 -33.20 -13.06 23.91
N ASN E 305 -34.30 -12.32 24.08
CA ASN E 305 -34.94 -12.15 25.39
C ASN E 305 -33.95 -11.61 26.43
N ARG E 306 -33.06 -10.73 25.98
CA ARG E 306 -32.09 -10.06 26.85
C ARG E 306 -32.02 -8.60 26.48
N ASP E 307 -31.34 -7.82 27.32
CA ASP E 307 -31.06 -6.42 27.03
C ASP E 307 -29.64 -6.27 26.49
N CYS E 308 -29.37 -7.00 25.40
CA CYS E 308 -28.03 -7.03 24.84
C CYS E 308 -27.65 -5.70 24.21
N ILE E 309 -28.41 -5.27 23.21
CA ILE E 309 -28.14 -4.02 22.54
C ILE E 309 -28.62 -2.87 23.43
N ILE E 310 -27.70 -1.98 23.80
CA ILE E 310 -28.01 -0.82 24.63
C ILE E 310 -27.55 0.41 23.86
N LEU E 311 -28.50 1.23 23.45
CA LEU E 311 -28.18 2.48 22.77
C LEU E 311 -27.82 3.56 23.79
N TYR E 312 -26.84 4.39 23.43
CA TYR E 312 -26.41 5.47 24.30
C TYR E 312 -25.68 6.54 23.51
N GLU F 1 -30.48 -26.73 19.56
CA GLU F 1 -29.30 -26.48 20.38
C GLU F 1 -29.54 -26.88 21.83
N MET F 2 -28.50 -27.39 22.49
CA MET F 2 -28.55 -27.72 23.90
C MET F 2 -27.22 -27.33 24.54
N ARG F 3 -27.30 -26.58 25.64
CA ARG F 3 -26.11 -26.06 26.30
C ARG F 3 -25.73 -26.99 27.45
N ILE F 4 -24.49 -27.47 27.42
CA ILE F 4 -24.00 -28.45 28.38
C ILE F 4 -22.80 -27.85 29.11
N LEU F 5 -22.81 -27.96 30.42
CA LEU F 5 -21.66 -27.58 31.26
C LEU F 5 -21.00 -28.87 31.73
N MET F 6 -19.80 -29.13 31.23
CA MET F 6 -19.04 -30.31 31.62
C MET F 6 -18.11 -29.93 32.77
N VAL F 7 -18.40 -30.44 33.96
CA VAL F 7 -17.65 -30.12 35.16
C VAL F 7 -17.17 -31.42 35.80
N GLY F 8 -16.46 -31.27 36.92
CA GLY F 8 -15.87 -32.40 37.61
C GLY F 8 -14.47 -32.10 38.09
N LEU F 9 -13.87 -33.04 38.83
CA LEU F 9 -12.51 -32.87 39.29
C LEU F 9 -11.54 -32.84 38.12
N ASP F 10 -10.39 -32.22 38.35
CA ASP F 10 -9.36 -32.20 37.33
C ASP F 10 -8.78 -33.59 37.12
N ALA F 11 -8.17 -33.80 35.95
CA ALA F 11 -7.58 -35.06 35.53
C ALA F 11 -8.62 -36.18 35.46
N ALA F 12 -9.91 -35.83 35.38
CA ALA F 12 -10.95 -36.84 35.24
C ALA F 12 -11.13 -37.25 33.78
N GLY F 13 -10.97 -36.32 32.85
CA GLY F 13 -11.11 -36.61 31.44
C GLY F 13 -12.11 -35.72 30.75
N LYS F 14 -12.30 -34.51 31.28
CA LYS F 14 -13.28 -33.58 30.70
C LYS F 14 -12.86 -33.13 29.31
N THR F 15 -11.65 -32.56 29.19
CA THR F 15 -11.19 -32.05 27.91
C THR F 15 -11.05 -33.16 26.88
N THR F 16 -10.59 -34.35 27.31
CA THR F 16 -10.45 -35.46 26.38
C THR F 16 -11.80 -35.91 25.85
N ILE F 17 -12.83 -35.98 26.71
CA ILE F 17 -14.16 -36.35 26.25
C ILE F 17 -14.69 -35.33 25.26
N LEU F 18 -14.46 -34.04 25.54
CA LEU F 18 -14.97 -32.98 24.66
C LEU F 18 -14.37 -33.10 23.26
N TYR F 19 -13.04 -33.19 23.18
CA TYR F 19 -12.39 -33.21 21.88
C TYR F 19 -12.37 -34.59 21.24
N LYS F 20 -12.69 -35.65 21.98
CA LYS F 20 -12.97 -36.93 21.34
C LYS F 20 -14.31 -36.88 20.62
N LEU F 21 -15.29 -36.19 21.20
CA LEU F 21 -16.55 -35.98 20.50
C LEU F 21 -16.40 -35.00 19.34
N LYS F 22 -15.52 -34.02 19.47
CA LYS F 22 -15.38 -32.99 18.45
C LYS F 22 -14.47 -33.44 17.31
N LEU F 23 -13.29 -33.96 17.63
CA LEU F 23 -12.31 -34.34 16.63
C LEU F 23 -12.27 -35.83 16.33
N GLY F 24 -12.75 -36.67 17.23
CA GLY F 24 -12.56 -38.10 17.10
C GLY F 24 -11.16 -38.56 17.45
N GLU F 25 -10.35 -37.69 18.05
CA GLU F 25 -8.97 -37.98 18.40
C GLU F 25 -8.77 -37.80 19.89
N ILE F 26 -7.56 -38.14 20.35
CA ILE F 26 -7.17 -37.95 21.74
C ILE F 26 -6.15 -36.83 21.78
N VAL F 27 -6.61 -35.63 22.16
CA VAL F 27 -5.73 -34.47 22.17
C VAL F 27 -4.72 -34.58 23.32
N THR F 28 -3.61 -33.89 23.16
CA THR F 28 -2.59 -33.87 24.20
C THR F 28 -3.08 -33.08 25.42
N THR F 29 -2.55 -33.44 26.58
CA THR F 29 -2.98 -32.84 27.84
C THR F 29 -2.66 -31.35 27.88
N ILE F 30 -3.68 -30.51 27.77
CA ILE F 30 -3.55 -29.06 27.84
C ILE F 30 -4.18 -28.60 29.15
N PRO F 31 -3.38 -28.19 30.15
CA PRO F 31 -3.97 -27.66 31.40
C PRO F 31 -5.01 -26.58 31.13
N THR F 32 -6.25 -26.85 31.49
CA THR F 32 -7.34 -25.92 31.19
C THR F 32 -7.26 -24.70 32.11
N ILE F 33 -6.53 -23.68 31.69
CA ILE F 33 -6.36 -22.49 32.51
C ILE F 33 -7.66 -21.70 32.58
N GLY F 34 -8.37 -21.60 31.46
CA GLY F 34 -9.64 -20.92 31.44
C GLY F 34 -10.80 -21.88 31.24
N PHE F 35 -11.25 -22.01 30.00
CA PHE F 35 -12.32 -22.93 29.67
C PHE F 35 -12.30 -23.23 28.18
N ASN F 36 -12.78 -24.41 27.82
CA ASN F 36 -12.93 -24.82 26.43
C ASN F 36 -14.40 -24.91 26.09
N VAL F 37 -14.73 -24.69 24.81
CA VAL F 37 -16.11 -24.73 24.35
C VAL F 37 -16.12 -25.22 22.91
N GLU F 38 -16.93 -26.25 22.64
CA GLU F 38 -17.06 -26.82 21.32
C GLU F 38 -18.50 -27.22 21.06
N THR F 39 -18.94 -27.03 19.82
CA THR F 39 -20.28 -27.43 19.40
C THR F 39 -20.18 -28.72 18.61
N VAL F 40 -20.99 -29.70 18.98
CA VAL F 40 -20.99 -31.01 18.36
C VAL F 40 -22.38 -31.30 17.81
N GLU F 41 -22.45 -31.62 16.53
CA GLU F 41 -23.71 -31.98 15.88
C GLU F 41 -23.91 -33.49 16.00
N TYR F 42 -25.01 -33.89 16.64
CA TYR F 42 -25.30 -35.30 16.85
C TYR F 42 -26.81 -35.51 16.88
N LYS F 43 -27.31 -36.36 15.98
CA LYS F 43 -28.74 -36.64 15.84
C LYS F 43 -29.54 -35.35 15.68
N ASN F 44 -29.09 -34.51 14.77
CA ASN F 44 -29.74 -33.23 14.45
C ASN F 44 -29.87 -32.34 15.68
N ILE F 45 -28.93 -32.47 16.62
CA ILE F 45 -28.87 -31.63 17.82
C ILE F 45 -27.46 -31.09 17.94
N SER F 46 -27.36 -29.78 18.16
CA SER F 46 -26.07 -29.10 18.31
C SER F 46 -25.79 -28.93 19.80
N PHE F 47 -24.93 -29.80 20.34
CA PHE F 47 -24.54 -29.72 21.75
C PHE F 47 -23.40 -28.73 21.89
N THR F 48 -23.65 -27.62 22.58
CA THR F 48 -22.61 -26.66 22.94
C THR F 48 -22.13 -27.01 24.34
N VAL F 49 -20.93 -27.58 24.44
CA VAL F 49 -20.39 -28.09 25.69
C VAL F 49 -19.32 -27.13 26.18
N TRP F 50 -19.50 -26.62 27.40
CA TRP F 50 -18.51 -25.75 28.04
C TRP F 50 -17.65 -26.61 28.97
N ASP F 51 -16.41 -26.85 28.57
CA ASP F 51 -15.45 -27.57 29.40
C ASP F 51 -14.81 -26.56 30.36
N VAL F 52 -15.35 -26.47 31.56
CA VAL F 52 -14.83 -25.56 32.56
C VAL F 52 -13.65 -26.22 33.27
N GLY F 53 -12.51 -25.53 33.28
CA GLY F 53 -11.33 -26.11 33.90
C GLY F 53 -11.50 -26.35 35.38
N GLY F 54 -11.89 -25.31 36.11
CA GLY F 54 -12.10 -25.43 37.54
C GLY F 54 -12.86 -24.27 38.11
N LEU F 55 -14.19 -24.38 38.16
CA LEU F 55 -15.03 -23.36 38.73
C LEU F 55 -15.04 -23.39 40.25
N ASP F 56 -14.13 -24.15 40.86
CA ASP F 56 -14.08 -24.20 42.32
C ASP F 56 -13.76 -22.84 42.92
N LYS F 57 -13.03 -22.01 42.18
CA LYS F 57 -12.67 -20.67 42.63
C LYS F 57 -13.32 -19.56 41.82
N ILE F 58 -14.19 -19.91 40.86
CA ILE F 58 -14.90 -18.91 40.06
C ILE F 58 -16.35 -19.34 39.87
N ARG F 59 -17.10 -19.42 40.96
CA ARG F 59 -18.50 -19.79 40.85
C ARG F 59 -19.37 -18.64 40.32
N PRO F 60 -19.24 -17.40 40.78
CA PRO F 60 -20.13 -16.34 40.25
C PRO F 60 -19.90 -15.99 38.79
N LEU F 61 -18.72 -16.29 38.24
CA LEU F 61 -18.45 -15.94 36.85
C LEU F 61 -19.27 -16.76 35.86
N TRP F 62 -19.77 -17.92 36.27
CA TRP F 62 -20.48 -18.82 35.38
C TRP F 62 -21.98 -18.86 35.65
N ARG F 63 -22.48 -18.14 36.66
CA ARG F 63 -23.90 -18.13 36.93
C ARG F 63 -24.71 -17.46 35.82
N HIS F 64 -24.05 -16.69 34.94
CA HIS F 64 -24.75 -16.13 33.80
C HIS F 64 -25.25 -17.23 32.87
N TYR F 65 -24.48 -18.30 32.72
CA TYR F 65 -24.85 -19.40 31.84
C TYR F 65 -25.72 -20.44 32.54
N PHE F 66 -25.84 -20.38 33.87
CA PHE F 66 -26.63 -21.37 34.59
C PHE F 66 -28.11 -21.30 34.21
N GLN F 67 -28.62 -20.10 33.94
CA GLN F 67 -30.03 -19.95 33.60
C GLN F 67 -30.37 -20.66 32.30
N ASN F 68 -29.42 -20.75 31.37
CA ASN F 68 -29.61 -21.45 30.12
C ASN F 68 -28.80 -22.74 30.05
N THR F 69 -28.41 -23.29 31.20
CA THR F 69 -27.69 -24.55 31.27
C THR F 69 -28.70 -25.69 31.26
N GLN F 70 -28.81 -26.39 30.14
CA GLN F 70 -29.79 -27.46 29.99
C GLN F 70 -29.30 -28.80 30.52
N GLY F 71 -28.00 -29.03 30.50
CA GLY F 71 -27.44 -30.29 30.97
C GLY F 71 -26.13 -30.08 31.69
N LEU F 72 -25.86 -30.98 32.63
CA LEU F 72 -24.60 -31.01 33.37
C LEU F 72 -23.98 -32.38 33.20
N ILE F 73 -22.80 -32.44 32.59
CA ILE F 73 -22.03 -33.66 32.46
C ILE F 73 -20.94 -33.65 33.52
N PHE F 74 -21.05 -34.54 34.50
CA PHE F 74 -20.08 -34.64 35.58
C PHE F 74 -19.15 -35.81 35.31
N VAL F 75 -17.88 -35.52 35.05
CA VAL F 75 -16.89 -36.55 34.77
C VAL F 75 -16.16 -36.90 36.05
N VAL F 76 -16.10 -38.19 36.35
CA VAL F 76 -15.46 -38.70 37.57
C VAL F 76 -14.42 -39.73 37.17
N ASP F 77 -13.23 -39.62 37.72
CA ASP F 77 -12.17 -40.60 37.50
C ASP F 77 -12.53 -41.86 38.26
N SER F 78 -12.98 -42.89 37.53
CA SER F 78 -13.40 -44.14 38.17
C SER F 78 -12.24 -44.93 38.76
N ASN F 79 -11.01 -44.59 38.42
CA ASN F 79 -9.84 -45.25 38.98
C ASN F 79 -9.27 -44.52 40.19
N ASP F 80 -9.57 -43.22 40.34
CA ASP F 80 -9.05 -42.41 41.43
C ASP F 80 -9.95 -42.61 42.65
N ARG F 81 -9.66 -43.66 43.42
CA ARG F 81 -10.47 -43.98 44.59
C ARG F 81 -10.21 -43.01 45.74
N GLU F 82 -9.01 -42.42 45.79
CA GLU F 82 -8.70 -41.48 46.86
C GLU F 82 -9.47 -40.17 46.72
N ARG F 83 -10.03 -39.89 45.55
CA ARG F 83 -10.70 -38.62 45.29
C ARG F 83 -12.17 -38.79 44.90
N VAL F 84 -12.71 -40.01 44.96
CA VAL F 84 -14.09 -40.22 44.54
C VAL F 84 -15.05 -39.46 45.44
N ASN F 85 -14.78 -39.44 46.75
CA ASN F 85 -15.62 -38.67 47.66
C ASN F 85 -15.43 -37.17 47.44
N GLU F 86 -14.22 -36.74 47.09
CA GLU F 86 -14.00 -35.35 46.73
C GLU F 86 -14.89 -34.94 45.56
N ALA F 87 -15.01 -35.81 44.55
CA ALA F 87 -15.91 -35.53 43.44
C ALA F 87 -17.37 -35.43 43.90
N ARG F 88 -17.76 -36.26 44.87
CA ARG F 88 -19.12 -36.20 45.40
C ARG F 88 -19.43 -34.82 45.97
N GLU F 89 -18.51 -34.28 46.77
CA GLU F 89 -18.73 -32.97 47.36
C GLU F 89 -18.85 -31.88 46.30
N GLU F 90 -17.99 -31.93 45.27
CA GLU F 90 -18.11 -30.98 44.18
C GLU F 90 -19.43 -31.15 43.44
N LEU F 91 -19.89 -32.40 43.28
CA LEU F 91 -21.19 -32.63 42.67
C LEU F 91 -22.31 -32.08 43.54
N MET F 92 -22.22 -32.27 44.86
CA MET F 92 -23.22 -31.71 45.75
C MET F 92 -23.28 -30.20 45.67
N ARG F 93 -22.11 -29.54 45.56
CA ARG F 93 -22.10 -28.09 45.42
C ARG F 93 -22.71 -27.66 44.09
N MET F 94 -22.50 -28.45 43.03
CA MET F 94 -23.11 -28.13 41.75
C MET F 94 -24.62 -28.36 41.77
N LEU F 95 -25.08 -29.33 42.55
CA LEU F 95 -26.51 -29.63 42.61
C LEU F 95 -27.25 -28.71 43.57
N ALA F 96 -26.55 -28.07 44.50
CA ALA F 96 -27.18 -27.12 45.42
C ALA F 96 -27.34 -25.73 44.82
N GLU F 97 -26.98 -25.54 43.55
CA GLU F 97 -27.13 -24.26 42.89
C GLU F 97 -28.58 -24.10 42.44
N ASP F 98 -29.23 -23.02 42.88
CA ASP F 98 -30.64 -22.82 42.56
C ASP F 98 -30.85 -22.59 41.07
N GLU F 99 -29.86 -22.01 40.38
CA GLU F 99 -29.97 -21.77 38.95
C GLU F 99 -29.74 -23.02 38.11
N LEU F 100 -29.43 -24.16 38.72
CA LEU F 100 -29.26 -25.42 38.02
C LEU F 100 -30.25 -26.48 38.46
N ARG F 101 -31.37 -26.07 39.07
CA ARG F 101 -32.33 -27.03 39.60
C ARG F 101 -33.11 -27.73 38.50
N ASP F 102 -33.22 -27.14 37.31
CA ASP F 102 -34.00 -27.70 36.22
C ASP F 102 -33.13 -28.38 35.16
N ALA F 103 -31.84 -28.55 35.43
CA ALA F 103 -30.93 -29.18 34.48
C ALA F 103 -30.81 -30.68 34.76
N VAL F 104 -30.61 -31.44 33.68
CA VAL F 104 -30.39 -32.88 33.80
C VAL F 104 -28.93 -33.13 34.11
N LEU F 105 -28.65 -34.26 34.76
CA LEU F 105 -27.31 -34.62 35.21
C LEU F 105 -26.89 -35.91 34.55
N LEU F 106 -25.77 -35.87 33.83
CA LEU F 106 -25.19 -37.04 33.18
C LEU F 106 -23.82 -37.28 33.78
N VAL F 107 -23.66 -38.39 34.50
CA VAL F 107 -22.41 -38.74 35.15
C VAL F 107 -21.63 -39.68 34.25
N PHE F 108 -20.38 -39.32 33.97
CA PHE F 108 -19.49 -40.15 33.13
C PHE F 108 -18.49 -40.85 34.05
N ALA F 109 -18.69 -42.15 34.25
CA ALA F 109 -17.73 -42.98 34.97
C ALA F 109 -16.56 -43.25 34.04
N ASN F 110 -15.67 -42.27 33.94
CA ASN F 110 -14.62 -42.27 32.93
C ASN F 110 -13.47 -43.20 33.35
N LYS F 111 -12.59 -43.47 32.38
CA LYS F 111 -11.39 -44.29 32.57
C LYS F 111 -11.75 -45.71 33.02
N GLN F 112 -12.71 -46.30 32.31
CA GLN F 112 -13.11 -47.68 32.57
C GLN F 112 -12.11 -48.69 32.02
N ASP F 113 -11.20 -48.26 31.15
CA ASP F 113 -10.20 -49.17 30.60
C ASP F 113 -9.14 -49.56 31.62
N LEU F 114 -9.01 -48.80 32.70
CA LEU F 114 -8.04 -49.12 33.73
C LEU F 114 -8.51 -50.33 34.55
N PRO F 115 -7.58 -51.17 35.00
CA PRO F 115 -8.01 -52.42 35.65
C PRO F 115 -8.69 -52.21 36.99
N ASN F 116 -8.26 -51.23 37.77
CA ASN F 116 -8.79 -51.01 39.12
C ASN F 116 -9.94 -50.02 39.13
N ALA F 117 -10.53 -49.71 37.97
CA ALA F 117 -11.60 -48.73 37.89
C ALA F 117 -12.91 -49.32 38.39
N MET F 118 -13.64 -48.54 39.18
CA MET F 118 -14.93 -48.97 39.66
C MET F 118 -15.97 -48.95 38.55
N ASN F 119 -16.92 -49.88 38.61
CA ASN F 119 -18.00 -49.93 37.64
C ASN F 119 -19.00 -48.80 37.91
N ALA F 120 -20.03 -48.73 37.08
CA ALA F 120 -21.03 -47.67 37.23
C ALA F 120 -21.78 -47.78 38.54
N ALA F 121 -22.02 -49.02 39.02
CA ALA F 121 -22.76 -49.21 40.26
C ALA F 121 -21.98 -48.69 41.46
N GLU F 122 -20.68 -49.01 41.52
CA GLU F 122 -19.86 -48.56 42.64
C GLU F 122 -19.72 -47.03 42.64
N ILE F 123 -19.61 -46.42 41.45
CA ILE F 123 -19.57 -44.97 41.37
C ILE F 123 -20.91 -44.37 41.78
N THR F 124 -22.01 -45.01 41.37
CA THR F 124 -23.34 -44.50 41.74
C THR F 124 -23.54 -44.51 43.25
N ASP F 125 -22.93 -45.48 43.94
CA ASP F 125 -23.11 -45.56 45.39
C ASP F 125 -22.20 -44.59 46.13
N LYS F 126 -20.99 -44.36 45.62
CA LYS F 126 -20.06 -43.46 46.30
C LYS F 126 -20.41 -42.00 46.06
N LEU F 127 -21.01 -41.67 44.91
CA LEU F 127 -21.45 -40.31 44.66
C LEU F 127 -22.79 -40.00 45.30
N GLY F 128 -23.57 -41.02 45.63
CA GLY F 128 -24.86 -40.81 46.27
C GLY F 128 -25.98 -40.43 45.33
N LEU F 129 -25.97 -40.92 44.09
CA LEU F 129 -26.98 -40.53 43.12
C LEU F 129 -28.36 -41.06 43.50
N HIS F 130 -28.43 -42.23 44.14
CA HIS F 130 -29.72 -42.79 44.51
C HIS F 130 -30.39 -42.02 45.63
N SER F 131 -29.66 -41.17 46.35
CA SER F 131 -30.25 -40.33 47.39
C SER F 131 -30.72 -38.98 46.87
N LEU F 132 -30.62 -38.74 45.57
CA LEU F 132 -31.06 -37.48 45.00
C LEU F 132 -32.56 -37.47 44.78
N ARG F 133 -33.16 -36.28 44.91
CA ARG F 133 -34.58 -36.09 44.74
C ARG F 133 -34.84 -34.95 43.76
N HIS F 134 -35.88 -35.09 42.94
CA HIS F 134 -36.27 -34.08 41.95
C HIS F 134 -35.10 -33.72 41.03
N ARG F 135 -34.37 -34.73 40.61
CA ARG F 135 -33.23 -34.54 39.70
C ARG F 135 -33.22 -35.69 38.72
N ASN F 136 -33.44 -35.38 37.44
CA ASN F 136 -33.43 -36.38 36.38
C ASN F 136 -31.98 -36.68 36.02
N TRP F 137 -31.42 -37.75 36.58
CA TRP F 137 -30.01 -38.07 36.43
C TRP F 137 -29.83 -39.44 35.77
N TYR F 138 -28.58 -39.75 35.45
CA TYR F 138 -28.20 -40.99 34.78
C TYR F 138 -26.67 -41.07 34.75
N ILE F 139 -26.15 -42.29 34.88
CA ILE F 139 -24.72 -42.53 34.89
C ILE F 139 -24.38 -43.47 33.74
N GLN F 140 -23.21 -43.25 33.13
CA GLN F 140 -22.78 -44.03 31.98
C GLN F 140 -21.30 -44.34 32.11
N ALA F 141 -20.94 -45.61 31.99
CA ALA F 141 -19.54 -46.02 32.01
C ALA F 141 -18.90 -45.69 30.67
N THR F 142 -17.84 -44.90 30.69
CA THR F 142 -17.23 -44.39 29.47
C THR F 142 -15.72 -44.61 29.48
N CYS F 143 -15.13 -44.48 28.29
CA CYS F 143 -13.69 -44.53 28.11
C CYS F 143 -13.34 -43.51 27.03
N ALA F 144 -12.84 -42.34 27.45
CA ALA F 144 -12.56 -41.26 26.51
C ALA F 144 -11.51 -41.65 25.49
N THR F 145 -10.63 -42.59 25.84
CA THR F 145 -9.61 -43.03 24.89
C THR F 145 -10.24 -43.71 23.69
N SER F 146 -10.95 -44.81 23.92
CA SER F 146 -11.60 -45.54 22.83
C SER F 146 -12.87 -44.84 22.35
N GLY F 147 -13.58 -44.15 23.26
CA GLY F 147 -14.81 -43.48 22.93
C GLY F 147 -16.07 -44.20 23.36
N ASP F 148 -15.94 -45.36 24.00
CA ASP F 148 -17.10 -46.13 24.42
C ASP F 148 -17.94 -45.34 25.41
N GLY F 149 -19.26 -45.43 25.28
CA GLY F 149 -20.17 -44.78 26.20
C GLY F 149 -20.42 -43.32 25.94
N LEU F 150 -19.57 -42.65 25.15
CA LEU F 150 -19.72 -41.22 24.92
C LEU F 150 -21.04 -40.92 24.21
N TYR F 151 -21.29 -41.60 23.09
CA TYR F 151 -22.56 -41.38 22.40
C TYR F 151 -23.74 -41.93 23.18
N GLU F 152 -23.52 -42.93 24.05
CA GLU F 152 -24.59 -43.41 24.91
C GLU F 152 -25.06 -42.32 25.87
N GLY F 153 -24.12 -41.58 26.46
CA GLY F 153 -24.49 -40.47 27.30
C GLY F 153 -25.14 -39.35 26.51
N LEU F 154 -24.67 -39.10 25.29
CA LEU F 154 -25.31 -38.11 24.43
C LEU F 154 -26.71 -38.56 24.01
N ASP F 155 -26.92 -39.87 23.86
CA ASP F 155 -28.27 -40.37 23.57
C ASP F 155 -29.23 -40.08 24.70
N TRP F 156 -28.76 -40.22 25.95
CA TRP F 156 -29.62 -39.91 27.09
C TRP F 156 -29.93 -38.42 27.15
N LEU F 157 -28.93 -37.57 26.92
CA LEU F 157 -29.17 -36.14 26.89
C LEU F 157 -30.14 -35.76 25.78
N SER F 158 -30.04 -36.44 24.62
CA SER F 158 -30.96 -36.17 23.53
C SER F 158 -32.39 -36.53 23.91
N ASN F 159 -32.57 -37.59 24.70
CA ASN F 159 -33.91 -37.97 25.13
C ASN F 159 -34.48 -36.97 26.14
N GLN F 160 -33.63 -36.43 27.01
CA GLN F 160 -34.10 -35.47 28.02
C GLN F 160 -34.48 -34.13 27.42
N LEU F 161 -34.20 -33.91 26.14
CA LEU F 161 -34.55 -32.65 25.48
C LEU F 161 -35.99 -32.67 24.99
N PHE G 3 -11.36 -23.57 -46.72
CA PHE G 3 -11.61 -22.78 -45.53
C PHE G 3 -10.34 -22.13 -45.01
N ASP G 4 -9.27 -22.91 -44.97
CA ASP G 4 -8.02 -22.43 -44.38
C ASP G 4 -7.43 -21.25 -45.16
N GLU G 5 -7.57 -21.25 -46.49
CA GLU G 5 -7.10 -20.09 -47.25
C GLU G 5 -7.85 -18.82 -46.88
N VAL G 6 -9.18 -18.92 -46.73
CA VAL G 6 -9.97 -17.72 -46.46
C VAL G 6 -9.77 -17.23 -45.03
N PHE G 7 -9.46 -18.13 -44.10
CA PHE G 7 -9.40 -17.77 -42.69
C PHE G 7 -8.36 -16.67 -42.45
N CYS G 8 -8.83 -15.53 -41.93
CA CYS G 8 -7.96 -14.37 -41.75
C CYS G 8 -6.92 -14.63 -40.66
N GLY G 9 -7.35 -15.13 -39.51
CA GLY G 9 -6.47 -15.34 -38.38
C GLY G 9 -6.84 -14.48 -37.19
N LEU G 10 -6.20 -14.76 -36.06
CA LEU G 10 -6.44 -14.05 -34.80
C LEU G 10 -5.14 -13.69 -34.12
N SER G 11 -5.06 -12.44 -33.63
CA SER G 11 -3.92 -12.03 -32.83
C SER G 11 -3.94 -12.75 -31.49
N ASN G 12 -2.74 -12.95 -30.93
CA ASN G 12 -2.59 -13.72 -29.71
C ASN G 12 -3.40 -13.12 -28.56
N GLU G 13 -3.46 -11.79 -28.48
CA GLU G 13 -4.24 -11.16 -27.42
C GLU G 13 -5.73 -11.47 -27.57
N GLU G 14 -6.20 -11.71 -28.80
CA GLU G 14 -7.59 -12.11 -28.98
C GLU G 14 -7.80 -13.58 -28.67
N ARG G 15 -6.86 -14.44 -29.10
CA ARG G 15 -6.90 -15.84 -28.69
C ARG G 15 -6.87 -15.95 -27.17
N LYS G 16 -6.10 -15.08 -26.52
CA LYS G 16 -6.02 -15.11 -25.06
C LYS G 16 -7.38 -14.77 -24.44
N LYS G 17 -8.10 -13.80 -25.00
CA LYS G 17 -9.41 -13.45 -24.47
C LYS G 17 -10.43 -14.57 -24.71
N VAL G 18 -10.41 -15.18 -25.90
CA VAL G 18 -11.36 -16.25 -26.19
C VAL G 18 -11.09 -17.46 -25.31
N TYR G 19 -9.81 -17.84 -25.17
CA TYR G 19 -9.47 -18.96 -24.31
C TYR G 19 -9.90 -18.70 -22.87
N GLY G 20 -9.84 -17.44 -22.42
CA GLY G 20 -10.35 -17.12 -21.10
C GLY G 20 -11.85 -17.35 -20.98
N ARG G 21 -12.60 -16.86 -21.97
CA ARG G 21 -14.04 -17.06 -21.95
C ARG G 21 -14.41 -18.55 -22.03
N LEU G 22 -13.61 -19.34 -22.74
CA LEU G 22 -13.86 -20.78 -22.77
C LEU G 22 -13.56 -21.43 -21.43
N PHE G 23 -12.58 -20.91 -20.69
CA PHE G 23 -12.36 -21.40 -19.34
C PHE G 23 -13.54 -21.07 -18.43
N GLY G 24 -14.06 -19.84 -18.55
CA GLY G 24 -15.19 -19.45 -17.72
C GLY G 24 -16.43 -20.27 -18.00
N LYS G 25 -16.68 -20.61 -19.26
CA LYS G 25 -17.81 -21.47 -19.60
C LYS G 25 -17.64 -22.86 -19.01
N GLN G 26 -16.41 -23.34 -18.88
CA GLN G 26 -16.17 -24.61 -18.20
C GLN G 26 -16.42 -24.49 -16.71
N VAL G 27 -16.12 -23.33 -16.12
CA VAL G 27 -16.42 -23.11 -14.71
C VAL G 27 -17.93 -23.18 -14.48
N LEU G 28 -18.70 -22.53 -15.34
CA LEU G 28 -20.15 -22.59 -15.24
C LEU G 28 -20.66 -24.02 -15.41
N ALA G 29 -20.12 -24.73 -16.40
CA ALA G 29 -20.51 -26.13 -16.61
C ALA G 29 -20.13 -27.00 -15.44
N HIS G 30 -19.03 -26.67 -14.74
CA HIS G 30 -18.65 -27.42 -13.55
C HIS G 30 -19.65 -27.20 -12.42
N ILE G 31 -20.08 -25.96 -12.22
CA ILE G 31 -21.05 -25.66 -11.17
C ILE G 31 -22.43 -26.22 -11.55
N HIS G 32 -22.77 -26.17 -12.83
CA HIS G 32 -24.07 -26.70 -13.27
C HIS G 32 -24.13 -28.21 -13.10
N SER G 33 -23.02 -28.91 -13.35
CA SER G 33 -23.01 -30.35 -13.16
C SER G 33 -23.10 -30.70 -11.68
N ARG G 34 -22.46 -29.91 -10.82
CA ARG G 34 -22.61 -30.09 -9.38
C ARG G 34 -24.06 -29.95 -8.95
N CYS G 35 -24.76 -28.96 -9.51
CA CYS G 35 -26.15 -28.73 -9.13
C CYS G 35 -27.06 -29.82 -9.69
N GLN G 36 -26.74 -30.36 -10.87
CA GLN G 36 -27.52 -31.47 -11.40
C GLN G 36 -27.31 -32.73 -10.57
N ARG G 37 -26.13 -32.90 -9.97
CA ARG G 37 -25.86 -34.07 -9.14
C ARG G 37 -26.67 -34.03 -7.85
N ASP G 38 -26.74 -32.87 -7.21
CA ASP G 38 -27.44 -32.70 -5.94
C ASP G 38 -28.86 -32.17 -6.12
N ALA G 39 -29.46 -32.37 -7.30
CA ALA G 39 -30.77 -31.78 -7.58
C ALA G 39 -31.83 -32.30 -6.62
N ASP G 40 -31.78 -33.58 -6.28
CA ASP G 40 -32.81 -34.15 -5.40
C ASP G 40 -32.67 -33.61 -3.98
N ILE G 41 -31.46 -33.67 -3.42
CA ILE G 41 -31.26 -33.21 -2.04
C ILE G 41 -31.46 -31.70 -1.94
N ILE G 42 -31.15 -30.95 -3.00
CA ILE G 42 -31.38 -29.51 -3.00
C ILE G 42 -32.86 -29.20 -2.95
N ARG G 43 -33.65 -29.86 -3.80
CA ARG G 43 -35.10 -29.64 -3.78
C ARG G 43 -35.70 -30.09 -2.46
N GLU G 44 -35.22 -31.22 -1.91
CA GLU G 44 -35.74 -31.70 -0.64
C GLU G 44 -35.41 -30.72 0.49
N LYS G 45 -34.23 -30.11 0.45
CA LYS G 45 -33.88 -29.12 1.48
C LYS G 45 -34.71 -27.85 1.32
N ALA G 46 -34.97 -27.43 0.08
CA ALA G 46 -35.74 -26.22 -0.14
C ALA G 46 -37.20 -26.41 0.29
N LEU G 47 -37.79 -27.54 -0.08
CA LEU G 47 -39.16 -27.83 0.37
C LEU G 47 -39.21 -27.97 1.90
N ARG G 48 -38.12 -28.43 2.51
CA ARG G 48 -38.07 -28.51 3.96
C ARG G 48 -38.14 -27.12 4.58
N ARG G 49 -37.45 -26.14 3.99
CA ARG G 49 -37.49 -24.78 4.51
C ARG G 49 -38.87 -24.15 4.31
N ILE G 50 -39.51 -24.45 3.18
CA ILE G 50 -40.80 -23.83 2.88
C ILE G 50 -41.86 -24.31 3.86
N SER G 51 -41.92 -25.63 4.09
CA SER G 51 -42.87 -26.16 5.07
C SER G 51 -42.53 -25.71 6.49
N ARG G 52 -41.24 -25.43 6.75
CA ARG G 52 -40.85 -24.94 8.07
C ARG G 52 -41.39 -23.54 8.32
N GLU G 53 -41.39 -22.69 7.30
CA GLU G 53 -41.97 -21.35 7.44
C GLU G 53 -43.49 -21.41 7.36
N CYS G 54 -44.02 -21.87 6.24
CA CYS G 54 -45.46 -21.99 6.04
C CYS G 54 -45.98 -23.32 6.59
N ILE G 58 -49.85 -25.58 2.83
CA ILE G 58 -50.08 -25.24 1.43
C ILE G 58 -49.15 -26.06 0.55
N ASP G 59 -49.49 -26.20 -0.73
CA ASP G 59 -48.67 -26.94 -1.68
C ASP G 59 -47.30 -26.32 -1.82
N CYS G 60 -46.30 -26.87 -1.11
CA CYS G 60 -44.96 -26.31 -1.14
C CYS G 60 -44.36 -26.36 -2.55
N ALA G 61 -44.78 -27.33 -3.36
CA ALA G 61 -44.28 -27.41 -4.73
C ALA G 61 -44.67 -26.17 -5.53
N LEU G 62 -45.88 -25.66 -5.31
CA LEU G 62 -46.31 -24.47 -6.04
C LEU G 62 -45.61 -23.22 -5.52
N LEU G 63 -45.43 -23.11 -4.21
CA LEU G 63 -44.76 -21.94 -3.65
C LEU G 63 -43.29 -21.92 -4.02
N LEU G 64 -42.64 -23.09 -4.05
CA LEU G 64 -41.24 -23.15 -4.45
C LEU G 64 -41.06 -22.73 -5.90
N ASN G 65 -41.98 -23.16 -6.78
CA ASN G 65 -41.90 -22.75 -8.18
C ASN G 65 -42.07 -21.24 -8.32
N LYS G 66 -42.95 -20.66 -7.50
CA LYS G 66 -43.16 -19.21 -7.55
C LYS G 66 -41.89 -18.45 -7.12
N MET G 67 -41.21 -18.95 -6.10
CA MET G 67 -39.98 -18.29 -5.65
C MET G 67 -38.85 -18.48 -6.67
N VAL G 68 -38.81 -19.64 -7.33
CA VAL G 68 -37.82 -19.85 -8.38
C VAL G 68 -38.12 -18.97 -9.58
N ASP G 69 -39.40 -18.85 -9.94
CA ASP G 69 -39.76 -18.00 -11.08
C ASP G 69 -39.50 -16.53 -10.77
N ILE G 70 -39.58 -16.13 -9.51
CA ILE G 70 -39.28 -14.74 -9.14
C ILE G 70 -37.77 -14.50 -9.23
N LEU G 71 -36.97 -15.42 -8.68
CA LEU G 71 -35.52 -15.26 -8.74
C LEU G 71 -35.01 -15.32 -10.17
N GLN G 72 -35.62 -16.13 -11.03
CA GLN G 72 -35.17 -16.22 -12.41
C GLN G 72 -35.53 -14.95 -13.19
N ASN G 73 -36.72 -14.41 -12.94
CA ASN G 73 -37.18 -13.20 -13.61
C ASN G 73 -36.70 -11.92 -12.92
N ALA G 74 -35.81 -12.03 -11.94
CA ALA G 74 -35.22 -10.85 -11.31
C ALA G 74 -34.28 -10.15 -12.28
N ARG G 75 -34.00 -8.88 -12.00
CA ARG G 75 -33.07 -8.12 -12.80
C ARG G 75 -31.67 -8.23 -12.24
N LEU G 76 -30.68 -8.11 -13.13
CA LEU G 76 -29.28 -8.26 -12.79
C LEU G 76 -28.65 -6.87 -12.78
N THR G 77 -28.07 -6.48 -11.64
CA THR G 77 -27.58 -5.13 -11.44
C THR G 77 -26.12 -5.12 -11.02
N ILE G 78 -25.37 -4.14 -11.53
CA ILE G 78 -23.99 -3.87 -11.11
C ILE G 78 -23.94 -2.42 -10.65
N ASN G 79 -23.84 -2.21 -9.35
CA ASN G 79 -23.86 -0.86 -8.80
C ASN G 79 -22.48 -0.21 -8.89
N PHE G 80 -22.47 1.11 -9.02
CA PHE G 80 -21.24 1.88 -9.05
C PHE G 80 -21.51 3.28 -8.52
N ASN G 81 -20.43 3.98 -8.17
CA ASN G 81 -20.52 5.31 -7.58
C ASN G 81 -20.12 6.33 -8.64
N ALA G 82 -21.11 7.05 -9.19
CA ALA G 82 -20.85 8.00 -10.24
C ALA G 82 -20.05 9.22 -9.78
N ALA G 83 -19.90 9.41 -8.47
CA ALA G 83 -19.13 10.53 -7.94
C ALA G 83 -17.67 10.18 -7.68
N LYS G 84 -17.32 8.89 -7.66
CA LYS G 84 -15.95 8.46 -7.41
C LYS G 84 -15.26 7.88 -8.63
N ILE G 85 -16.00 7.42 -9.64
CA ILE G 85 -15.43 6.97 -10.89
C ILE G 85 -16.06 7.78 -12.02
N ASP G 86 -15.31 7.95 -13.10
CA ASP G 86 -15.81 8.65 -14.28
C ASP G 86 -16.58 7.65 -15.12
N PHE G 87 -17.91 7.67 -15.02
CA PHE G 87 -18.73 6.77 -15.82
C PHE G 87 -18.58 7.03 -17.31
N VAL G 88 -18.26 8.28 -17.69
CA VAL G 88 -18.05 8.58 -19.10
C VAL G 88 -16.84 7.83 -19.64
N SER G 89 -15.75 7.81 -18.87
CA SER G 89 -14.60 7.00 -19.26
C SER G 89 -14.93 5.52 -19.26
N LEU G 90 -15.80 5.08 -18.35
CA LEU G 90 -16.19 3.68 -18.29
C LEU G 90 -17.02 3.28 -19.50
N LEU G 91 -17.99 4.11 -19.87
CA LEU G 91 -18.87 3.77 -21.00
C LEU G 91 -18.12 3.80 -22.32
N LYS G 92 -17.14 4.69 -22.47
CA LYS G 92 -16.39 4.77 -23.72
C LYS G 92 -15.46 3.58 -23.93
N ASN G 93 -15.19 2.79 -22.89
CA ASN G 93 -14.35 1.61 -23.07
C ASN G 93 -15.06 0.52 -23.87
N LYS G 94 -16.38 0.62 -24.02
CA LYS G 94 -17.19 -0.33 -24.77
C LYS G 94 -17.16 -1.73 -24.17
N GLU G 95 -16.71 -1.87 -22.92
CA GLU G 95 -16.62 -3.16 -22.27
C GLU G 95 -16.42 -2.97 -20.78
N TYR G 96 -17.08 -3.81 -19.99
CA TYR G 96 -16.90 -3.83 -18.54
C TYR G 96 -15.89 -4.90 -18.17
N LEU G 97 -14.97 -4.55 -17.27
CA LEU G 97 -13.89 -5.45 -16.87
C LEU G 97 -13.85 -5.58 -15.36
N ASN G 98 -13.39 -6.75 -14.91
CA ASN G 98 -13.26 -7.02 -13.48
C ASN G 98 -11.98 -6.39 -12.95
N SER G 99 -11.62 -6.74 -11.71
CA SER G 99 -10.48 -6.10 -11.07
C SER G 99 -9.14 -6.56 -11.65
N TYR G 100 -9.11 -7.69 -12.37
CA TYR G 100 -7.86 -8.18 -12.92
C TYR G 100 -7.39 -7.36 -14.12
N ALA G 101 -8.19 -6.43 -14.60
CA ALA G 101 -7.79 -5.59 -15.74
C ALA G 101 -7.48 -4.17 -15.28
N PRO G 110 -3.30 -3.08 -6.72
CA PRO G 110 -4.43 -4.02 -6.57
C PRO G 110 -4.05 -5.27 -5.80
N ALA G 111 -3.61 -5.09 -4.55
CA ALA G 111 -3.22 -6.23 -3.73
C ALA G 111 -4.39 -7.14 -3.39
N TYR G 112 -5.63 -6.65 -3.53
CA TYR G 112 -6.79 -7.48 -3.27
C TYR G 112 -6.96 -8.60 -4.29
N ASN G 113 -6.40 -8.42 -5.49
CA ASN G 113 -6.55 -9.43 -6.54
C ASN G 113 -5.99 -10.78 -6.11
N VAL G 114 -4.86 -10.77 -5.40
CA VAL G 114 -4.26 -12.02 -4.95
C VAL G 114 -5.22 -12.81 -4.09
N GLY G 115 -5.76 -12.17 -3.04
CA GLY G 115 -6.76 -12.82 -2.21
C GLY G 115 -8.01 -13.19 -3.00
N ARG G 116 -8.42 -12.32 -3.92
CA ARG G 116 -9.57 -12.61 -4.76
C ARG G 116 -9.33 -13.84 -5.64
N ASP G 117 -8.10 -14.00 -6.14
CA ASP G 117 -7.75 -15.22 -6.86
C ASP G 117 -7.87 -16.43 -5.94
N SER G 118 -7.36 -16.32 -4.71
CA SER G 118 -7.46 -17.43 -3.77
C SER G 118 -8.91 -17.78 -3.47
N VAL G 119 -9.76 -16.76 -3.30
CA VAL G 119 -11.18 -17.01 -3.05
C VAL G 119 -11.82 -17.68 -4.27
N GLU G 120 -11.54 -17.15 -5.46
CA GLU G 120 -12.12 -17.73 -6.68
C GLU G 120 -11.62 -19.14 -6.93
N THR G 121 -10.37 -19.44 -6.54
CA THR G 121 -9.84 -20.78 -6.75
C THR G 121 -10.49 -21.78 -5.80
N LYS G 122 -10.78 -21.35 -4.58
CA LYS G 122 -11.39 -22.25 -3.60
C LYS G 122 -12.91 -22.29 -3.71
N ALA G 123 -13.54 -21.22 -4.17
CA ALA G 123 -15.00 -21.20 -4.25
C ALA G 123 -15.51 -21.89 -5.51
N PHE G 124 -14.89 -21.62 -6.66
CA PHE G 124 -15.33 -22.21 -7.92
C PHE G 124 -14.64 -23.52 -8.25
N GLU G 125 -13.80 -24.05 -7.35
CA GLU G 125 -13.08 -25.30 -7.55
C GLU G 125 -12.27 -25.27 -8.84
N LEU G 126 -11.52 -24.19 -9.02
CA LEU G 126 -10.74 -24.02 -10.24
C LEU G 126 -9.62 -25.05 -10.37
N GLU G 127 -9.20 -25.65 -9.26
CA GLU G 127 -8.19 -26.70 -9.34
C GLU G 127 -8.70 -27.96 -10.03
N LYS G 128 -10.02 -28.15 -10.07
CA LYS G 128 -10.60 -29.28 -10.81
C LYS G 128 -10.47 -29.12 -12.32
N LEU G 129 -10.10 -27.94 -12.80
CA LEU G 129 -9.93 -27.67 -14.22
C LEU G 129 -8.47 -27.55 -14.61
N ALA G 130 -7.55 -28.01 -13.76
CA ALA G 130 -6.13 -27.88 -14.06
C ALA G 130 -5.73 -28.68 -15.29
N ASP G 131 -6.45 -29.76 -15.60
CA ASP G 131 -6.17 -30.59 -16.75
C ASP G 131 -6.88 -30.12 -18.01
N SER G 132 -7.57 -28.99 -17.95
CA SER G 132 -8.28 -28.47 -19.12
C SER G 132 -7.30 -27.83 -20.10
N PRO G 133 -7.58 -27.93 -21.41
CA PRO G 133 -6.70 -27.28 -22.39
C PRO G 133 -6.72 -25.76 -22.31
N TYR G 134 -7.66 -25.17 -21.58
CA TYR G 134 -7.73 -23.73 -21.39
C TYR G 134 -7.31 -23.31 -19.98
N ALA G 135 -6.77 -24.25 -19.19
CA ALA G 135 -6.28 -23.90 -17.87
C ALA G 135 -5.16 -22.86 -17.87
N PRO G 136 -4.18 -22.89 -18.79
CA PRO G 136 -3.14 -21.86 -18.77
C PRO G 136 -3.66 -20.43 -18.90
N TYR G 137 -4.92 -20.25 -19.32
CA TYR G 137 -5.50 -18.94 -19.49
C TYR G 137 -6.47 -18.57 -18.37
N GLY G 138 -6.67 -19.46 -17.40
CA GLY G 138 -7.53 -19.18 -16.26
C GLY G 138 -6.82 -19.32 -14.94
N GLN G 139 -5.50 -19.46 -14.99
CA GLN G 139 -4.66 -19.61 -13.81
C GLN G 139 -3.66 -18.47 -13.75
N THR G 140 -3.63 -17.76 -12.62
CA THR G 140 -2.71 -16.64 -12.47
C THR G 140 -1.27 -17.11 -12.32
N GLY G 141 -1.07 -18.33 -11.81
CA GLY G 141 0.28 -18.81 -11.58
C GLY G 141 1.04 -18.04 -10.52
N GLY G 142 0.35 -17.56 -9.50
CA GLY G 142 0.95 -16.69 -8.51
C GLY G 142 0.91 -15.24 -8.93
N PHE G 143 1.24 -14.37 -7.96
CA PHE G 143 1.24 -12.93 -8.18
C PHE G 143 2.63 -12.37 -7.95
N SER G 144 3.01 -11.40 -8.78
CA SER G 144 4.33 -10.79 -8.69
C SER G 144 4.36 -9.78 -7.56
N VAL G 145 5.47 -9.03 -7.46
CA VAL G 145 5.63 -8.06 -6.38
C VAL G 145 4.63 -6.92 -6.51
N ALA G 146 4.19 -6.62 -7.73
CA ALA G 146 3.22 -5.57 -7.98
C ALA G 146 1.78 -6.08 -7.95
N TYR G 147 1.55 -7.25 -7.35
CA TYR G 147 0.23 -7.87 -7.30
C TYR G 147 -0.32 -8.10 -8.70
N THR G 148 0.57 -8.50 -9.62
CA THR G 148 0.23 -8.83 -10.99
C THR G 148 0.51 -10.30 -11.25
N PRO G 149 -0.32 -10.98 -12.06
CA PRO G 149 -0.14 -12.42 -12.25
C PRO G 149 1.19 -12.73 -12.94
N ASN G 150 1.83 -13.81 -12.48
CA ASN G 150 3.09 -14.23 -13.10
C ASN G 150 2.87 -14.87 -14.46
N SER G 151 1.72 -15.51 -14.65
CA SER G 151 1.44 -16.20 -15.92
C SER G 151 1.22 -15.16 -17.02
N ARG G 152 2.05 -15.23 -18.06
CA ARG G 152 1.92 -14.32 -19.19
C ARG G 152 0.71 -14.61 -20.04
N THR G 153 0.03 -15.75 -19.84
CA THR G 153 -1.13 -16.13 -20.62
C THR G 153 -2.44 -16.00 -19.85
N PHE G 154 -2.38 -15.62 -18.57
CA PHE G 154 -3.61 -15.44 -17.80
C PHE G 154 -4.47 -14.35 -18.43
N SER G 155 -5.73 -14.67 -18.69
CA SER G 155 -6.64 -13.76 -19.35
C SER G 155 -7.67 -13.20 -18.37
N THR G 156 -7.98 -11.92 -18.53
CA THR G 156 -9.01 -11.29 -17.71
C THR G 156 -10.36 -11.97 -17.91
N THR G 157 -10.67 -12.36 -19.15
CA THR G 157 -11.96 -12.94 -19.49
C THR G 157 -12.22 -14.27 -18.81
N SER G 158 -11.20 -14.90 -18.23
CA SER G 158 -11.40 -16.19 -17.57
C SER G 158 -12.06 -16.07 -16.21
N ARG G 159 -12.15 -14.86 -15.65
CA ARG G 159 -12.73 -14.69 -14.33
C ARG G 159 -14.03 -13.89 -14.42
N PRO G 160 -15.01 -14.20 -13.57
CA PRO G 160 -16.35 -13.63 -13.74
C PRO G 160 -16.40 -12.15 -13.40
N ILE G 161 -17.48 -11.51 -13.86
CA ILE G 161 -17.82 -10.14 -13.48
C ILE G 161 -18.94 -10.20 -12.45
N TYR G 162 -18.73 -9.53 -11.31
CA TYR G 162 -19.63 -9.67 -10.18
C TYR G 162 -20.81 -8.73 -10.30
N ALA G 163 -21.98 -9.21 -9.88
CA ALA G 163 -23.21 -8.46 -9.95
C ALA G 163 -24.10 -8.86 -8.79
N ALA G 164 -25.30 -8.29 -8.74
CA ALA G 164 -26.27 -8.59 -7.70
C ALA G 164 -27.60 -8.92 -8.35
N LEU G 165 -28.30 -9.89 -7.76
CA LEU G 165 -29.61 -10.32 -8.24
C LEU G 165 -30.66 -9.52 -7.48
N ASP G 166 -31.15 -8.44 -8.11
CA ASP G 166 -32.08 -7.52 -7.46
C ASP G 166 -33.51 -8.04 -7.67
N PHE G 167 -33.88 -9.03 -6.85
CA PHE G 167 -35.19 -9.65 -6.98
C PHE G 167 -36.29 -8.84 -6.30
N LEU G 168 -35.94 -7.80 -5.54
CA LEU G 168 -36.92 -6.93 -4.92
C LEU G 168 -37.05 -5.58 -5.61
N ASN G 169 -36.33 -5.36 -6.70
CA ASN G 169 -36.32 -4.08 -7.41
C ASN G 169 -35.99 -2.93 -6.45
N GLY G 170 -34.75 -2.96 -5.97
CA GLY G 170 -34.31 -1.96 -5.02
C GLY G 170 -34.35 -0.56 -5.60
N GLU G 171 -34.54 0.42 -4.73
CA GLU G 171 -34.58 1.82 -5.17
C GLU G 171 -33.26 2.23 -5.79
N ASN G 172 -32.15 1.73 -5.26
CA ASN G 172 -30.82 2.07 -5.77
C ASN G 172 -30.09 0.82 -6.29
N GLY G 173 -30.84 -0.16 -6.76
CA GLY G 173 -30.25 -1.37 -7.29
C GLY G 173 -30.16 -2.49 -6.27
N GLY G 174 -29.48 -3.56 -6.69
CA GLY G 174 -29.33 -4.73 -5.86
C GLY G 174 -28.18 -4.71 -4.86
N ALA G 175 -27.26 -3.76 -5.00
CA ALA G 175 -26.13 -3.65 -4.10
C ALA G 175 -25.73 -2.18 -3.99
N SER G 176 -26.63 -1.37 -3.42
CA SER G 176 -26.42 0.06 -3.31
C SER G 176 -25.22 0.42 -2.44
N ALA G 177 -24.62 -0.55 -1.74
CA ALA G 177 -23.44 -0.29 -0.94
C ALA G 177 -22.23 0.14 -1.77
N TYR G 178 -22.27 -0.05 -3.09
CA TYR G 178 -21.17 0.33 -3.97
C TYR G 178 -21.48 1.56 -4.80
N GLY G 179 -22.54 2.28 -4.49
CA GLY G 179 -22.89 3.50 -5.20
C GLY G 179 -24.38 3.58 -5.46
N LYS G 180 -24.86 4.80 -5.72
CA LYS G 180 -26.27 5.02 -6.00
C LYS G 180 -26.65 4.78 -7.44
N SER G 181 -25.68 4.67 -8.34
CA SER G 181 -25.92 4.33 -9.74
C SER G 181 -25.66 2.85 -9.97
N PHE G 182 -26.25 2.32 -11.05
CA PHE G 182 -26.09 0.91 -11.34
C PHE G 182 -26.47 0.60 -12.79
N PHE G 183 -25.70 -0.31 -13.40
CA PHE G 183 -26.09 -0.91 -14.67
C PHE G 183 -27.15 -1.98 -14.44
N GLU G 184 -28.12 -2.03 -15.35
CA GLU G 184 -29.05 -3.15 -15.41
C GLU G 184 -28.77 -3.94 -16.68
N LEU G 185 -28.38 -5.19 -16.52
CA LEU G 185 -28.00 -6.04 -17.65
C LEU G 185 -29.24 -6.72 -18.23
N ASN G 186 -29.10 -7.17 -19.48
CA ASN G 186 -30.18 -7.90 -20.13
C ASN G 186 -30.42 -9.23 -19.42
N ASP G 187 -31.64 -9.74 -19.55
CA ASP G 187 -32.03 -10.93 -18.81
C ASP G 187 -31.25 -12.16 -19.25
N ASN G 188 -30.86 -12.23 -20.53
CA ASN G 188 -30.11 -13.39 -21.01
C ASN G 188 -28.76 -13.52 -20.33
N VAL G 189 -28.20 -12.41 -19.82
CA VAL G 189 -26.91 -12.46 -19.13
C VAL G 189 -26.98 -13.35 -17.90
N LYS G 190 -28.16 -13.46 -17.28
CA LYS G 190 -28.30 -14.27 -16.08
C LYS G 190 -28.08 -15.75 -16.37
N THR G 191 -28.30 -16.19 -17.61
CA THR G 191 -28.11 -17.60 -17.93
C THR G 191 -26.65 -18.02 -17.88
N ASN G 192 -25.71 -17.07 -17.95
CA ASN G 192 -24.29 -17.35 -17.84
C ASN G 192 -23.76 -17.10 -16.43
N CYS G 193 -24.63 -16.99 -15.44
CA CYS G 193 -24.25 -16.58 -14.11
C CYS G 193 -24.33 -17.74 -13.12
N THR G 194 -23.44 -17.72 -12.14
CA THR G 194 -23.59 -18.48 -10.91
C THR G 194 -24.07 -17.55 -9.81
N PHE G 195 -24.76 -18.11 -8.83
CA PHE G 195 -25.41 -17.32 -7.80
C PHE G 195 -25.06 -17.84 -6.42
N SER G 196 -24.94 -16.94 -5.45
CA SER G 196 -24.59 -17.26 -4.08
C SER G 196 -25.47 -16.47 -3.13
N PRO G 197 -25.88 -17.07 -2.01
CA PRO G 197 -26.70 -16.32 -1.05
C PRO G 197 -25.91 -15.25 -0.31
N PHE G 198 -24.60 -15.41 -0.18
CA PHE G 198 -23.74 -14.41 0.43
C PHE G 198 -22.60 -14.09 -0.52
N ASP G 199 -22.00 -12.91 -0.34
CA ASP G 199 -20.83 -12.55 -1.11
C ASP G 199 -19.72 -13.57 -0.85
N ILE G 200 -19.14 -14.10 -1.91
CA ILE G 200 -18.17 -15.18 -1.79
C ILE G 200 -16.89 -14.75 -1.08
N TYR G 201 -16.70 -13.46 -0.84
CA TYR G 201 -15.54 -12.96 -0.12
C TYR G 201 -15.81 -12.74 1.36
N GLY G 202 -16.98 -13.16 1.85
CA GLY G 202 -17.32 -13.00 3.25
C GLY G 202 -17.17 -14.28 4.05
N HIS G 203 -17.35 -14.15 5.36
CA HIS G 203 -17.24 -15.29 6.25
C HIS G 203 -18.50 -16.16 6.24
N ARG G 204 -19.67 -15.57 6.01
CA ARG G 204 -20.89 -16.36 5.96
C ARG G 204 -20.90 -17.31 4.78
N PHE G 205 -20.26 -16.93 3.67
CA PHE G 205 -20.11 -17.87 2.56
C PHE G 205 -19.13 -18.97 2.93
N GLY G 206 -18.02 -18.61 3.57
CA GLY G 206 -17.08 -19.60 4.07
C GLY G 206 -16.44 -20.46 2.99
N LEU G 207 -16.32 -19.94 1.77
CA LEU G 207 -15.73 -20.67 0.64
C LEU G 207 -16.45 -22.00 0.42
N ASP G 208 -17.77 -21.99 0.63
CA ASP G 208 -18.59 -23.20 0.52
C ASP G 208 -19.09 -23.32 -0.91
N THR G 209 -18.49 -24.25 -1.68
CA THR G 209 -18.89 -24.43 -3.07
C THR G 209 -20.32 -24.93 -3.19
N SER G 210 -20.81 -25.69 -2.19
CA SER G 210 -22.17 -26.20 -2.22
C SER G 210 -23.21 -25.10 -2.14
N LYS G 211 -22.81 -23.87 -1.82
CA LYS G 211 -23.72 -22.74 -1.79
C LYS G 211 -23.87 -22.06 -3.15
N LEU G 212 -23.18 -22.53 -4.17
CA LEU G 212 -23.25 -21.95 -5.50
C LEU G 212 -24.26 -22.70 -6.36
N SER G 213 -25.09 -21.94 -7.08
CA SER G 213 -26.07 -22.49 -7.99
C SER G 213 -26.02 -21.72 -9.31
N THR G 214 -26.64 -22.31 -10.34
CA THR G 214 -26.70 -21.69 -11.65
C THR G 214 -28.10 -21.12 -11.87
N PHE G 215 -28.32 -20.60 -13.08
CA PHE G 215 -29.62 -20.01 -13.40
C PHE G 215 -30.73 -21.04 -13.43
N TRP G 216 -30.39 -22.32 -13.57
CA TRP G 216 -31.37 -23.39 -13.69
C TRP G 216 -31.57 -24.16 -12.40
N HIS G 217 -31.00 -23.69 -11.29
CA HIS G 217 -31.09 -24.38 -10.01
C HIS G 217 -31.25 -23.36 -8.89
N MET G 218 -32.26 -22.50 -9.01
CA MET G 218 -32.51 -21.51 -7.98
C MET G 218 -32.97 -22.13 -6.66
N GLU G 219 -33.41 -23.40 -6.68
CA GLU G 219 -33.80 -24.06 -5.44
C GLU G 219 -32.64 -24.12 -4.46
N ASN G 220 -31.41 -24.24 -4.96
CA ASN G 220 -30.25 -24.20 -4.07
C ASN G 220 -30.10 -22.82 -3.43
N LEU G 221 -30.30 -21.76 -4.21
CA LEU G 221 -30.23 -20.42 -3.67
C LEU G 221 -31.33 -20.17 -2.63
N ILE G 222 -32.49 -20.79 -2.80
CA ILE G 222 -33.58 -20.63 -1.85
C ILE G 222 -33.29 -21.38 -0.55
N ALA G 223 -32.79 -22.61 -0.66
CA ALA G 223 -32.49 -23.40 0.52
C ALA G 223 -31.28 -22.88 1.28
N SER G 224 -30.43 -22.09 0.64
CA SER G 224 -29.20 -21.61 1.24
C SER G 224 -29.24 -20.14 1.64
N CYS G 225 -30.25 -19.38 1.22
CA CYS G 225 -30.28 -17.96 1.54
C CYS G 225 -30.52 -17.77 3.04
N GLN G 226 -30.26 -16.56 3.50
CA GLN G 226 -30.31 -16.26 4.92
C GLN G 226 -31.75 -16.00 5.38
N ASN G 227 -32.01 -16.32 6.66
CA ASN G 227 -33.28 -16.04 7.31
C ASN G 227 -32.98 -15.39 8.66
N ASP G 228 -32.29 -14.26 8.61
CA ASP G 228 -31.81 -13.60 9.83
C ASP G 228 -32.97 -13.14 10.69
N PHE G 229 -32.75 -13.14 12.00
CA PHE G 229 -33.76 -12.72 12.97
C PHE G 229 -33.71 -11.22 13.25
N PHE G 230 -32.88 -10.47 12.53
CA PHE G 230 -32.84 -9.03 12.65
C PHE G 230 -32.27 -8.45 11.36
N GLY G 231 -32.65 -7.20 11.07
CA GLY G 231 -32.22 -6.57 9.84
C GLY G 231 -33.02 -7.06 8.65
N TYR G 232 -32.38 -7.02 7.48
CA TYR G 232 -33.01 -7.49 6.25
C TYR G 232 -33.04 -9.02 6.22
N ASN G 233 -34.21 -9.58 5.96
CA ASN G 233 -34.39 -11.02 5.89
C ASN G 233 -34.67 -11.40 4.44
N CYS G 234 -33.80 -12.24 3.86
CA CYS G 234 -33.95 -12.62 2.46
C CYS G 234 -35.04 -13.68 2.29
N PHE G 235 -35.06 -14.69 3.16
CA PHE G 235 -36.03 -15.77 3.01
C PHE G 235 -37.46 -15.26 3.15
N LYS G 236 -37.72 -14.48 4.21
CA LYS G 236 -39.09 -14.00 4.44
C LYS G 236 -39.53 -13.01 3.36
N SER G 237 -38.60 -12.23 2.82
CA SER G 237 -38.96 -11.29 1.75
C SER G 237 -39.32 -12.05 0.47
N LEU G 238 -38.52 -13.05 0.09
CA LEU G 238 -38.83 -13.84 -1.09
C LEU G 238 -40.09 -14.65 -0.92
N VAL G 239 -40.37 -15.10 0.31
CA VAL G 239 -41.59 -15.86 0.56
C VAL G 239 -42.82 -14.96 0.41
N LYS G 240 -42.75 -13.76 0.98
CA LYS G 240 -43.89 -12.84 0.89
C LYS G 240 -44.10 -12.35 -0.53
N MET G 241 -43.01 -12.16 -1.29
CA MET G 241 -43.17 -11.77 -2.69
C MET G 241 -43.79 -12.88 -3.51
N ALA G 242 -43.50 -14.14 -3.18
CA ALA G 242 -44.12 -15.26 -3.88
C ALA G 242 -45.59 -15.39 -3.53
N LYS G 243 -45.96 -15.02 -2.30
CA LYS G 243 -47.36 -15.01 -1.89
C LYS G 243 -48.08 -13.75 -2.33
N ASP G 244 -47.54 -13.06 -3.34
CA ASP G 244 -48.15 -11.88 -3.95
C ASP G 244 -48.42 -10.78 -2.92
N GLU G 245 -47.52 -10.62 -1.97
CA GLU G 245 -47.56 -9.53 -1.01
C GLU G 245 -46.49 -8.50 -1.39
N LYS G 246 -46.92 -7.28 -1.67
CA LYS G 246 -46.00 -6.19 -1.98
C LYS G 246 -45.61 -5.46 -0.70
N PHE G 247 -44.35 -5.04 -0.63
CA PHE G 247 -43.80 -4.43 0.57
C PHE G 247 -42.55 -3.66 0.21
N LEU G 248 -42.18 -2.72 1.08
CA LEU G 248 -40.94 -1.99 0.90
C LEU G 248 -39.77 -2.86 1.35
N ALA G 249 -38.73 -2.93 0.53
CA ALA G 249 -37.54 -3.65 0.92
C ALA G 249 -36.91 -2.98 2.13
N HIS G 250 -36.19 -3.78 2.92
CA HIS G 250 -35.54 -3.25 4.11
C HIS G 250 -34.57 -2.14 3.73
N SER G 251 -34.40 -1.17 4.64
CA SER G 251 -33.55 -0.03 4.34
C SER G 251 -32.10 -0.44 4.15
N ASN G 252 -31.73 -1.66 4.57
CA ASN G 252 -30.41 -2.20 4.36
C ASN G 252 -30.38 -3.22 3.22
N TYR G 253 -31.39 -3.21 2.34
CA TYR G 253 -31.42 -4.13 1.21
C TYR G 253 -30.31 -3.77 0.22
N GLY G 254 -29.36 -4.68 0.05
CA GLY G 254 -28.22 -4.44 -0.81
C GLY G 254 -27.03 -3.81 -0.12
N LYS G 255 -27.23 -3.26 1.08
CA LYS G 255 -26.16 -2.66 1.87
C LYS G 255 -25.65 -3.69 2.87
N GLY G 256 -24.39 -4.08 2.73
CA GLY G 256 -23.84 -5.14 3.57
C GLY G 256 -23.49 -6.32 2.68
N TYR G 257 -22.23 -6.75 2.78
CA TYR G 257 -21.72 -7.74 1.84
C TYR G 257 -22.14 -9.16 2.21
N GLU G 258 -22.24 -9.47 3.51
CA GLU G 258 -22.54 -10.84 3.95
C GLU G 258 -24.02 -10.94 4.30
N GLY G 259 -24.82 -11.33 3.31
CA GLY G 259 -26.21 -11.71 3.53
C GLY G 259 -27.25 -10.70 3.08
N ASN G 260 -26.85 -9.50 2.69
CA ASN G 260 -27.82 -8.46 2.32
C ASN G 260 -28.05 -8.35 0.82
N TYR G 261 -27.46 -9.24 0.03
CA TYR G 261 -27.75 -9.30 -1.40
C TYR G 261 -27.29 -10.64 -1.94
N ILE G 262 -27.94 -11.08 -3.02
CA ILE G 262 -27.57 -12.32 -3.69
C ILE G 262 -26.48 -12.01 -4.70
N ASP G 263 -25.29 -12.56 -4.48
CA ASP G 263 -24.14 -12.29 -5.33
C ASP G 263 -24.23 -13.10 -6.61
N ALA G 264 -24.02 -12.44 -7.74
CA ALA G 264 -24.05 -13.08 -9.05
C ALA G 264 -22.67 -12.94 -9.70
N HIS G 265 -22.28 -13.97 -10.46
CA HIS G 265 -20.97 -14.02 -11.10
C HIS G 265 -21.17 -14.27 -12.59
N ILE G 266 -21.03 -13.22 -13.40
CA ILE G 266 -21.25 -13.31 -14.83
C ILE G 266 -20.03 -13.97 -15.48
N HIS G 267 -20.21 -15.21 -15.93
CA HIS G 267 -19.13 -15.94 -16.60
C HIS G 267 -19.21 -15.61 -18.09
N GLY G 268 -18.52 -14.56 -18.47
CA GLY G 268 -18.57 -14.03 -19.82
C GLY G 268 -18.44 -12.52 -19.79
N ASP G 269 -18.06 -11.95 -20.93
CA ASP G 269 -17.82 -10.52 -21.00
C ASP G 269 -19.14 -9.75 -21.01
N VAL G 270 -19.08 -8.50 -20.54
CA VAL G 270 -20.22 -7.60 -20.50
C VAL G 270 -19.86 -6.38 -21.34
N CYS G 271 -20.46 -6.27 -22.52
CA CYS G 271 -20.15 -5.21 -23.46
C CYS G 271 -21.16 -4.07 -23.34
N LEU G 272 -20.68 -2.85 -23.51
CA LEU G 272 -21.51 -1.65 -23.47
C LEU G 272 -21.68 -1.12 -24.88
N PHE G 273 -22.93 -0.92 -25.31
CA PHE G 273 -24.09 -1.13 -24.46
C PHE G 273 -24.89 -2.36 -24.91
N ARG G 274 -24.20 -3.34 -25.49
CA ARG G 274 -24.89 -4.49 -26.08
C ARG G 274 -25.61 -5.30 -25.01
N ASP G 275 -24.93 -5.60 -23.90
CA ASP G 275 -25.50 -6.41 -22.82
C ASP G 275 -26.11 -5.57 -21.72
N ILE G 276 -26.51 -4.34 -22.02
CA ILE G 276 -27.03 -3.41 -21.02
C ILE G 276 -28.45 -3.02 -21.40
N LYS G 277 -29.38 -3.24 -20.48
CA LYS G 277 -30.76 -2.82 -20.70
C LYS G 277 -30.95 -1.36 -20.29
N HIS G 278 -30.49 -1.00 -19.09
CA HIS G 278 -30.59 0.36 -18.60
C HIS G 278 -29.32 0.73 -17.84
N VAL G 279 -29.06 2.03 -17.76
CA VAL G 279 -28.03 2.58 -16.90
C VAL G 279 -28.68 3.67 -16.06
N TYR G 280 -28.89 3.41 -14.78
CA TYR G 280 -29.53 4.36 -13.88
C TYR G 280 -28.46 5.24 -13.25
N LEU G 281 -28.32 6.46 -13.77
CA LEU G 281 -27.34 7.41 -13.26
C LEU G 281 -27.99 8.26 -12.18
N SER G 282 -27.39 8.25 -10.98
CA SER G 282 -27.92 9.04 -9.88
C SER G 282 -27.63 10.52 -10.09
N LEU G 283 -28.64 11.35 -9.83
CA LEU G 283 -28.46 12.79 -9.96
C LEU G 283 -27.79 13.38 -8.73
N GLN G 284 -28.16 12.89 -7.54
CA GLN G 284 -27.61 13.43 -6.30
C GLN G 284 -26.22 12.91 -5.96
N GLU G 285 -25.75 11.87 -6.66
CA GLU G 285 -24.42 11.31 -6.44
C GLU G 285 -23.77 11.17 -7.81
N ASN G 286 -23.13 12.24 -8.27
CA ASN G 286 -22.53 12.26 -9.60
C ASN G 286 -21.51 13.38 -9.66
N SER G 287 -20.47 13.18 -10.47
CA SER G 287 -19.45 14.19 -10.69
C SER G 287 -19.82 15.17 -11.79
N TYR G 288 -21.01 15.05 -12.37
CA TYR G 288 -21.49 15.92 -13.42
C TYR G 288 -22.74 16.65 -12.97
N SER G 289 -23.01 17.78 -13.62
CA SER G 289 -24.17 18.59 -13.28
C SER G 289 -25.43 18.03 -13.92
N LYS G 290 -26.56 18.64 -13.57
CA LYS G 290 -27.85 18.22 -14.13
C LYS G 290 -27.88 18.38 -15.64
N SER G 291 -27.46 19.55 -16.13
CA SER G 291 -27.48 19.79 -17.58
C SER G 291 -26.56 18.83 -18.32
N GLN G 292 -25.39 18.54 -17.74
CA GLN G 292 -24.46 17.62 -18.39
C GLN G 292 -25.01 16.21 -18.42
N LEU G 293 -25.60 15.75 -17.31
CA LEU G 293 -26.13 14.39 -17.27
C LEU G 293 -27.29 14.22 -18.24
N TYR G 294 -28.17 15.22 -18.33
CA TYR G 294 -29.26 15.14 -19.29
C TYR G 294 -28.75 15.16 -20.72
N ASP G 295 -27.65 15.87 -20.98
CA ASP G 295 -27.05 15.85 -22.30
C ASP G 295 -26.47 14.47 -22.61
N TYR G 296 -25.77 13.86 -21.65
CA TYR G 296 -25.24 12.52 -21.86
C TYR G 296 -26.36 11.50 -22.10
N ALA G 297 -27.45 11.59 -21.32
CA ALA G 297 -28.56 10.67 -21.49
C ALA G 297 -29.22 10.84 -22.85
N LYS G 298 -29.59 12.07 -23.19
CA LYS G 298 -30.23 12.33 -24.47
C LYS G 298 -29.33 11.93 -25.63
N GLN G 299 -28.02 12.13 -25.49
CA GLN G 299 -27.10 11.83 -26.58
C GLN G 299 -26.95 10.33 -26.80
N ILE G 300 -26.75 9.57 -25.72
CA ILE G 300 -26.59 8.12 -25.85
C ILE G 300 -27.90 7.48 -26.29
N ASN G 301 -29.03 7.95 -25.75
CA ASN G 301 -30.31 7.35 -26.08
C ASN G 301 -30.65 7.54 -27.55
N GLN G 302 -30.46 8.75 -28.08
CA GLN G 302 -30.73 8.99 -29.50
C GLN G 302 -29.79 8.21 -30.39
N ALA G 303 -28.58 7.92 -29.90
CA ALA G 303 -27.63 7.14 -30.69
C ALA G 303 -27.99 5.66 -30.73
N LEU G 304 -28.61 5.16 -29.66
CA LEU G 304 -29.02 3.77 -29.60
C LEU G 304 -30.50 3.57 -29.91
N ASN G 305 -31.28 4.65 -30.01
CA ASN G 305 -32.73 4.59 -30.22
C ASN G 305 -33.39 3.75 -29.14
N ARG G 306 -32.89 3.84 -27.92
CA ARG G 306 -33.45 3.15 -26.77
C ARG G 306 -33.46 4.11 -25.59
N ASP G 307 -34.16 3.70 -24.52
CA ASP G 307 -34.15 4.44 -23.27
C ASP G 307 -33.14 3.81 -22.30
N CYS G 308 -31.89 3.73 -22.76
CA CYS G 308 -30.86 3.06 -21.99
C CYS G 308 -30.48 3.87 -20.75
N ILE G 309 -30.00 5.09 -20.96
CA ILE G 309 -29.62 5.95 -19.85
C ILE G 309 -30.88 6.53 -19.23
N ILE G 310 -31.10 6.25 -17.94
CA ILE G 310 -32.25 6.75 -17.20
C ILE G 310 -31.73 7.53 -16.00
N LEU G 311 -31.97 8.83 -15.99
CA LEU G 311 -31.58 9.65 -14.84
C LEU G 311 -32.63 9.55 -13.75
N TYR G 312 -32.17 9.54 -12.50
CA TYR G 312 -33.07 9.44 -11.35
C TYR G 312 -32.38 9.94 -10.09
N GLU H 1 -22.15 -4.09 -39.05
CA GLU H 1 -22.45 -5.10 -38.05
C GLU H 1 -23.72 -5.87 -38.40
N MET H 2 -23.74 -7.16 -38.09
CA MET H 2 -24.91 -7.99 -38.30
C MET H 2 -25.04 -8.95 -37.13
N ARG H 3 -26.23 -8.99 -36.53
CA ARG H 3 -26.49 -9.79 -35.34
C ARG H 3 -27.11 -11.13 -35.76
N ILE H 4 -26.46 -12.22 -35.37
CA ILE H 4 -26.86 -13.57 -35.77
C ILE H 4 -27.18 -14.38 -34.51
N LEU H 5 -28.32 -15.05 -34.51
CA LEU H 5 -28.69 -16.00 -33.47
C LEU H 5 -28.50 -17.40 -34.03
N MET H 6 -27.52 -18.12 -33.52
CA MET H 6 -27.25 -19.50 -33.94
C MET H 6 -27.98 -20.43 -33.00
N VAL H 7 -29.02 -21.10 -33.50
CA VAL H 7 -29.85 -21.97 -32.70
C VAL H 7 -29.89 -23.35 -33.36
N GLY H 8 -30.64 -24.26 -32.73
CA GLY H 8 -30.74 -25.63 -33.20
C GLY H 8 -30.68 -26.64 -32.08
N LEU H 9 -30.87 -27.91 -32.40
CA LEU H 9 -30.79 -28.95 -31.39
C LEU H 9 -29.38 -29.05 -30.83
N ASP H 10 -29.28 -29.59 -29.62
CA ASP H 10 -27.99 -29.81 -29.01
C ASP H 10 -27.22 -30.90 -29.76
N ALA H 11 -25.90 -30.88 -29.60
CA ALA H 11 -24.99 -31.81 -30.26
C ALA H 11 -25.07 -31.73 -31.78
N ALA H 12 -25.61 -30.63 -32.31
CA ALA H 12 -25.63 -30.44 -33.76
C ALA H 12 -24.32 -29.86 -34.27
N GLY H 13 -23.69 -28.99 -33.49
CA GLY H 13 -22.43 -28.40 -33.86
C GLY H 13 -22.44 -26.88 -33.83
N LYS H 14 -23.28 -26.31 -32.97
CA LYS H 14 -23.40 -24.86 -32.89
C LYS H 14 -22.11 -24.24 -32.34
N THR H 15 -21.69 -24.67 -31.16
CA THR H 15 -20.51 -24.08 -30.53
C THR H 15 -19.26 -24.34 -31.36
N THR H 16 -19.16 -25.52 -31.98
CA THR H 16 -17.99 -25.82 -32.81
C THR H 16 -17.94 -24.91 -34.03
N ILE H 17 -19.09 -24.67 -34.67
CA ILE H 17 -19.12 -23.76 -35.83
C ILE H 17 -18.71 -22.36 -35.41
N LEU H 18 -19.20 -21.89 -34.26
CA LEU H 18 -18.90 -20.55 -33.81
C LEU H 18 -17.40 -20.35 -33.59
N TYR H 19 -16.78 -21.24 -32.82
CA TYR H 19 -15.38 -21.06 -32.48
C TYR H 19 -14.43 -21.55 -33.57
N LYS H 20 -14.93 -22.31 -34.55
CA LYS H 20 -14.14 -22.54 -35.76
C LYS H 20 -14.06 -21.28 -36.61
N LEU H 21 -15.14 -20.50 -36.65
CA LEU H 21 -15.10 -19.21 -37.31
C LEU H 21 -14.25 -18.21 -36.54
N LYS H 22 -14.25 -18.30 -35.21
CA LYS H 22 -13.54 -17.33 -34.39
C LYS H 22 -12.06 -17.68 -34.24
N LEU H 23 -11.77 -18.93 -33.88
CA LEU H 23 -10.40 -19.33 -33.62
C LEU H 23 -9.75 -20.08 -34.77
N GLY H 24 -10.54 -20.66 -35.67
CA GLY H 24 -9.98 -21.56 -36.67
C GLY H 24 -9.63 -22.91 -36.11
N GLU H 25 -10.08 -23.23 -34.90
CA GLU H 25 -9.76 -24.47 -34.22
C GLU H 25 -11.03 -25.23 -33.89
N ILE H 26 -10.86 -26.43 -33.36
CA ILE H 26 -11.97 -27.27 -32.92
C ILE H 26 -11.91 -27.29 -31.39
N VAL H 27 -12.76 -26.50 -30.75
CA VAL H 27 -12.75 -26.42 -29.29
C VAL H 27 -13.35 -27.69 -28.70
N THR H 28 -12.95 -27.98 -27.46
CA THR H 28 -13.47 -29.15 -26.76
C THR H 28 -14.93 -28.95 -26.38
N THR H 29 -15.66 -30.06 -26.28
CA THR H 29 -17.09 -30.01 -26.00
C THR H 29 -17.37 -29.41 -24.63
N ILE H 30 -17.88 -28.18 -24.61
CA ILE H 30 -18.27 -27.49 -23.39
C ILE H 30 -19.79 -27.42 -23.37
N PRO H 31 -20.47 -28.18 -22.51
CA PRO H 31 -21.94 -28.07 -22.40
C PRO H 31 -22.39 -26.62 -22.22
N THR H 32 -23.11 -26.09 -23.20
CA THR H 32 -23.51 -24.70 -23.17
C THR H 32 -24.63 -24.49 -22.16
N ILE H 33 -24.24 -24.19 -20.91
CA ILE H 33 -25.23 -23.99 -19.86
C ILE H 33 -25.99 -22.70 -20.08
N GLY H 34 -25.29 -21.64 -20.50
CA GLY H 34 -25.94 -20.37 -20.80
C GLY H 34 -25.92 -20.06 -22.27
N PHE H 35 -24.96 -19.25 -22.71
CA PHE H 35 -24.83 -18.90 -24.12
C PHE H 35 -23.43 -18.36 -24.36
N ASN H 36 -22.96 -18.53 -25.60
CA ASN H 36 -21.69 -17.98 -26.03
C ASN H 36 -21.93 -16.88 -27.07
N VAL H 37 -21.00 -15.93 -27.14
CA VAL H 37 -21.11 -14.82 -28.07
C VAL H 37 -19.72 -14.43 -28.53
N GLU H 38 -19.53 -14.34 -29.84
CA GLU H 38 -18.25 -13.99 -30.44
C GLU H 38 -18.50 -13.13 -31.67
N THR H 39 -17.62 -12.15 -31.87
CA THR H 39 -17.67 -11.28 -33.04
C THR H 39 -16.63 -11.74 -34.05
N VAL H 40 -17.06 -11.91 -35.30
CA VAL H 40 -16.19 -12.38 -36.37
C VAL H 40 -16.20 -11.34 -37.49
N GLU H 41 -15.03 -10.86 -37.86
CA GLU H 41 -14.87 -9.92 -38.97
C GLU H 41 -14.65 -10.71 -40.25
N TYR H 42 -15.53 -10.50 -41.23
CA TYR H 42 -15.44 -11.23 -42.50
C TYR H 42 -15.97 -10.34 -43.61
N LYS H 43 -15.12 -10.08 -44.61
CA LYS H 43 -15.45 -9.21 -45.74
C LYS H 43 -15.97 -7.86 -45.25
N ASN H 44 -15.21 -7.27 -44.32
CA ASN H 44 -15.52 -5.95 -43.76
C ASN H 44 -16.91 -5.92 -43.12
N ILE H 45 -17.36 -7.06 -42.59
CA ILE H 45 -18.63 -7.15 -41.88
C ILE H 45 -18.36 -7.84 -40.54
N SER H 46 -18.85 -7.24 -39.46
CA SER H 46 -18.65 -7.76 -38.11
C SER H 46 -19.88 -8.57 -37.71
N PHE H 47 -19.76 -9.89 -37.80
CA PHE H 47 -20.83 -10.80 -37.39
C PHE H 47 -20.73 -11.05 -35.89
N THR H 48 -21.72 -10.58 -35.15
CA THR H 48 -21.86 -10.90 -33.73
C THR H 48 -22.84 -12.06 -33.62
N VAL H 49 -22.31 -13.25 -33.31
CA VAL H 49 -23.09 -14.48 -33.33
C VAL H 49 -23.38 -14.89 -31.89
N TRP H 50 -24.67 -15.04 -31.57
CA TRP H 50 -25.11 -15.52 -30.26
C TRP H 50 -25.39 -17.01 -30.34
N ASP H 51 -24.49 -17.81 -29.77
CA ASP H 51 -24.70 -19.26 -29.69
C ASP H 51 -25.55 -19.56 -28.46
N VAL H 52 -26.86 -19.68 -28.67
CA VAL H 52 -27.78 -19.97 -27.57
C VAL H 52 -27.77 -21.46 -27.29
N GLY H 53 -27.52 -21.83 -26.03
CA GLY H 53 -27.43 -23.24 -25.69
C GLY H 53 -28.73 -23.98 -25.92
N GLY H 54 -29.82 -23.48 -25.36
CA GLY H 54 -31.12 -24.11 -25.53
C GLY H 54 -32.26 -23.22 -25.09
N LEU H 55 -32.79 -22.44 -26.03
CA LEU H 55 -33.93 -21.56 -25.73
C LEU H 55 -35.25 -22.29 -25.70
N ASP H 56 -35.24 -23.62 -25.68
CA ASP H 56 -36.49 -24.39 -25.58
C ASP H 56 -37.21 -24.10 -24.27
N LYS H 57 -36.47 -23.76 -23.22
CA LYS H 57 -37.06 -23.44 -21.93
C LYS H 57 -36.89 -21.97 -21.54
N ILE H 58 -36.31 -21.16 -22.40
CA ILE H 58 -36.14 -19.73 -22.13
C ILE H 58 -36.43 -18.92 -23.39
N ARG H 59 -37.68 -18.97 -23.85
CA ARG H 59 -38.06 -18.19 -25.03
C ARG H 59 -38.20 -16.70 -24.72
N PRO H 60 -38.88 -16.27 -23.65
CA PRO H 60 -39.03 -14.83 -23.41
C PRO H 60 -37.73 -14.11 -23.08
N LEU H 61 -36.71 -14.82 -22.58
CA LEU H 61 -35.46 -14.15 -22.20
C LEU H 61 -34.69 -13.62 -23.40
N TRP H 62 -34.94 -14.15 -24.60
CA TRP H 62 -34.20 -13.75 -25.79
C TRP H 62 -35.00 -12.88 -26.74
N ARG H 63 -36.28 -12.61 -26.43
CA ARG H 63 -37.07 -11.76 -27.32
C ARG H 63 -36.58 -10.33 -27.34
N HIS H 64 -35.74 -9.93 -26.38
CA HIS H 64 -35.13 -8.60 -26.41
C HIS H 64 -34.22 -8.46 -27.63
N TYR H 65 -33.53 -9.54 -28.01
CA TYR H 65 -32.63 -9.54 -29.15
C TYR H 65 -33.33 -9.87 -30.47
N PHE H 66 -34.56 -10.36 -30.42
CA PHE H 66 -35.26 -10.75 -31.65
C PHE H 66 -35.51 -9.55 -32.56
N GLN H 67 -35.78 -8.38 -31.96
CA GLN H 67 -36.06 -7.19 -32.76
C GLN H 67 -34.86 -6.77 -33.60
N ASN H 68 -33.64 -7.01 -33.10
CA ASN H 68 -32.42 -6.70 -33.83
C ASN H 68 -31.71 -7.94 -34.32
N THR H 69 -32.41 -9.06 -34.44
CA THR H 69 -31.85 -10.29 -34.98
C THR H 69 -31.96 -10.25 -36.50
N GLN H 70 -30.84 -10.03 -37.17
CA GLN H 70 -30.83 -9.89 -38.62
C GLN H 70 -30.73 -11.23 -39.34
N GLY H 71 -30.14 -12.23 -38.71
CA GLY H 71 -30.01 -13.53 -39.32
C GLY H 71 -30.17 -14.63 -38.30
N LEU H 72 -30.67 -15.77 -38.76
CA LEU H 72 -30.84 -16.96 -37.94
C LEU H 72 -30.09 -18.11 -38.60
N ILE H 73 -29.08 -18.64 -37.92
CA ILE H 73 -28.34 -19.80 -38.39
C ILE H 73 -28.85 -21.01 -37.62
N PHE H 74 -29.54 -21.91 -38.31
CA PHE H 74 -30.09 -23.12 -37.71
C PHE H 74 -29.18 -24.29 -38.07
N VAL H 75 -28.50 -24.84 -37.06
CA VAL H 75 -27.58 -25.95 -37.27
C VAL H 75 -28.32 -27.25 -37.01
N VAL H 76 -28.25 -28.18 -37.97
CA VAL H 76 -28.93 -29.47 -37.87
C VAL H 76 -27.90 -30.57 -38.09
N ASP H 77 -27.92 -31.58 -37.22
CA ASP H 77 -27.05 -32.73 -37.35
C ASP H 77 -27.56 -33.61 -38.50
N SER H 78 -26.85 -33.58 -39.63
CA SER H 78 -27.27 -34.32 -40.81
C SER H 78 -27.15 -35.83 -40.63
N ASN H 79 -26.46 -36.30 -39.60
CA ASN H 79 -26.34 -37.72 -39.33
C ASN H 79 -27.38 -38.24 -38.34
N ASP H 80 -27.96 -37.36 -37.52
CA ASP H 80 -28.94 -37.75 -36.52
C ASP H 80 -30.30 -37.84 -37.18
N ARG H 81 -30.58 -38.99 -37.78
CA ARG H 81 -31.85 -39.18 -38.49
C ARG H 81 -33.02 -39.34 -37.53
N GLU H 82 -32.77 -39.83 -36.32
CA GLU H 82 -33.85 -40.00 -35.34
C GLU H 82 -34.37 -38.68 -34.82
N ARG H 83 -33.61 -37.59 -34.98
CA ARG H 83 -33.98 -36.29 -34.43
C ARG H 83 -34.14 -35.21 -35.49
N VAL H 84 -34.08 -35.57 -36.78
CA VAL H 84 -34.19 -34.54 -37.82
C VAL H 84 -35.57 -33.90 -37.79
N ASN H 85 -36.61 -34.70 -37.56
CA ASN H 85 -37.96 -34.15 -37.45
C ASN H 85 -38.10 -33.29 -36.20
N GLU H 86 -37.43 -33.69 -35.11
CA GLU H 86 -37.41 -32.84 -33.91
C GLU H 86 -36.82 -31.48 -34.22
N ALA H 87 -35.73 -31.44 -35.01
CA ALA H 87 -35.16 -30.16 -35.43
C ALA H 87 -36.15 -29.35 -36.25
N ARG H 88 -36.93 -30.02 -37.11
CA ARG H 88 -37.95 -29.33 -37.89
C ARG H 88 -38.94 -28.61 -36.99
N GLU H 89 -39.41 -29.28 -35.94
CA GLU H 89 -40.37 -28.66 -35.02
C GLU H 89 -39.77 -27.46 -34.32
N GLU H 90 -38.52 -27.56 -33.88
CA GLU H 90 -37.85 -26.42 -33.26
C GLU H 90 -37.67 -25.29 -34.27
N LEU H 91 -37.38 -25.63 -35.53
CA LEU H 91 -37.29 -24.61 -36.56
C LEU H 91 -38.65 -23.94 -36.81
N MET H 92 -39.71 -24.74 -36.84
CA MET H 92 -41.05 -24.19 -37.00
C MET H 92 -41.40 -23.25 -35.86
N ARG H 93 -41.02 -23.62 -34.62
CA ARG H 93 -41.27 -22.73 -33.49
C ARG H 93 -40.44 -21.46 -33.59
N MET H 94 -39.22 -21.54 -34.12
CA MET H 94 -38.41 -20.35 -34.30
C MET H 94 -38.96 -19.44 -35.39
N LEU H 95 -39.59 -20.02 -36.41
CA LEU H 95 -40.13 -19.24 -37.51
C LEU H 95 -41.49 -18.66 -37.21
N ALA H 96 -42.21 -19.21 -36.23
CA ALA H 96 -43.51 -18.68 -35.84
C ALA H 96 -43.40 -17.48 -34.90
N GLU H 97 -42.20 -17.03 -34.58
CA GLU H 97 -42.01 -15.86 -33.72
C GLU H 97 -42.22 -14.60 -34.54
N ASP H 98 -43.15 -13.74 -34.11
CA ASP H 98 -43.47 -12.54 -34.86
C ASP H 98 -42.30 -11.57 -34.92
N GLU H 99 -41.46 -11.56 -33.89
CA GLU H 99 -40.31 -10.67 -33.84
C GLU H 99 -39.16 -11.12 -34.73
N LEU H 100 -39.29 -12.28 -35.40
CA LEU H 100 -38.26 -12.77 -36.30
C LEU H 100 -38.76 -12.89 -37.74
N ARG H 101 -39.84 -12.19 -38.08
CA ARG H 101 -40.42 -12.34 -39.41
C ARG H 101 -39.56 -11.69 -40.49
N ASP H 102 -38.71 -10.72 -40.13
CA ASP H 102 -37.89 -10.02 -41.10
C ASP H 102 -36.45 -10.52 -41.12
N ALA H 103 -36.15 -11.61 -40.43
CA ALA H 103 -34.80 -12.15 -40.39
C ALA H 103 -34.63 -13.25 -41.44
N VAL H 104 -33.41 -13.34 -41.97
CA VAL H 104 -33.07 -14.40 -42.92
C VAL H 104 -32.71 -15.66 -42.17
N LEU H 105 -32.89 -16.80 -42.83
CA LEU H 105 -32.67 -18.12 -42.21
C LEU H 105 -31.59 -18.85 -42.99
N LEU H 106 -30.51 -19.23 -42.31
CA LEU H 106 -29.42 -19.98 -42.90
C LEU H 106 -29.34 -21.34 -42.20
N VAL H 107 -29.63 -22.40 -42.93
CA VAL H 107 -29.63 -23.75 -42.37
C VAL H 107 -28.28 -24.40 -42.68
N PHE H 108 -27.62 -24.90 -41.65
CA PHE H 108 -26.34 -25.60 -41.78
C PHE H 108 -26.57 -27.09 -41.63
N ALA H 109 -26.53 -27.82 -42.75
CA ALA H 109 -26.57 -29.28 -42.72
C ALA H 109 -25.19 -29.77 -42.28
N ASN H 110 -24.98 -29.73 -40.96
CA ASN H 110 -23.67 -29.96 -40.38
C ASN H 110 -23.32 -31.44 -40.34
N LYS H 111 -22.04 -31.71 -40.07
CA LYS H 111 -21.52 -33.07 -39.93
C LYS H 111 -21.67 -33.87 -41.22
N GLN H 112 -21.28 -33.25 -42.34
CA GLN H 112 -21.30 -33.90 -43.64
C GLN H 112 -20.16 -34.90 -43.83
N ASP H 113 -19.14 -34.87 -42.98
CA ASP H 113 -18.04 -35.82 -43.11
C ASP H 113 -18.43 -37.22 -42.69
N LEU H 114 -19.53 -37.37 -41.96
CA LEU H 114 -19.97 -38.68 -41.53
C LEU H 114 -20.57 -39.46 -42.70
N PRO H 115 -20.40 -40.78 -42.72
CA PRO H 115 -20.80 -41.54 -43.93
C PRO H 115 -22.30 -41.59 -44.14
N ASN H 116 -23.09 -41.66 -43.06
CA ASN H 116 -24.53 -41.81 -43.15
C ASN H 116 -25.26 -40.47 -43.11
N ALA H 117 -24.55 -39.37 -43.32
CA ALA H 117 -25.15 -38.04 -43.24
C ALA H 117 -25.96 -37.74 -44.48
N MET H 118 -27.15 -37.17 -44.28
CA MET H 118 -27.99 -36.78 -45.40
C MET H 118 -27.41 -35.56 -46.11
N ASN H 119 -27.61 -35.51 -47.42
CA ASN H 119 -27.14 -34.36 -48.19
C ASN H 119 -28.03 -33.16 -47.92
N ALA H 120 -27.70 -32.03 -48.56
CA ALA H 120 -28.46 -30.81 -48.35
C ALA H 120 -29.90 -30.95 -48.85
N ALA H 121 -30.11 -31.72 -49.92
CA ALA H 121 -31.46 -31.88 -50.45
C ALA H 121 -32.34 -32.67 -49.49
N GLU H 122 -31.82 -33.77 -48.94
CA GLU H 122 -32.61 -34.58 -48.03
C GLU H 122 -32.95 -33.82 -46.76
N ILE H 123 -32.02 -33.00 -46.26
CA ILE H 123 -32.30 -32.17 -45.10
C ILE H 123 -33.35 -31.12 -45.44
N THR H 124 -33.26 -30.54 -46.65
CA THR H 124 -34.24 -29.54 -47.07
C THR H 124 -35.64 -30.14 -47.14
N ASP H 125 -35.76 -31.43 -47.46
CA ASP H 125 -37.06 -32.07 -47.56
C ASP H 125 -37.62 -32.44 -46.20
N LYS H 126 -36.76 -32.86 -45.27
CA LYS H 126 -37.23 -33.26 -43.95
C LYS H 126 -37.54 -32.07 -43.06
N LEU H 127 -36.85 -30.95 -43.25
CA LEU H 127 -37.16 -29.74 -42.49
C LEU H 127 -38.34 -28.97 -43.06
N GLY H 128 -38.66 -29.19 -44.34
CA GLY H 128 -39.79 -28.50 -44.94
C GLY H 128 -39.48 -27.08 -45.40
N LEU H 129 -38.25 -26.83 -45.84
CA LEU H 129 -37.87 -25.47 -46.22
C LEU H 129 -38.61 -25.01 -47.47
N HIS H 130 -38.88 -25.91 -48.40
CA HIS H 130 -39.57 -25.53 -49.63
C HIS H 130 -41.02 -25.16 -49.43
N SER H 131 -41.61 -25.49 -48.28
CA SER H 131 -42.97 -25.11 -47.96
C SER H 131 -43.07 -23.78 -47.23
N LEU H 132 -41.95 -23.09 -47.03
CA LEU H 132 -41.96 -21.80 -46.36
C LEU H 132 -42.34 -20.70 -47.34
N ARG H 133 -43.01 -19.67 -46.81
CA ARG H 133 -43.45 -18.54 -47.60
C ARG H 133 -43.00 -17.25 -46.93
N HIS H 134 -42.62 -16.26 -47.75
CA HIS H 134 -42.19 -14.95 -47.27
C HIS H 134 -41.04 -15.07 -46.27
N ARG H 135 -40.09 -15.95 -46.58
CA ARG H 135 -38.93 -16.18 -45.72
C ARG H 135 -37.71 -16.37 -46.63
N ASN H 136 -36.77 -15.44 -46.57
CA ASN H 136 -35.55 -15.52 -47.37
C ASN H 136 -34.60 -16.50 -46.71
N TRP H 137 -34.60 -17.75 -47.18
CA TRP H 137 -33.83 -18.82 -46.56
C TRP H 137 -32.85 -19.41 -47.57
N TYR H 138 -31.98 -20.29 -47.05
CA TYR H 138 -30.94 -20.95 -47.81
C TYR H 138 -30.30 -22.01 -46.94
N ILE H 139 -29.91 -23.13 -47.54
CA ILE H 139 -29.30 -24.25 -46.82
C ILE H 139 -27.92 -24.51 -47.40
N GLN H 140 -26.98 -24.85 -46.54
CA GLN H 140 -25.60 -25.09 -46.93
C GLN H 140 -25.05 -26.31 -46.19
N ALA H 141 -24.51 -27.26 -46.95
CA ALA H 141 -23.88 -28.43 -46.36
C ALA H 141 -22.52 -28.04 -45.79
N THR H 142 -22.32 -28.29 -44.50
CA THR H 142 -21.12 -27.82 -43.80
C THR H 142 -20.48 -28.95 -43.03
N CYS H 143 -19.23 -28.73 -42.64
CA CYS H 143 -18.48 -29.63 -41.77
C CYS H 143 -17.63 -28.77 -40.84
N ALA H 144 -18.10 -28.61 -39.59
CA ALA H 144 -17.43 -27.73 -38.65
C ALA H 144 -16.02 -28.19 -38.32
N THR H 145 -15.72 -29.48 -38.47
CA THR H 145 -14.37 -29.98 -38.20
C THR H 145 -13.37 -29.38 -39.18
N SER H 146 -13.56 -29.66 -40.48
CA SER H 146 -12.67 -29.13 -41.50
C SER H 146 -12.96 -27.66 -41.80
N GLY H 147 -14.20 -27.22 -41.67
CA GLY H 147 -14.58 -25.86 -41.94
C GLY H 147 -15.28 -25.63 -43.26
N ASP H 148 -15.48 -26.68 -44.06
CA ASP H 148 -16.13 -26.52 -45.36
C ASP H 148 -17.55 -26.01 -45.18
N GLY H 149 -17.95 -25.11 -46.09
CA GLY H 149 -19.30 -24.57 -46.09
C GLY H 149 -19.53 -23.44 -45.11
N LEU H 150 -18.66 -23.25 -44.12
CA LEU H 150 -18.87 -22.20 -43.13
C LEU H 150 -18.82 -20.82 -43.78
N TYR H 151 -17.76 -20.54 -44.54
CA TYR H 151 -17.69 -19.25 -45.24
C TYR H 151 -18.70 -19.14 -46.37
N GLU H 152 -19.14 -20.27 -46.93
CA GLU H 152 -20.20 -20.22 -47.94
C GLU H 152 -21.49 -19.68 -47.35
N GLY H 153 -21.85 -20.16 -46.15
CA GLY H 153 -23.02 -19.62 -45.47
C GLY H 153 -22.84 -18.17 -45.06
N LEU H 154 -21.62 -17.81 -44.64
CA LEU H 154 -21.34 -16.42 -44.30
C LEU H 154 -21.38 -15.53 -45.54
N ASP H 155 -20.99 -16.06 -46.70
CA ASP H 155 -21.11 -15.29 -47.95
C ASP H 155 -22.57 -15.02 -48.27
N TRP H 156 -23.46 -16.00 -48.02
CA TRP H 156 -24.88 -15.78 -48.26
C TRP H 156 -25.46 -14.75 -47.30
N LEU H 157 -25.06 -14.81 -46.02
CA LEU H 157 -25.52 -13.81 -45.06
C LEU H 157 -25.04 -12.43 -45.44
N SER H 158 -23.80 -12.33 -45.95
CA SER H 158 -23.27 -11.04 -46.37
C SER H 158 -24.08 -10.46 -47.53
N ASN H 159 -24.55 -11.33 -48.42
CA ASN H 159 -25.34 -10.86 -49.56
C ASN H 159 -26.71 -10.37 -49.11
N GLN H 160 -27.31 -11.02 -48.12
CA GLN H 160 -28.63 -10.61 -47.63
C GLN H 160 -28.59 -9.32 -46.84
N LEU H 161 -27.40 -8.80 -46.54
CA LEU H 161 -27.27 -7.54 -45.81
C LEU H 161 -27.37 -6.35 -46.77
PA NAD I . 9.24 10.84 10.53
O1A NAD I . 10.39 10.36 9.69
O2A NAD I . 9.56 11.69 11.71
O5B NAD I . 8.37 9.58 10.99
C5B NAD I . 8.55 9.03 12.31
C4B NAD I . 7.21 8.97 13.00
O4B NAD I . 7.34 8.20 14.23
C3B NAD I . 6.61 10.32 13.45
O3B NAD I . 5.20 10.27 13.42
C2B NAD I . 7.09 10.40 14.89
O2B NAD I . 6.38 11.33 15.68
C1B NAD I . 6.84 8.96 15.31
N9A NAD I . 7.53 8.55 16.52
C8A NAD I . 8.70 9.06 17.01
N7A NAD I . 9.09 8.50 18.13
C5A NAD I . 8.11 7.56 18.40
C6A NAD I . 7.95 6.64 19.46
N6A NAD I . 8.80 6.52 20.46
N1A NAD I . 6.85 5.85 19.42
C2A NAD I . 5.99 5.98 18.40
N3A NAD I . 6.05 6.81 17.36
C4A NAD I . 7.14 7.58 17.42
O3 NAD I . 8.20 11.62 9.59
PN NAD I . 7.92 13.18 9.34
O1N NAD I . 7.96 13.89 10.65
O2N NAD I . 6.67 13.30 8.51
O5D NAD I . 9.18 13.60 8.44
C5D NAD I . 9.49 12.82 7.27
C4D NAD I . 10.86 13.21 6.77
O4D NAD I . 11.00 14.64 6.80
C3D NAD I . 12.06 12.71 7.59
O3D NAD I . 12.36 11.34 7.35
C2D NAD I . 13.14 13.69 7.16
O2D NAD I . 13.85 13.22 6.02
C1D NAD I . 12.38 14.97 6.82
N1N NAD I . 12.59 16.03 7.86
C2N NAD I . 11.74 16.12 8.93
C3N NAD I . 11.93 17.11 9.89
C7N NAD I . 10.95 17.23 11.03
O7N NAD I . 11.06 18.16 11.83
N7N NAD I . 10.00 16.30 11.14
C4N NAD I . 13.02 17.95 9.78
C5N NAD I . 13.87 17.85 8.71
C6N NAD I . 13.63 16.89 7.75
MG MG J . 37.48 10.76 22.57
PB GDP K . 39.19 9.39 24.86
O1B GDP K . 39.41 10.04 23.52
O2B GDP K . 39.56 10.37 25.95
O3B GDP K . 37.74 8.99 25.01
O3A GDP K . 40.12 8.08 25.00
PA GDP K . 39.85 6.80 24.08
O1A GDP K . 38.79 5.92 24.69
O2A GDP K . 39.46 7.22 22.67
O5' GDP K . 41.27 6.04 24.06
C5' GDP K . 41.91 5.78 22.81
C4' GDP K . 42.93 4.67 22.98
O4' GDP K . 43.35 4.61 24.35
C3' GDP K . 42.35 3.32 22.63
O3' GDP K . 42.96 2.83 21.44
C2' GDP K . 42.69 2.41 23.80
O2' GDP K . 43.41 1.26 23.33
C1' GDP K . 43.55 3.25 24.72
N9 GDP K . 43.18 3.02 26.14
C8 GDP K . 42.09 3.51 26.77
N7 GDP K . 42.05 3.11 28.06
C5 GDP K . 43.14 2.35 28.29
C6 GDP K . 43.71 1.62 29.44
O6 GDP K . 43.13 1.62 30.55
N1 GDP K . 44.86 0.95 29.26
C2 GDP K . 45.49 0.93 28.07
N2 GDP K . 46.65 0.23 27.97
N3 GDP K . 45.03 1.58 26.97
C4 GDP K . 43.88 2.30 27.02
PA NAD L . 2.95 11.90 -12.62
O1A NAD L . 3.21 10.64 -13.40
O2A NAD L . 3.24 13.20 -13.28
O5B NAD L . 3.72 11.82 -11.22
C5B NAD L . 5.00 12.50 -11.08
C4B NAD L . 4.93 13.41 -9.88
O4B NAD L . 6.26 13.90 -9.59
C3B NAD L . 4.06 14.67 -10.05
O3B NAD L . 3.49 15.04 -8.79
C2B NAD L . 5.12 15.71 -10.46
O2B NAD L . 4.70 17.05 -10.30
C1B NAD L . 6.23 15.30 -9.52
N9A NAD L . 7.55 15.81 -9.90
C8A NAD L . 7.97 16.13 -11.16
N7A NAD L . 9.21 16.56 -11.20
C5A NAD L . 9.63 16.53 -9.88
C6A NAD L . 10.85 16.87 -9.26
N6A NAD L . 11.91 17.32 -9.92
N1A NAD L . 10.93 16.70 -7.92
C2A NAD L . 9.87 16.24 -7.26
N3A NAD L . 8.67 15.90 -7.74
C4A NAD L . 8.61 16.06 -9.06
O3 NAD L . 1.43 11.91 -12.12
PN NAD L . 0.11 12.66 -12.64
O1N NAD L . 0.48 14.07 -12.99
O2N NAD L . -0.98 12.43 -11.66
O5D NAD L . -0.20 11.85 -13.99
C5D NAD L . -0.30 10.40 -13.93
C4D NAD L . -0.32 9.86 -15.34
O4D NAD L . -1.21 10.64 -16.16
C3D NAD L . 1.01 9.89 -16.11
O3D NAD L . 1.89 8.85 -15.73
C2D NAD L . 0.51 9.79 -17.55
O2D NAD L . 0.39 8.44 -17.97
C1D NAD L . -0.87 10.46 -17.53
N1N NAD L . -0.85 11.81 -18.18
C2N NAD L . -0.56 12.92 -17.44
C3N NAD L . -0.54 14.17 -18.03
C7N NAD L . -0.29 15.40 -17.17
O7N NAD L . -0.37 16.51 -17.68
N7N NAD L . 0.02 15.19 -15.90
C4N NAD L . -0.75 14.27 -19.40
C5N NAD L . -1.02 13.15 -20.14
C6N NAD L . -1.07 11.92 -19.51
MG MG M . 21.44 13.92 -37.33
PB GDP N . 24.73 14.42 -37.71
O1B GDP N . 23.53 13.65 -38.21
O2B GDP N . 24.84 15.72 -38.46
O3B GDP N . 24.55 14.68 -36.24
O3A GDP N . 26.07 13.55 -37.94
PA GDP N . 26.31 12.17 -37.15
O1A GDP N . 26.90 12.46 -35.78
O2A GDP N . 25.03 11.39 -37.02
O5' GDP N . 27.37 11.38 -38.05
C5' GDP N . 27.02 10.07 -38.53
C4' GDP N . 28.28 9.30 -38.91
O4' GDP N . 29.34 10.20 -39.23
C3' GDP N . 28.76 8.41 -37.78
O3' GDP N . 28.56 7.04 -38.13
C2' GDP N . 30.24 8.69 -37.63
O2' GDP N . 30.98 7.47 -37.76
C1' GDP N . 30.58 9.64 -38.77
N9 GDP N . 31.50 10.71 -38.29
C8 GDP N . 31.16 11.78 -37.54
N7 GDP N . 32.25 12.55 -37.29
C5 GDP N . 33.31 11.97 -37.89
C6 GDP N . 34.76 12.26 -38.02
O6 GDP N . 35.25 13.27 -37.48
N1 GDP N . 35.50 11.41 -38.73
C2 GDP N . 34.99 10.30 -39.31
N2 GDP N . 35.82 9.49 -40.00
N3 GDP N . 33.68 9.97 -39.23
C4 GDP N . 32.81 10.75 -38.55
PA NAD O . -8.68 -4.99 14.59
O1A NAD O . -7.36 -5.65 14.86
O2A NAD O . -9.81 -5.29 15.52
O5B NAD O . -9.13 -5.30 13.09
C5B NAD O . -10.09 -6.36 12.84
C4B NAD O . -11.23 -5.79 12.01
O4B NAD O . -12.06 -6.89 11.54
C3B NAD O . -12.19 -4.86 12.77
O3B NAD O . -12.72 -3.89 11.88
C2B NAD O . -13.29 -5.82 13.18
O2B NAD O . -14.51 -5.19 13.52
C1B NAD O . -13.39 -6.64 11.89
N9A NAD O . -14.09 -7.92 12.04
C8A NAD O . -14.16 -8.68 13.18
N7A NAD O . -14.84 -9.78 13.02
C5A NAD O . -15.24 -9.76 11.69
C6A NAD O . -16.00 -10.64 10.92
N6A NAD O . -16.51 -11.79 11.37
N1A NAD O . -16.21 -10.31 9.62
C2A NAD O . -15.69 -9.16 9.16
N3A NAD O . -14.97 -8.25 9.80
C4A NAD O . -14.77 -8.60 11.08
O3 NAD O . -8.49 -3.40 14.52
PN NAD O . -8.76 -2.21 15.55
O1N NAD O . -10.07 -2.45 16.21
O2N NAD O . -8.54 -0.91 14.84
O5D NAD O . -7.58 -2.42 16.62
C5D NAD O . -6.21 -2.52 16.16
C4D NAD O . -5.35 -3.01 17.28
O4D NAD O . -5.69 -2.30 18.49
C3D NAD O . -5.48 -4.48 17.69
O3D NAD O . -4.79 -5.37 16.81
C2D NAD O . -4.93 -4.46 19.11
O2D NAD O . -3.52 -4.66 19.14
C1D NAD O . -5.26 -3.05 19.61
N1N NAD O . -6.37 -3.07 20.61
C2N NAD O . -7.67 -2.93 20.19
C3N NAD O . -8.71 -2.94 21.13
C7N NAD O . -10.13 -2.73 20.66
O7N NAD O . -11.03 -2.64 21.49
N7N NAD O . -10.34 -2.65 19.35
C4N NAD O . -8.41 -3.13 22.46
C5N NAD O . -7.10 -3.28 22.87
C6N NAD O . -6.10 -3.21 21.93
MG MG P . -8.42 -29.64 32.95
PB GDP Q . -9.62 -32.87 32.71
O1B GDP Q . -8.52 -32.04 33.30
O2B GDP Q . -10.71 -33.08 33.75
O3B GDP Q . -10.18 -32.17 31.49
O3A GDP Q . -9.04 -34.30 32.27
PA GDP Q . -7.98 -34.41 31.07
O1A GDP Q . -8.70 -34.45 29.75
O2A GDP Q . -7.01 -33.25 31.12
O5' GDP Q . -7.23 -35.80 31.36
C5' GDP Q . -5.81 -35.80 31.51
C4' GDP Q . -5.26 -37.20 31.28
O4' GDP Q . -6.26 -38.18 31.55
C3' GDP Q . -4.81 -37.40 29.84
O3' GDP Q . -3.39 -37.51 29.79
C2' GDP Q . -5.44 -38.70 29.39
O2' GDP Q . -4.42 -39.60 28.93
C1' GDP Q . -6.12 -39.26 30.63
N9 GDP Q . -7.44 -39.84 30.29
C8 GDP Q . -8.57 -39.13 30.03
N7 GDP Q . -9.60 -39.96 29.75
C5 GDP Q . -9.15 -41.22 29.82
C6 GDP Q . -9.72 -42.58 29.65
O6 GDP Q . -10.92 -42.74 29.34
N1 GDP Q . -8.91 -43.64 29.81
C2 GDP Q . -7.61 -43.49 30.15
N2 GDP Q . -6.86 -44.61 30.30
N3 GDP Q . -7.02 -42.27 30.32
C4 GDP Q . -7.72 -41.14 30.18
PA NAD R . -14.93 -3.89 -8.59
O1A NAD R . -14.49 -5.28 -8.23
O2A NAD R . -16.08 -3.74 -9.52
O5B NAD R . -13.68 -3.07 -9.16
C5B NAD R . -13.51 -2.94 -10.60
C4B NAD R . -13.36 -1.49 -10.94
O4B NAD R . -12.94 -1.36 -12.33
C3B NAD R . -14.63 -0.64 -10.82
O3B NAD R . -14.31 0.70 -10.46
C2B NAD R . -15.15 -0.66 -12.27
O2B NAD R . -16.08 0.36 -12.55
C1B NAD R . -13.82 -0.48 -12.99
N9A NAD R . -13.87 -0.86 -14.40
C8A NAD R . -14.72 -1.75 -14.98
N7A NAD R . -14.53 -1.89 -16.27
C5A NAD R . -13.48 -1.03 -16.56
C6A NAD R . -12.81 -0.72 -17.76
N6A NAD R . -13.11 -1.26 -18.93
N1A NAD R . -11.81 0.19 -17.70
C2A NAD R . -11.51 0.73 -16.51
N3A NAD R . -12.07 0.52 -15.32
C4A NAD R . -13.06 -0.39 -15.42
O3 NAD R . -15.24 -3.06 -7.25
PN NAD R . -16.58 -2.67 -6.48
O1N NAD R . -17.60 -2.25 -7.49
O2N NAD R . -16.23 -1.72 -5.37
O5D NAD R . -17.01 -4.08 -5.85
C5D NAD R . -16.03 -4.83 -5.09
C4D NAD R . -16.55 -6.23 -4.87
O4D NAD R . -17.93 -6.16 -4.46
C3D NAD R . -16.57 -7.16 -6.10
O3D NAD R . -15.29 -7.71 -6.39
C2D NAD R . -17.61 -8.20 -5.65
O2D NAD R . -17.02 -9.27 -4.95
C1D NAD R . -18.56 -7.42 -4.73
N1N NAD R . -19.87 -7.15 -5.39
C2N NAD R . -20.06 -5.99 -6.11
C3N NAD R . -21.28 -5.73 -6.71
C7N NAD R . -21.48 -4.43 -7.45
O7N NAD R . -22.59 -4.16 -7.91
N7N NAD R . -20.44 -3.62 -7.57
C4N NAD R . -22.29 -6.68 -6.62
C5N NAD R . -22.09 -7.83 -5.91
C6N NAD R . -20.88 -8.04 -5.28
MG MG S . -23.80 -26.70 -27.10
PB GDP T . -23.91 -27.85 -29.87
O1B GDP T . -24.20 -28.34 -28.48
O2B GDP T . -25.21 -27.72 -30.63
O3B GDP T . -23.25 -26.49 -29.80
O3A GDP T . -22.95 -28.88 -30.65
PA GDP T . -21.44 -29.12 -30.15
O1A GDP T . -20.52 -28.07 -30.75
O2A GDP T . -21.36 -29.11 -28.65
O5' GDP T . -21.06 -30.57 -30.74
C5' GDP T . -20.64 -31.60 -29.85
C4' GDP T . -19.87 -32.67 -30.62
O4' GDP T . -20.26 -32.68 -31.99
C3' GDP T . -18.37 -32.43 -30.56
O3' GDP T . -17.75 -33.43 -29.76
C2' GDP T . -17.89 -32.53 -32.00
O2' GDP T . -16.85 -33.51 -32.10
C1' GDP T . -19.11 -32.96 -32.80
N9 GDP T . -19.17 -32.23 -34.09
C8 GDP T . -19.55 -30.94 -34.26
N7 GDP T . -19.49 -30.59 -35.57
C5 GDP T . -19.05 -31.66 -36.26
C6 GDP T . -18.77 -31.97 -37.69
O6 GDP T . -18.92 -31.11 -38.57
N1 GDP T . -18.33 -33.20 -37.98
C2 GDP T . -18.16 -34.16 -37.04
N2 GDP T . -17.72 -35.37 -37.43
N3 GDP T . -18.41 -33.94 -35.72
C4 GDP T . -18.85 -32.74 -35.29
#